data_7NNY
#
_entry.id   7NNY
#
_cell.length_a   91.947
_cell.length_b   143.785
_cell.length_c   97.278
_cell.angle_alpha   90.000
_cell.angle_beta   117.600
_cell.angle_gamma   90.000
#
_symmetry.space_group_name_H-M   'P 1 21 1'
#
loop_
_entity.id
_entity.type
_entity.pdbx_description
1 polymer 'Ornithine carbamoyltransferase'
2 non-polymer 'PHOSPHATE ION'
3 non-polymer 1-NAPHTHOL
4 water water
#
_entity_poly.entity_id   1
_entity_poly.type   'polypeptide(L)'
_entity_poly.pdbx_seq_one_letter_code
;GSVIRHFLRDDDLSPAEQAEVLELAAELKKDPVSRRPLQGPRGVAVIFDKNSTRTRFSFELGIAQLGGHAVVVDSGSTQL
GRDETLQDTAKVLSRYVDAIVWRTFGQERLDAMASVATVPVINALSDEFHPCQVLADLQTIAERKGALRGLRLSYFGDGA
NNMAHSLLLGGVTAGIHVTVAAPEGFLPDPSVRAAAERRAQDTGASVTVTADAHAAAAGADVLVTDTWTSMGQENDGLDR
VKPFRPFQLNSRLLALADSDAIVLHCLPAHRGDEITDAVMDGPASAVWDEAENRLHAQKALLVWLLERS
;
_entity_poly.pdbx_strand_id   A,B,C,D,E,F
#
loop_
_chem_comp.id
_chem_comp.type
_chem_comp.name
_chem_comp.formula
1NP non-polymer 1-NAPHTHOL 'C10 H8 O'
PO4 non-polymer 'PHOSPHATE ION' 'O4 P -3'
#
# COMPACT_ATOMS: atom_id res chain seq x y z
N SER A 2 16.30 -23.30 8.66
CA SER A 2 15.06 -24.03 8.98
C SER A 2 14.88 -25.22 8.04
N VAL A 3 14.11 -26.20 8.46
CA VAL A 3 13.63 -27.19 7.53
C VAL A 3 12.46 -26.56 6.79
N ILE A 4 12.35 -26.84 5.50
CA ILE A 4 11.22 -26.30 4.75
C ILE A 4 10.01 -27.18 5.03
N ARG A 5 8.92 -26.56 5.47
CA ARG A 5 7.71 -27.33 5.80
C ARG A 5 6.77 -27.38 4.60
N HIS A 6 6.16 -28.53 4.38
CA HIS A 6 5.18 -28.71 3.33
C HIS A 6 3.86 -29.17 3.94
N PHE A 7 2.79 -29.10 3.16
CA PHE A 7 1.48 -29.55 3.63
C PHE A 7 0.85 -30.31 2.47
N LEU A 8 1.14 -31.61 2.41
CA LEU A 8 0.64 -32.45 1.33
C LEU A 8 -0.49 -33.38 1.75
N ARG A 9 -0.67 -33.59 3.04
CA ARG A 9 -1.69 -34.45 3.62
C ARG A 9 -1.86 -33.99 5.06
N ASP A 10 -3.01 -34.32 5.66
CA ASP A 10 -3.45 -33.61 6.86
C ASP A 10 -2.51 -33.86 8.04
N ASP A 11 -1.91 -35.04 8.12
CA ASP A 11 -1.01 -35.39 9.22
C ASP A 11 0.40 -34.87 9.02
N ASP A 12 0.66 -34.06 7.98
CA ASP A 12 1.91 -33.31 7.92
C ASP A 12 2.00 -32.28 9.05
N LEU A 13 0.87 -31.92 9.66
CA LEU A 13 0.85 -31.13 10.88
C LEU A 13 0.66 -32.07 12.07
N SER A 14 1.45 -31.87 13.13
CA SER A 14 1.19 -32.55 14.39
C SER A 14 -0.08 -32.01 15.01
N PRO A 15 -0.64 -32.67 16.03
CA PRO A 15 -1.80 -32.08 16.72
C PRO A 15 -1.56 -30.65 17.22
N ALA A 16 -0.40 -30.40 17.82
CA ALA A 16 -0.13 -29.05 18.33
C ALA A 16 -0.01 -28.05 17.18
N GLU A 17 0.60 -28.47 16.08
CA GLU A 17 0.76 -27.57 14.93
C GLU A 17 -0.59 -27.27 14.29
N GLN A 18 -1.43 -28.31 14.16
CA GLN A 18 -2.74 -28.09 13.57
C GLN A 18 -3.57 -27.12 14.43
N ALA A 19 -3.47 -27.24 15.75
CA ALA A 19 -4.14 -26.29 16.63
C ALA A 19 -3.65 -24.87 16.39
N GLU A 20 -2.33 -24.71 16.17
CA GLU A 20 -1.78 -23.38 15.88
C GLU A 20 -2.37 -22.82 14.59
N VAL A 21 -2.45 -23.64 13.53
CA VAL A 21 -3.01 -23.17 12.26
C VAL A 21 -4.48 -22.79 12.41
N LEU A 22 -5.25 -23.61 13.12
CA LEU A 22 -6.68 -23.35 13.27
C LEU A 22 -6.93 -22.09 14.12
N GLU A 23 -6.08 -21.85 15.13
CA GLU A 23 -6.17 -20.60 15.89
C GLU A 23 -5.88 -19.41 14.99
N LEU A 24 -4.85 -19.54 14.14
CA LEU A 24 -4.53 -18.47 13.20
C LEU A 24 -5.66 -18.25 12.21
N ALA A 25 -6.35 -19.31 11.80
CA ALA A 25 -7.46 -19.14 10.87
C ALA A 25 -8.58 -18.32 11.51
N ALA A 26 -8.85 -18.55 12.79
CA ALA A 26 -9.85 -17.73 13.48
C ALA A 26 -9.40 -16.27 13.58
N GLU A 27 -8.11 -16.05 13.88
CA GLU A 27 -7.61 -14.69 13.97
C GLU A 27 -7.70 -13.97 12.63
N LEU A 28 -7.37 -14.68 11.55
CA LEU A 28 -7.40 -14.07 10.22
C LEU A 28 -8.82 -13.82 9.74
N LYS A 29 -9.77 -14.67 10.14
CA LYS A 29 -11.17 -14.39 9.80
C LYS A 29 -11.62 -13.07 10.43
N LYS A 30 -11.15 -12.80 11.64
CA LYS A 30 -11.50 -11.57 12.34
C LYS A 30 -10.80 -10.36 11.73
N ASP A 31 -9.53 -10.51 11.34
CA ASP A 31 -8.69 -9.40 10.89
C ASP A 31 -7.97 -9.86 9.63
N PRO A 32 -8.64 -9.80 8.48
CA PRO A 32 -8.15 -10.50 7.28
C PRO A 32 -6.97 -9.86 6.58
N VAL A 33 -6.56 -8.63 6.90
CA VAL A 33 -5.39 -8.04 6.28
C VAL A 33 -4.30 -7.75 7.33
N SER A 34 -4.39 -8.40 8.49
CA SER A 34 -3.45 -8.13 9.58
C SER A 34 -2.14 -8.91 9.46
N ARG A 35 -2.04 -9.88 8.56
CA ARG A 35 -0.81 -10.65 8.37
C ARG A 35 -0.35 -10.45 6.93
N ARG A 36 0.83 -9.87 6.75
CA ARG A 36 1.32 -9.53 5.41
C ARG A 36 2.72 -10.08 5.16
N PRO A 37 2.90 -11.40 5.27
CA PRO A 37 4.23 -11.98 5.05
C PRO A 37 4.64 -11.91 3.61
N LEU A 38 3.70 -11.70 2.69
CA LEU A 38 4.03 -11.67 1.26
C LEU A 38 4.00 -10.25 0.70
N GLN A 39 3.99 -9.24 1.59
CA GLN A 39 4.04 -7.84 1.16
C GLN A 39 5.18 -7.59 0.17
N GLY A 40 4.89 -6.85 -0.88
CA GLY A 40 5.90 -6.60 -1.90
C GLY A 40 5.33 -6.07 -3.20
N PRO A 41 4.61 -6.91 -3.94
CA PRO A 41 4.27 -8.31 -3.58
C PRO A 41 5.38 -9.34 -3.85
N ARG A 42 5.44 -10.32 -2.95
CA ARG A 42 6.10 -11.58 -3.21
C ARG A 42 5.15 -12.49 -3.98
N GLY A 43 5.71 -13.35 -4.84
CA GLY A 43 4.88 -14.28 -5.61
C GLY A 43 4.57 -15.58 -4.88
N VAL A 44 3.44 -16.18 -5.23
CA VAL A 44 3.12 -17.55 -4.85
C VAL A 44 2.59 -18.22 -6.11
N ALA A 45 3.17 -19.36 -6.48
CA ALA A 45 2.67 -20.07 -7.65
C ALA A 45 1.44 -20.89 -7.27
N VAL A 46 0.41 -20.85 -8.12
CA VAL A 46 -0.79 -21.63 -7.90
C VAL A 46 -1.04 -22.40 -9.19
N ILE A 47 -0.79 -23.70 -9.16
CA ILE A 47 -0.70 -24.51 -10.38
C ILE A 47 -1.82 -25.55 -10.39
N PHE A 48 -2.50 -25.68 -11.52
CA PHE A 48 -3.63 -26.60 -11.68
C PHE A 48 -3.36 -27.58 -12.81
N ASP A 49 -3.16 -28.87 -12.48
CA ASP A 49 -3.11 -29.87 -13.55
C ASP A 49 -4.50 -30.11 -14.13
N LYS A 50 -5.53 -29.89 -13.32
CA LYS A 50 -6.92 -29.88 -13.75
C LYS A 50 -7.54 -28.68 -13.07
N ASN A 51 -8.24 -27.85 -13.84
CA ASN A 51 -8.73 -26.59 -13.30
C ASN A 51 -9.72 -26.82 -12.16
N SER A 52 -9.70 -25.89 -11.21
CA SER A 52 -10.67 -25.87 -10.10
C SER A 52 -10.92 -24.40 -9.80
N THR A 53 -12.04 -23.89 -10.30
CA THR A 53 -12.35 -22.47 -10.15
C THR A 53 -12.53 -22.09 -8.69
N ARG A 54 -13.17 -22.96 -7.90
CA ARG A 54 -13.39 -22.68 -6.48
C ARG A 54 -12.07 -22.61 -5.74
N THR A 55 -11.18 -23.58 -6.00
CA THR A 55 -9.86 -23.55 -5.38
C THR A 55 -9.13 -22.28 -5.80
N ARG A 56 -9.24 -21.90 -7.07
CA ARG A 56 -8.56 -20.68 -7.54
C ARG A 56 -9.06 -19.40 -6.85
N PHE A 57 -10.37 -19.22 -6.70
CA PHE A 57 -10.89 -18.03 -6.00
C PHE A 57 -10.27 -17.94 -4.61
N SER A 58 -10.31 -19.05 -3.90
CA SER A 58 -9.87 -19.04 -2.49
C SER A 58 -8.40 -18.66 -2.39
N PHE A 59 -7.56 -19.25 -3.22
CA PHE A 59 -6.11 -19.00 -3.12
C PHE A 59 -5.74 -17.62 -3.67
N GLU A 60 -6.31 -17.25 -4.81
CA GLU A 60 -5.94 -15.96 -5.44
C GLU A 60 -6.23 -14.83 -4.45
N LEU A 61 -7.41 -14.86 -3.86
CA LEU A 61 -7.78 -13.77 -2.95
C LEU A 61 -7.00 -13.89 -1.64
N GLY A 62 -6.85 -15.12 -1.17
CA GLY A 62 -6.12 -15.27 0.08
C GLY A 62 -4.71 -14.77 -0.02
N ILE A 63 -4.01 -15.17 -1.10
CA ILE A 63 -2.63 -14.73 -1.31
C ILE A 63 -2.58 -13.21 -1.41
N ALA A 64 -3.52 -12.61 -2.13
CA ALA A 64 -3.54 -11.15 -2.24
C ALA A 64 -3.74 -10.47 -0.89
N GLN A 65 -4.55 -11.07 -0.01
CA GLN A 65 -4.82 -10.48 1.30
C GLN A 65 -3.65 -10.65 2.27
N LEU A 66 -2.70 -11.52 1.94
CA LEU A 66 -1.41 -11.61 2.63
C LEU A 66 -0.38 -10.66 2.04
N GLY A 67 -0.77 -9.80 1.09
CA GLY A 67 0.13 -8.88 0.44
C GLY A 67 0.79 -9.40 -0.82
N GLY A 68 0.55 -10.65 -1.21
CA GLY A 68 1.24 -11.26 -2.31
C GLY A 68 0.49 -11.18 -3.62
N HIS A 69 1.10 -11.79 -4.63
CA HIS A 69 0.51 -11.90 -5.95
C HIS A 69 0.52 -13.38 -6.34
N ALA A 70 -0.66 -13.96 -6.55
CA ALA A 70 -0.77 -15.33 -7.02
C ALA A 70 -0.51 -15.38 -8.51
N VAL A 71 0.46 -16.19 -8.92
CA VAL A 71 0.68 -16.44 -10.35
C VAL A 71 0.04 -17.79 -10.64
N VAL A 72 -1.07 -17.76 -11.38
CA VAL A 72 -1.87 -18.94 -11.62
C VAL A 72 -1.44 -19.58 -12.93
N VAL A 73 -1.20 -20.89 -12.89
CA VAL A 73 -0.88 -21.65 -14.10
C VAL A 73 -1.96 -22.71 -14.22
N ASP A 74 -2.79 -22.63 -15.24
CA ASP A 74 -3.87 -23.60 -15.31
C ASP A 74 -3.58 -24.65 -16.38
N SER A 75 -4.53 -25.56 -16.57
CA SER A 75 -4.28 -26.76 -17.35
C SER A 75 -4.05 -26.46 -18.83
N GLY A 76 -4.44 -25.28 -19.30
CA GLY A 76 -4.15 -24.87 -20.67
C GLY A 76 -2.66 -24.77 -20.97
N SER A 77 -1.82 -24.55 -19.95
CA SER A 77 -0.39 -24.66 -20.13
C SER A 77 -0.01 -26.13 -20.24
N THR A 78 1.20 -26.41 -20.75
CA THR A 78 1.69 -27.78 -20.76
C THR A 78 1.67 -28.33 -19.34
N GLN A 79 1.19 -29.56 -19.18
CA GLN A 79 1.10 -30.10 -17.83
C GLN A 79 2.49 -30.27 -17.26
N LEU A 80 2.61 -30.01 -15.96
CA LEU A 80 3.92 -29.91 -15.33
C LEU A 80 4.61 -31.27 -15.39
N GLY A 81 5.86 -31.27 -15.83
CA GLY A 81 6.61 -32.49 -15.99
C GLY A 81 6.74 -32.99 -17.42
N ARG A 82 6.03 -32.37 -18.37
CA ARG A 82 6.01 -32.88 -19.75
C ARG A 82 7.05 -32.22 -20.66
N ASP A 83 7.03 -30.89 -20.79
CA ASP A 83 8.00 -30.21 -21.64
C ASP A 83 9.32 -29.93 -20.94
N GLU A 84 9.37 -30.21 -19.64
CA GLU A 84 10.46 -29.89 -18.73
C GLU A 84 10.32 -30.82 -17.54
N THR A 85 11.43 -31.33 -17.02
CA THR A 85 11.30 -32.24 -15.90
C THR A 85 10.70 -31.53 -14.69
N LEU A 86 10.03 -32.32 -13.85
CA LEU A 86 9.44 -31.78 -12.64
C LEU A 86 10.49 -31.13 -11.76
N GLN A 87 11.69 -31.73 -11.70
CA GLN A 87 12.75 -31.20 -10.86
C GLN A 87 13.29 -29.89 -11.39
N ASP A 88 13.39 -29.75 -12.72
CA ASP A 88 13.82 -28.48 -13.31
C ASP A 88 12.81 -27.38 -12.97
N THR A 89 11.52 -27.68 -13.10
CA THR A 89 10.49 -26.67 -12.78
C THR A 89 10.52 -26.27 -11.32
N ALA A 90 10.66 -27.25 -10.42
CA ALA A 90 10.72 -26.95 -9.00
C ALA A 90 11.89 -26.03 -8.67
N LYS A 91 13.01 -26.25 -9.35
CA LYS A 91 14.19 -25.43 -9.10
C LYS A 91 13.96 -23.98 -9.49
N VAL A 92 13.34 -23.75 -10.66
CA VAL A 92 13.12 -22.39 -11.11
C VAL A 92 12.00 -21.73 -10.30
N LEU A 93 10.93 -22.47 -10.01
CA LEU A 93 9.87 -21.91 -9.17
C LEU A 93 10.41 -21.39 -7.85
N SER A 94 11.35 -22.15 -7.26
CA SER A 94 11.93 -21.75 -5.97
C SER A 94 12.66 -20.42 -6.06
N ARG A 95 13.07 -19.99 -7.25
CA ARG A 95 13.67 -18.67 -7.44
C ARG A 95 12.64 -17.57 -7.62
N TYR A 96 11.44 -17.90 -8.08
CA TYR A 96 10.43 -16.89 -8.40
C TYR A 96 9.45 -16.62 -7.28
N VAL A 97 9.09 -17.64 -6.49
CA VAL A 97 7.96 -17.51 -5.60
C VAL A 97 8.35 -18.01 -4.21
N ASP A 98 7.55 -17.61 -3.22
CA ASP A 98 7.81 -17.95 -1.83
C ASP A 98 7.08 -19.22 -1.36
N ALA A 99 6.18 -19.75 -2.18
CA ALA A 99 5.46 -20.98 -1.90
C ALA A 99 4.86 -21.48 -3.20
N ILE A 100 4.58 -22.77 -3.23
CA ILE A 100 4.01 -23.43 -4.40
C ILE A 100 2.73 -24.12 -3.95
N VAL A 101 1.60 -23.71 -4.52
CA VAL A 101 0.30 -24.33 -4.29
C VAL A 101 -0.04 -25.13 -5.54
N TRP A 102 -0.37 -26.41 -5.38
CA TRP A 102 -0.48 -27.28 -6.55
C TRP A 102 -1.68 -28.20 -6.43
N ARG A 103 -2.53 -28.20 -7.46
CA ARG A 103 -3.63 -29.15 -7.60
C ARG A 103 -3.17 -30.20 -8.62
N THR A 104 -3.00 -31.43 -8.18
CA THR A 104 -2.57 -32.49 -9.09
C THR A 104 -3.30 -33.77 -8.73
N PHE A 105 -2.80 -34.88 -9.26
CA PHE A 105 -3.52 -36.15 -9.21
C PHE A 105 -2.83 -37.05 -8.21
N GLY A 106 -1.82 -37.82 -8.61
CA GLY A 106 -1.20 -38.77 -7.72
C GLY A 106 -0.29 -38.12 -6.70
N GLN A 107 -0.31 -38.70 -5.49
CA GLN A 107 0.47 -38.15 -4.38
C GLN A 107 1.95 -38.16 -4.65
N GLU A 108 2.45 -39.11 -5.43
CA GLU A 108 3.88 -39.19 -5.71
C GLU A 108 4.38 -37.93 -6.43
N ARG A 109 3.52 -37.22 -7.19
CA ARG A 109 3.96 -35.97 -7.82
C ARG A 109 4.19 -34.89 -6.79
N LEU A 110 3.26 -34.75 -5.83
CA LEU A 110 3.42 -33.80 -4.74
C LEU A 110 4.70 -34.09 -3.95
N ASP A 111 4.92 -35.36 -3.62
CA ASP A 111 6.11 -35.77 -2.90
C ASP A 111 7.36 -35.36 -3.65
N ALA A 112 7.39 -35.59 -4.96
CA ALA A 112 8.57 -35.27 -5.75
C ALA A 112 8.84 -33.77 -5.73
N MET A 113 7.80 -32.97 -5.93
CA MET A 113 7.97 -31.53 -5.88
C MET A 113 8.48 -31.07 -4.53
N ALA A 114 7.91 -31.61 -3.44
CA ALA A 114 8.31 -31.18 -2.11
C ALA A 114 9.72 -31.64 -1.75
N SER A 115 10.18 -32.74 -2.33
CA SER A 115 11.53 -33.22 -2.00
C SER A 115 12.61 -32.29 -2.53
N VAL A 116 12.34 -31.54 -3.60
CA VAL A 116 13.36 -30.73 -4.25
C VAL A 116 13.12 -29.22 -4.11
N ALA A 117 11.86 -28.79 -4.04
CA ALA A 117 11.59 -27.36 -3.89
C ALA A 117 12.16 -26.84 -2.57
N THR A 118 12.72 -25.63 -2.60
CA THR A 118 13.24 -25.01 -1.39
C THR A 118 12.29 -23.95 -0.84
N VAL A 119 11.02 -24.04 -1.21
CA VAL A 119 9.96 -23.24 -0.61
C VAL A 119 8.82 -24.20 -0.27
N PRO A 120 7.91 -23.79 0.62
CA PRO A 120 6.80 -24.67 0.99
C PRO A 120 5.93 -25.05 -0.20
N VAL A 121 5.52 -26.32 -0.21
CA VAL A 121 4.59 -26.87 -1.19
C VAL A 121 3.30 -27.23 -0.47
N ILE A 122 2.16 -26.82 -1.03
CA ILE A 122 0.84 -27.05 -0.49
C ILE A 122 0.01 -27.84 -1.48
N ASN A 123 -0.61 -28.92 -1.00
CA ASN A 123 -1.56 -29.71 -1.79
C ASN A 123 -2.89 -28.97 -1.79
N ALA A 124 -3.21 -28.31 -2.91
CA ALA A 124 -4.48 -27.58 -3.01
C ALA A 124 -5.68 -28.51 -3.04
N LEU A 125 -5.49 -29.73 -3.52
CA LEU A 125 -6.51 -30.73 -3.82
C LEU A 125 -5.83 -31.80 -4.65
N SER A 126 -5.98 -33.08 -4.30
CA SER A 126 -5.35 -34.15 -5.02
C SER A 126 -6.27 -35.36 -5.03
N ASP A 127 -5.87 -36.41 -5.75
CA ASP A 127 -6.72 -37.61 -5.79
C ASP A 127 -6.87 -38.23 -4.41
N GLU A 128 -5.80 -38.22 -3.61
CA GLU A 128 -5.83 -38.98 -2.37
C GLU A 128 -6.26 -38.16 -1.16
N PHE A 129 -6.01 -36.84 -1.16
CA PHE A 129 -6.27 -36.02 0.02
C PHE A 129 -6.84 -34.67 -0.38
N HIS A 130 -7.56 -34.02 0.54
CA HIS A 130 -7.99 -32.65 0.33
C HIS A 130 -7.80 -31.91 1.67
N PRO A 131 -6.55 -31.75 2.07
CA PRO A 131 -6.27 -31.32 3.45
C PRO A 131 -6.62 -29.86 3.70
N CYS A 132 -6.64 -29.01 2.65
CA CYS A 132 -7.05 -27.63 2.86
C CYS A 132 -8.55 -27.54 3.16
N GLN A 133 -9.37 -28.35 2.48
CA GLN A 133 -10.79 -28.35 2.81
C GLN A 133 -11.02 -28.83 4.24
N VAL A 134 -10.25 -29.82 4.69
CA VAL A 134 -10.49 -30.30 6.05
C VAL A 134 -10.05 -29.27 7.09
N LEU A 135 -9.00 -28.48 6.84
CA LEU A 135 -8.71 -27.37 7.75
C LEU A 135 -9.92 -26.43 7.85
N ALA A 136 -10.53 -26.10 6.70
CA ALA A 136 -11.72 -25.25 6.70
C ALA A 136 -12.88 -25.92 7.44
N ASP A 137 -13.03 -27.24 7.27
CA ASP A 137 -14.05 -27.99 7.99
C ASP A 137 -13.86 -27.89 9.49
N LEU A 138 -12.62 -28.09 9.97
CA LEU A 138 -12.33 -28.04 11.39
C LEU A 138 -12.57 -26.64 11.94
N GLN A 139 -12.20 -25.60 11.17
CA GLN A 139 -12.50 -24.22 11.56
C GLN A 139 -14.00 -24.03 11.72
N THR A 140 -14.78 -24.56 10.77
CA THR A 140 -16.24 -24.44 10.82
C THR A 140 -16.82 -25.16 12.04
N ILE A 141 -16.36 -26.38 12.29
CA ILE A 141 -16.86 -27.13 13.45
C ILE A 141 -16.57 -26.37 14.74
N ALA A 142 -15.37 -25.80 14.85
CA ALA A 142 -15.02 -25.05 16.07
C ALA A 142 -15.91 -23.83 16.25
N GLU A 143 -16.22 -23.12 15.14
CA GLU A 143 -17.12 -21.97 15.19
C GLU A 143 -18.50 -22.38 15.73
N ARG A 144 -19.01 -23.52 15.28
CA ARG A 144 -20.37 -23.93 15.60
C ARG A 144 -20.46 -24.63 16.93
N LYS A 145 -19.38 -25.29 17.38
CA LYS A 145 -19.55 -26.19 18.51
C LYS A 145 -18.47 -26.07 19.58
N GLY A 146 -17.43 -25.27 19.37
CA GLY A 146 -16.41 -25.05 20.39
C GLY A 146 -15.26 -26.03 20.28
N ALA A 147 -14.85 -26.61 21.40
CA ALA A 147 -13.68 -27.48 21.41
C ALA A 147 -13.91 -28.70 20.51
N LEU A 148 -12.89 -29.06 19.74
CA LEU A 148 -13.02 -30.19 18.82
C LEU A 148 -12.78 -31.53 19.50
N ARG A 149 -11.92 -31.57 20.51
CA ARG A 149 -11.53 -32.84 21.10
C ARG A 149 -12.73 -33.58 21.66
N GLY A 150 -12.89 -34.84 21.26
CA GLY A 150 -13.97 -35.67 21.73
C GLY A 150 -15.26 -35.59 20.95
N LEU A 151 -15.38 -34.69 19.97
CA LEU A 151 -16.53 -34.70 19.07
C LEU A 151 -16.57 -35.98 18.27
N ARG A 152 -17.77 -36.31 17.81
CA ARG A 152 -18.00 -37.50 16.95
C ARG A 152 -18.42 -37.04 15.56
N LEU A 153 -17.65 -37.41 14.56
CA LEU A 153 -17.90 -37.01 13.19
C LEU A 153 -18.09 -38.26 12.35
N SER A 154 -19.14 -38.27 11.53
CA SER A 154 -19.39 -39.37 10.60
C SER A 154 -19.46 -38.84 9.19
N TYR A 155 -18.70 -39.48 8.30
CA TYR A 155 -18.71 -39.20 6.87
C TYR A 155 -19.41 -40.34 6.15
N PHE A 156 -20.20 -40.00 5.13
CA PHE A 156 -21.05 -40.94 4.40
C PHE A 156 -20.77 -40.85 2.91
N GLY A 157 -20.64 -42.02 2.28
CA GLY A 157 -20.55 -42.07 0.82
C GLY A 157 -19.37 -42.87 0.33
N ASP A 158 -18.59 -42.31 -0.59
CA ASP A 158 -17.38 -42.97 -1.09
C ASP A 158 -16.29 -42.85 -0.04
N GLY A 159 -15.98 -43.97 0.63
CA GLY A 159 -15.02 -43.91 1.71
C GLY A 159 -13.57 -43.94 1.31
N ALA A 160 -13.27 -43.94 0.00
CA ALA A 160 -11.90 -43.94 -0.48
C ALA A 160 -11.53 -42.69 -1.24
N ASN A 161 -12.35 -41.65 -1.18
CA ASN A 161 -12.03 -40.44 -1.90
C ASN A 161 -11.19 -39.50 -1.04
N ASN A 162 -10.84 -38.35 -1.61
CA ASN A 162 -9.90 -37.46 -0.92
C ASN A 162 -10.50 -36.91 0.37
N MET A 163 -11.81 -36.60 0.39
CA MET A 163 -12.42 -36.10 1.62
C MET A 163 -12.47 -37.15 2.72
N ALA A 164 -12.80 -38.40 2.38
CA ALA A 164 -12.80 -39.44 3.40
C ALA A 164 -11.42 -39.58 4.03
N HIS A 165 -10.39 -39.63 3.18
CA HIS A 165 -9.03 -39.78 3.70
C HIS A 165 -8.63 -38.60 4.58
N SER A 166 -8.93 -37.37 4.14
CA SER A 166 -8.51 -36.20 4.91
C SER A 166 -9.35 -36.02 6.18
N LEU A 167 -10.63 -36.38 6.14
CA LEU A 167 -11.40 -36.32 7.39
C LEU A 167 -10.87 -37.31 8.41
N LEU A 168 -10.50 -38.53 7.98
CA LEU A 168 -9.80 -39.44 8.87
C LEU A 168 -8.55 -38.81 9.47
N LEU A 169 -7.61 -38.37 8.62
CA LEU A 169 -6.32 -37.92 9.13
C LEU A 169 -6.43 -36.59 9.88
N GLY A 170 -7.10 -35.62 9.27
CA GLY A 170 -7.24 -34.33 9.89
C GLY A 170 -8.14 -34.37 11.11
N GLY A 171 -9.22 -35.16 11.03
CA GLY A 171 -10.11 -35.27 12.16
C GLY A 171 -9.45 -35.86 13.39
N VAL A 172 -8.75 -37.00 13.22
CA VAL A 172 -8.14 -37.59 14.41
C VAL A 172 -6.99 -36.74 14.92
N THR A 173 -6.34 -35.96 14.03
CA THR A 173 -5.33 -35.02 14.52
C THR A 173 -5.92 -33.98 15.48
N ALA A 174 -7.18 -33.59 15.25
CA ALA A 174 -7.90 -32.66 16.09
C ALA A 174 -8.53 -33.31 17.32
N GLY A 175 -8.40 -34.64 17.48
CA GLY A 175 -9.01 -35.33 18.61
C GLY A 175 -10.44 -35.75 18.39
N ILE A 176 -10.94 -35.68 17.15
CA ILE A 176 -12.30 -36.06 16.79
C ILE A 176 -12.34 -37.57 16.53
N HIS A 177 -13.37 -38.24 17.08
CA HIS A 177 -13.66 -39.63 16.73
C HIS A 177 -14.32 -39.68 15.37
N VAL A 178 -13.64 -40.27 14.37
CA VAL A 178 -14.11 -40.24 12.99
C VAL A 178 -14.67 -41.61 12.61
N THR A 179 -15.85 -41.60 12.01
CA THR A 179 -16.47 -42.78 11.42
C THR A 179 -16.64 -42.56 9.93
N VAL A 180 -16.24 -43.55 9.13
CA VAL A 180 -16.50 -43.52 7.70
C VAL A 180 -17.55 -44.59 7.43
N ALA A 181 -18.69 -44.19 6.87
CA ALA A 181 -19.79 -45.09 6.52
C ALA A 181 -19.80 -45.20 5.00
N ALA A 182 -19.49 -46.38 4.49
CA ALA A 182 -19.33 -46.55 3.05
C ALA A 182 -19.66 -47.99 2.69
N PRO A 183 -20.15 -48.24 1.48
CA PRO A 183 -20.42 -49.62 1.07
C PRO A 183 -19.14 -50.39 0.79
N GLU A 184 -19.22 -51.73 0.90
CA GLU A 184 -18.08 -52.54 0.49
C GLU A 184 -17.60 -52.22 -0.92
N GLY A 185 -16.29 -52.29 -1.06
CA GLY A 185 -15.61 -51.95 -2.27
C GLY A 185 -15.22 -50.50 -2.35
N PHE A 186 -15.66 -49.69 -1.38
CA PHE A 186 -15.48 -48.24 -1.40
C PHE A 186 -14.92 -47.76 -0.07
N LEU A 187 -14.03 -48.54 0.53
CA LEU A 187 -13.49 -48.32 1.87
C LEU A 187 -12.17 -47.56 1.81
N PRO A 188 -11.78 -46.89 2.91
CA PRO A 188 -10.55 -46.09 2.88
C PRO A 188 -9.32 -46.93 2.54
N ASP A 189 -8.37 -46.28 1.88
CA ASP A 189 -7.09 -46.90 1.58
C ASP A 189 -6.46 -47.42 2.87
N PRO A 190 -5.94 -48.66 2.88
CA PRO A 190 -5.40 -49.23 4.13
C PRO A 190 -4.28 -48.41 4.75
N SER A 191 -3.37 -47.87 3.94
CA SER A 191 -2.27 -47.09 4.49
C SER A 191 -2.77 -45.83 5.19
N VAL A 192 -3.77 -45.16 4.59
CA VAL A 192 -4.35 -43.97 5.22
C VAL A 192 -5.05 -44.36 6.51
N ARG A 193 -5.81 -45.46 6.47
CA ARG A 193 -6.53 -45.90 7.66
C ARG A 193 -5.57 -46.22 8.80
N ALA A 194 -4.47 -46.91 8.50
CA ALA A 194 -3.47 -47.21 9.53
C ALA A 194 -2.82 -45.95 10.08
N ALA A 195 -2.52 -44.98 9.20
CA ALA A 195 -1.93 -43.74 9.68
C ALA A 195 -2.90 -43.00 10.59
N ALA A 196 -4.20 -43.00 10.24
CA ALA A 196 -5.19 -42.34 11.09
C ALA A 196 -5.34 -43.07 12.42
N GLU A 197 -5.33 -44.40 12.40
CA GLU A 197 -5.42 -45.12 13.67
C GLU A 197 -4.23 -44.80 14.57
N ARG A 198 -3.03 -44.69 14.00
CA ARG A 198 -1.85 -44.36 14.81
C ARG A 198 -1.93 -42.94 15.35
N ARG A 199 -2.31 -41.98 14.50
CA ARG A 199 -2.43 -40.61 14.98
C ARG A 199 -3.50 -40.49 16.06
N ALA A 200 -4.61 -41.22 15.90
CA ALA A 200 -5.68 -41.19 16.89
C ALA A 200 -5.21 -41.65 18.26
N GLN A 201 -4.23 -42.55 18.32
CA GLN A 201 -3.68 -42.96 19.61
C GLN A 201 -3.07 -41.78 20.36
N ASP A 202 -2.40 -40.88 19.63
CA ASP A 202 -1.78 -39.72 20.26
C ASP A 202 -2.78 -38.70 20.77
N THR A 203 -4.00 -38.69 20.25
CA THR A 203 -4.94 -37.64 20.59
C THR A 203 -6.14 -38.13 21.38
N GLY A 204 -6.23 -39.44 21.63
CA GLY A 204 -7.39 -40.02 22.29
C GLY A 204 -8.60 -40.18 21.39
N ALA A 205 -8.44 -39.97 20.09
CA ALA A 205 -9.52 -40.12 19.13
C ALA A 205 -9.66 -41.60 18.74
N SER A 206 -10.43 -41.87 17.69
CA SER A 206 -10.58 -43.23 17.19
C SER A 206 -11.01 -43.17 15.73
N VAL A 207 -10.85 -44.31 15.07
CA VAL A 207 -11.24 -44.51 13.67
C VAL A 207 -12.23 -45.67 13.62
N THR A 208 -13.36 -45.46 12.94
CA THR A 208 -14.38 -46.49 12.76
C THR A 208 -14.76 -46.52 11.29
N VAL A 209 -14.84 -47.71 10.71
CA VAL A 209 -15.29 -47.89 9.33
C VAL A 209 -16.43 -48.89 9.34
N THR A 210 -17.56 -48.51 8.73
CA THR A 210 -18.77 -49.32 8.82
C THR A 210 -19.58 -49.19 7.53
N ALA A 211 -20.38 -50.21 7.25
CA ALA A 211 -21.38 -50.12 6.19
C ALA A 211 -22.76 -49.79 6.73
N ASP A 212 -22.87 -49.54 8.04
CA ASP A 212 -24.17 -49.32 8.70
C ASP A 212 -24.38 -47.82 8.85
N ALA A 213 -25.06 -47.21 7.85
CA ALA A 213 -25.24 -45.77 7.86
C ALA A 213 -26.01 -45.31 9.08
N HIS A 214 -27.06 -46.05 9.46
CA HIS A 214 -27.85 -45.68 10.62
C HIS A 214 -27.01 -45.70 11.89
N ALA A 215 -26.16 -46.72 12.06
CA ALA A 215 -25.28 -46.77 13.23
C ALA A 215 -24.28 -45.61 13.20
N ALA A 216 -23.74 -45.26 12.03
CA ALA A 216 -22.80 -44.15 11.95
C ALA A 216 -23.45 -42.81 12.31
N ALA A 217 -24.73 -42.64 12.00
CA ALA A 217 -25.38 -41.37 12.29
C ALA A 217 -25.75 -41.23 13.75
N ALA A 218 -26.10 -42.33 14.41
CA ALA A 218 -26.57 -42.26 15.80
C ALA A 218 -25.52 -41.62 16.69
N GLY A 219 -25.92 -40.55 17.40
CA GLY A 219 -25.03 -39.90 18.33
C GLY A 219 -23.98 -38.99 17.72
N ALA A 220 -23.99 -38.79 16.41
CA ALA A 220 -22.95 -37.98 15.80
C ALA A 220 -23.16 -36.50 16.10
N ASP A 221 -22.05 -35.78 16.24
CA ASP A 221 -22.07 -34.33 16.39
C ASP A 221 -21.96 -33.62 15.05
N VAL A 222 -21.34 -34.27 14.07
CA VAL A 222 -21.09 -33.69 12.75
C VAL A 222 -21.35 -34.79 11.73
N LEU A 223 -22.15 -34.49 10.69
CA LEU A 223 -22.35 -35.42 9.58
C LEU A 223 -21.80 -34.78 8.32
N VAL A 224 -21.05 -35.56 7.53
CA VAL A 224 -20.37 -35.03 6.35
C VAL A 224 -20.68 -35.96 5.18
N THR A 225 -20.85 -35.38 4.00
CA THR A 225 -20.84 -36.20 2.79
C THR A 225 -20.17 -35.40 1.67
N ASP A 226 -20.14 -35.98 0.48
CA ASP A 226 -19.41 -35.41 -0.66
C ASP A 226 -20.00 -36.07 -1.89
N THR A 227 -19.70 -35.52 -3.07
CA THR A 227 -20.17 -36.20 -4.28
C THR A 227 -19.64 -37.62 -4.31
N TRP A 228 -20.45 -38.49 -4.91
CA TRP A 228 -20.14 -39.91 -4.92
C TRP A 228 -19.09 -40.27 -5.95
N THR A 229 -18.91 -39.41 -6.96
CA THR A 229 -18.10 -39.70 -8.12
C THR A 229 -17.32 -38.46 -8.53
N SER A 230 -16.00 -38.58 -8.64
CA SER A 230 -15.20 -37.52 -9.23
C SER A 230 -15.26 -37.61 -10.76
N MET A 231 -14.78 -36.56 -11.43
CA MET A 231 -14.83 -36.58 -12.89
C MET A 231 -14.05 -37.75 -13.45
N GLY A 232 -12.90 -38.06 -12.83
CA GLY A 232 -12.08 -39.16 -13.29
C GLY A 232 -12.66 -40.53 -13.05
N GLN A 233 -13.73 -40.66 -12.26
CA GLN A 233 -14.38 -41.94 -12.05
C GLN A 233 -15.62 -42.16 -12.89
N GLU A 234 -16.04 -41.15 -13.66
CA GLU A 234 -17.26 -41.29 -14.45
C GLU A 234 -17.14 -42.39 -15.50
N ASN A 235 -15.92 -42.76 -15.88
CA ASN A 235 -15.72 -43.82 -16.85
C ASN A 235 -15.12 -45.08 -16.22
N ASP A 236 -15.28 -45.27 -14.91
CA ASP A 236 -14.61 -46.41 -14.30
C ASP A 236 -15.38 -47.71 -14.46
N GLY A 237 -16.58 -47.68 -15.02
CA GLY A 237 -17.32 -48.89 -15.28
C GLY A 237 -18.34 -49.27 -14.23
N LEU A 238 -18.30 -48.66 -13.06
CA LEU A 238 -19.18 -49.02 -11.96
C LEU A 238 -20.51 -48.28 -12.04
N ASP A 239 -21.56 -48.93 -11.56
CA ASP A 239 -22.76 -48.21 -11.12
C ASP A 239 -22.40 -47.47 -9.83
N ARG A 240 -22.30 -46.14 -9.91
CA ARG A 240 -21.93 -45.34 -8.75
C ARG A 240 -23.12 -44.60 -8.17
N VAL A 241 -24.32 -45.18 -8.34
CA VAL A 241 -25.51 -44.67 -7.67
C VAL A 241 -26.04 -45.74 -6.72
N LYS A 242 -26.35 -46.93 -7.23
CA LYS A 242 -26.94 -47.99 -6.41
C LYS A 242 -26.20 -48.25 -5.10
N PRO A 243 -24.86 -48.39 -5.06
CA PRO A 243 -24.18 -48.66 -3.79
C PRO A 243 -24.41 -47.60 -2.73
N PHE A 244 -24.60 -46.35 -3.14
CA PHE A 244 -24.52 -45.20 -2.24
C PHE A 244 -25.88 -44.72 -1.76
N ARG A 245 -26.97 -45.14 -2.41
CA ARG A 245 -28.28 -44.64 -2.01
C ARG A 245 -28.57 -44.83 -0.53
N PRO A 246 -28.23 -45.94 0.13
CA PRO A 246 -28.49 -46.04 1.58
C PRO A 246 -27.69 -45.06 2.42
N PHE A 247 -26.67 -44.41 1.85
CA PHE A 247 -25.81 -43.52 2.59
C PHE A 247 -26.16 -42.06 2.33
N GLN A 248 -27.28 -41.80 1.67
CA GLN A 248 -27.68 -40.41 1.41
C GLN A 248 -27.87 -39.67 2.73
N LEU A 249 -27.37 -38.44 2.79
CA LEU A 249 -27.48 -37.64 4.01
C LEU A 249 -28.81 -36.90 3.85
N ASN A 250 -29.89 -37.49 4.37
CA ASN A 250 -31.23 -36.96 4.23
C ASN A 250 -31.79 -36.66 5.63
N SER A 251 -33.04 -36.20 5.68
CA SER A 251 -33.59 -35.74 6.94
C SER A 251 -33.71 -36.89 7.94
N ARG A 252 -34.06 -38.08 7.44
CA ARG A 252 -34.17 -39.23 8.33
C ARG A 252 -32.84 -39.54 8.99
N LEU A 253 -31.76 -39.49 8.21
CA LEU A 253 -30.44 -39.78 8.77
C LEU A 253 -30.01 -38.70 9.77
N LEU A 254 -30.22 -37.44 9.42
CA LEU A 254 -29.85 -36.35 10.32
C LEU A 254 -30.59 -36.44 11.66
N ALA A 255 -31.85 -36.90 11.63
CA ALA A 255 -32.64 -37.01 12.86
C ALA A 255 -32.10 -38.06 13.82
N LEU A 256 -31.33 -39.04 13.32
CA LEU A 256 -30.68 -40.02 14.18
C LEU A 256 -29.52 -39.44 14.97
N ALA A 257 -28.93 -38.34 14.51
CA ALA A 257 -27.75 -37.78 15.15
C ALA A 257 -28.13 -36.98 16.38
N ASP A 258 -27.13 -36.42 17.07
CA ASP A 258 -27.42 -35.57 18.21
C ASP A 258 -28.28 -34.37 17.77
N SER A 259 -29.13 -33.91 18.69
CA SER A 259 -30.10 -32.87 18.31
C SER A 259 -29.42 -31.59 17.84
N ASP A 260 -28.17 -31.36 18.23
CA ASP A 260 -27.41 -30.17 17.86
C ASP A 260 -26.38 -30.44 16.76
N ALA A 261 -26.52 -31.56 16.05
CA ALA A 261 -25.52 -31.92 15.04
C ALA A 261 -25.51 -30.91 13.90
N ILE A 262 -24.35 -30.76 13.28
CA ILE A 262 -24.21 -29.91 12.09
C ILE A 262 -23.83 -30.77 10.90
N VAL A 263 -23.97 -30.20 9.71
CA VAL A 263 -23.76 -30.91 8.45
C VAL A 263 -22.72 -30.16 7.62
N LEU A 264 -21.78 -30.91 7.05
CA LEU A 264 -20.74 -30.39 6.19
C LEU A 264 -20.77 -31.09 4.83
N HIS A 265 -20.28 -30.39 3.81
CA HIS A 265 -20.21 -30.93 2.45
C HIS A 265 -19.29 -30.03 1.64
N CYS A 266 -18.20 -30.60 1.13
CA CYS A 266 -17.28 -29.92 0.22
C CYS A 266 -18.06 -29.61 -1.04
N LEU A 267 -18.27 -28.34 -1.34
CA LEU A 267 -19.11 -27.97 -2.45
C LEU A 267 -18.34 -28.19 -3.76
N PRO A 268 -19.05 -28.43 -4.87
CA PRO A 268 -20.51 -28.42 -5.02
C PRO A 268 -21.24 -29.69 -4.60
N ALA A 269 -22.50 -29.50 -4.22
CA ALA A 269 -23.40 -30.58 -3.88
C ALA A 269 -24.26 -30.94 -5.08
N HIS A 270 -24.52 -32.23 -5.24
CA HIS A 270 -25.51 -32.72 -6.20
C HIS A 270 -26.78 -33.03 -5.42
N ARG A 271 -27.63 -32.02 -5.31
CA ARG A 271 -28.84 -32.13 -4.49
C ARG A 271 -29.72 -33.25 -5.02
N GLY A 272 -30.18 -34.10 -4.11
CA GLY A 272 -30.96 -35.28 -4.46
C GLY A 272 -30.16 -36.56 -4.55
N ASP A 273 -28.84 -36.48 -4.61
CA ASP A 273 -27.98 -37.66 -4.63
C ASP A 273 -27.41 -37.86 -3.23
N GLU A 274 -26.19 -37.36 -2.96
CA GLU A 274 -25.59 -37.62 -1.66
C GLU A 274 -26.22 -36.82 -0.52
N ILE A 275 -27.00 -35.77 -0.82
CA ILE A 275 -27.59 -34.91 0.21
C ILE A 275 -28.90 -34.37 -0.36
N THR A 276 -29.85 -34.06 0.52
CA THR A 276 -31.14 -33.56 0.07
C THR A 276 -31.22 -32.04 0.26
N ASP A 277 -32.18 -31.43 -0.44
CA ASP A 277 -32.45 -30.01 -0.26
C ASP A 277 -32.73 -29.68 1.19
N ALA A 278 -33.56 -30.51 1.84
CA ALA A 278 -33.99 -30.18 3.20
C ALA A 278 -32.81 -30.07 4.14
N VAL A 279 -31.82 -30.96 3.96
CA VAL A 279 -30.64 -30.92 4.81
C VAL A 279 -29.73 -29.76 4.42
N MET A 280 -29.46 -29.59 3.12
CA MET A 280 -28.60 -28.50 2.66
C MET A 280 -29.09 -27.16 3.17
N ASP A 281 -30.40 -26.95 3.16
CA ASP A 281 -30.99 -25.65 3.39
C ASP A 281 -31.55 -25.48 4.79
N GLY A 282 -31.44 -26.52 5.62
CA GLY A 282 -31.97 -26.46 6.97
C GLY A 282 -30.99 -25.88 7.96
N PRO A 283 -31.40 -25.80 9.23
CA PRO A 283 -30.58 -25.11 10.24
C PRO A 283 -29.33 -25.86 10.65
N ALA A 284 -29.23 -27.17 10.37
CA ALA A 284 -28.02 -27.90 10.72
C ALA A 284 -26.90 -27.66 9.71
N SER A 285 -27.24 -27.17 8.52
CA SER A 285 -26.24 -27.03 7.47
C SER A 285 -25.23 -25.96 7.84
N ALA A 286 -23.96 -26.29 7.73
CA ALA A 286 -22.87 -25.33 7.89
C ALA A 286 -22.09 -25.17 6.59
N VAL A 287 -22.64 -25.60 5.45
CA VAL A 287 -21.83 -25.72 4.24
C VAL A 287 -21.42 -24.36 3.70
N TRP A 288 -22.17 -23.29 4.00
CA TRP A 288 -21.82 -21.97 3.44
C TRP A 288 -20.63 -21.38 4.18
N ASP A 289 -20.68 -21.35 5.51
CA ASP A 289 -19.50 -20.95 6.28
C ASP A 289 -18.30 -21.83 5.94
N GLU A 290 -18.55 -23.14 5.75
CA GLU A 290 -17.48 -24.09 5.46
C GLU A 290 -16.77 -23.71 4.17
N ALA A 291 -17.54 -23.30 3.15
CA ALA A 291 -16.93 -22.89 1.89
C ALA A 291 -16.16 -21.59 2.04
N GLU A 292 -16.74 -20.62 2.75
CA GLU A 292 -16.03 -19.36 3.04
C GLU A 292 -14.72 -19.64 3.75
N ASN A 293 -14.74 -20.60 4.68
CA ASN A 293 -13.57 -20.80 5.53
C ASN A 293 -12.38 -21.38 4.77
N ARG A 294 -12.55 -21.84 3.53
CA ARG A 294 -11.37 -22.16 2.73
C ARG A 294 -10.45 -20.96 2.63
N LEU A 295 -11.02 -19.77 2.48
CA LEU A 295 -10.22 -18.55 2.39
C LEU A 295 -9.36 -18.39 3.64
N HIS A 296 -9.99 -18.44 4.81
CA HIS A 296 -9.29 -18.11 6.05
C HIS A 296 -8.30 -19.21 6.45
N ALA A 297 -8.72 -20.47 6.31
CA ALA A 297 -7.86 -21.59 6.70
C ALA A 297 -6.63 -21.67 5.82
N GLN A 298 -6.79 -21.43 4.51
CA GLN A 298 -5.63 -21.48 3.62
C GLN A 298 -4.69 -20.31 3.85
N LYS A 299 -5.23 -19.13 4.18
CA LYS A 299 -4.35 -18.02 4.54
C LYS A 299 -3.54 -18.35 5.79
N ALA A 300 -4.20 -18.92 6.80
CA ALA A 300 -3.50 -19.32 8.02
C ALA A 300 -2.41 -20.34 7.73
N LEU A 301 -2.72 -21.35 6.89
CA LEU A 301 -1.73 -22.35 6.55
C LEU A 301 -0.51 -21.72 5.87
N LEU A 302 -0.74 -20.81 4.92
CA LEU A 302 0.36 -20.16 4.24
C LEU A 302 1.21 -19.34 5.21
N VAL A 303 0.56 -18.54 6.06
CA VAL A 303 1.30 -17.74 7.02
C VAL A 303 2.16 -18.62 7.91
N TRP A 304 1.57 -19.73 8.40
CA TRP A 304 2.27 -20.63 9.31
C TRP A 304 3.45 -21.31 8.61
N LEU A 305 3.23 -21.81 7.39
CA LEU A 305 4.33 -22.46 6.68
C LEU A 305 5.44 -21.49 6.33
N LEU A 306 5.08 -20.26 5.94
CA LEU A 306 6.12 -19.31 5.55
C LEU A 306 6.98 -18.95 6.76
N GLU A 307 6.37 -18.80 7.92
CA GLU A 307 7.13 -18.40 9.14
C GLU A 307 8.04 -19.53 9.60
N ARG A 308 7.62 -20.77 9.41
CA ARG A 308 8.39 -21.93 9.92
C ARG A 308 9.47 -22.31 8.93
N SER A 309 9.45 -21.75 7.73
CA SER A 309 10.40 -22.19 6.68
C SER A 309 11.38 -21.07 6.31
N VAL B 3 -32.32 -4.62 -0.29
CA VAL B 3 -31.59 -3.37 -0.13
C VAL B 3 -30.35 -3.36 -1.05
N ILE B 4 -30.02 -4.51 -1.63
CA ILE B 4 -28.88 -4.62 -2.53
C ILE B 4 -29.27 -4.16 -3.92
N ARG B 5 -28.52 -3.21 -4.47
CA ARG B 5 -28.83 -2.68 -5.79
C ARG B 5 -28.08 -3.46 -6.86
N HIS B 6 -28.77 -3.70 -7.98
CA HIS B 6 -28.18 -4.34 -9.15
C HIS B 6 -28.26 -3.40 -10.34
N PHE B 7 -27.47 -3.72 -11.37
CA PHE B 7 -27.48 -2.93 -12.61
C PHE B 7 -27.47 -3.92 -13.76
N LEU B 8 -28.66 -4.34 -14.19
CA LEU B 8 -28.80 -5.35 -15.23
C LEU B 8 -29.24 -4.77 -16.55
N ARG B 9 -29.82 -3.57 -16.47
CA ARG B 9 -30.33 -2.83 -17.64
C ARG B 9 -30.27 -1.35 -17.28
N ASP B 10 -30.21 -0.49 -18.28
CA ASP B 10 -29.94 0.95 -18.06
C ASP B 10 -30.94 1.63 -17.14
N ASP B 11 -32.21 1.25 -17.27
CA ASP B 11 -33.30 1.87 -16.50
C ASP B 11 -33.31 1.40 -15.04
N ASP B 12 -32.42 0.48 -14.69
CA ASP B 12 -32.30 0.17 -13.26
C ASP B 12 -31.85 1.38 -12.44
N LEU B 13 -31.16 2.35 -13.07
CA LEU B 13 -30.93 3.64 -12.44
C LEU B 13 -32.03 4.63 -12.82
N SER B 14 -32.50 5.38 -11.82
CA SER B 14 -33.37 6.51 -12.10
C SER B 14 -32.59 7.64 -12.78
N PRO B 15 -33.28 8.62 -13.37
CA PRO B 15 -32.54 9.77 -13.92
C PRO B 15 -31.58 10.40 -12.92
N ALA B 16 -32.01 10.60 -11.67
CA ALA B 16 -31.13 11.23 -10.69
C ALA B 16 -29.97 10.32 -10.32
N GLU B 17 -30.22 9.01 -10.21
CA GLU B 17 -29.15 8.08 -9.90
C GLU B 17 -28.15 7.99 -11.05
N GLN B 18 -28.64 7.95 -12.29
CA GLN B 18 -27.73 7.93 -13.42
C GLN B 18 -26.84 9.17 -13.43
N ALA B 19 -27.41 10.34 -13.12
CA ALA B 19 -26.63 11.56 -13.04
C ALA B 19 -25.51 11.45 -11.98
N GLU B 20 -25.81 10.82 -10.84
CA GLU B 20 -24.79 10.61 -9.81
C GLU B 20 -23.64 9.74 -10.33
N VAL B 21 -23.99 8.65 -10.99
CA VAL B 21 -22.97 7.75 -11.52
C VAL B 21 -22.12 8.48 -12.56
N LEU B 22 -22.75 9.25 -13.45
CA LEU B 22 -21.98 9.95 -14.48
C LEU B 22 -21.08 11.02 -13.87
N GLU B 23 -21.54 11.70 -12.82
CA GLU B 23 -20.68 12.67 -12.11
C GLU B 23 -19.48 11.98 -11.49
N LEU B 24 -19.72 10.82 -10.86
CA LEU B 24 -18.64 10.03 -10.29
C LEU B 24 -17.65 9.59 -11.37
N ALA B 25 -18.15 9.25 -12.57
CA ALA B 25 -17.27 8.83 -13.65
C ALA B 25 -16.31 9.95 -14.04
N ALA B 26 -16.82 11.19 -14.09
CA ALA B 26 -15.96 12.33 -14.41
C ALA B 26 -14.94 12.56 -13.31
N GLU B 27 -15.36 12.41 -12.05
CA GLU B 27 -14.43 12.56 -10.92
C GLU B 27 -13.35 11.50 -10.94
N LEU B 28 -13.71 10.26 -11.28
CA LEU B 28 -12.72 9.19 -11.28
C LEU B 28 -11.79 9.29 -12.47
N LYS B 29 -12.25 9.86 -13.58
CA LYS B 29 -11.35 10.06 -14.71
C LYS B 29 -10.24 11.03 -14.34
N LYS B 30 -10.58 12.05 -13.56
CA LYS B 30 -9.60 13.04 -13.14
C LYS B 30 -8.67 12.47 -12.07
N ASP B 31 -9.21 11.67 -11.15
CA ASP B 31 -8.45 11.13 -10.01
C ASP B 31 -8.68 9.62 -9.89
N PRO B 32 -8.00 8.83 -10.73
CA PRO B 32 -8.39 7.41 -10.91
C PRO B 32 -8.09 6.50 -9.75
N VAL B 33 -7.27 6.90 -8.78
CA VAL B 33 -7.02 6.03 -7.63
C VAL B 33 -7.45 6.68 -6.31
N SER B 34 -8.33 7.69 -6.38
CA SER B 34 -8.80 8.40 -5.19
C SER B 34 -9.91 7.67 -4.44
N ARG B 35 -10.53 6.68 -5.05
CA ARG B 35 -11.63 5.95 -4.41
C ARG B 35 -11.17 4.51 -4.22
N ARG B 36 -11.10 4.06 -2.98
CA ARG B 36 -10.58 2.74 -2.67
C ARG B 36 -11.57 1.93 -1.83
N PRO B 37 -12.81 1.76 -2.32
CA PRO B 37 -13.79 0.98 -1.54
C PRO B 37 -13.42 -0.48 -1.43
N LEU B 38 -12.54 -0.97 -2.30
CA LEU B 38 -12.14 -2.37 -2.29
C LEU B 38 -10.74 -2.58 -1.72
N GLN B 39 -10.18 -1.59 -1.03
CA GLN B 39 -8.89 -1.75 -0.35
C GLN B 39 -8.87 -2.99 0.52
N GLY B 40 -7.74 -3.70 0.49
CA GLY B 40 -7.60 -4.92 1.23
C GLY B 40 -6.49 -5.80 0.70
N PRO B 41 -6.66 -6.40 -0.49
CA PRO B 41 -7.79 -6.16 -1.40
C PRO B 41 -9.02 -6.97 -1.05
N ARG B 42 -10.19 -6.38 -1.30
CA ARG B 42 -11.44 -7.10 -1.39
C ARG B 42 -11.60 -7.63 -2.81
N GLY B 43 -12.41 -8.70 -2.95
CA GLY B 43 -12.60 -9.30 -4.26
C GLY B 43 -13.83 -8.78 -5.00
N VAL B 44 -13.77 -8.86 -6.32
CA VAL B 44 -14.93 -8.73 -7.21
C VAL B 44 -14.85 -9.87 -8.22
N ALA B 45 -15.94 -10.62 -8.38
CA ALA B 45 -15.98 -11.67 -9.39
C ALA B 45 -16.28 -11.08 -10.77
N VAL B 46 -15.54 -11.48 -11.79
CA VAL B 46 -15.79 -11.03 -13.16
C VAL B 46 -15.93 -12.30 -14.00
N ILE B 47 -17.16 -12.64 -14.38
CA ILE B 47 -17.48 -13.98 -14.88
C ILE B 47 -17.99 -13.84 -16.31
N PHE B 48 -17.45 -14.68 -17.21
CA PHE B 48 -17.80 -14.63 -18.63
C PHE B 48 -18.32 -15.99 -19.09
N ASP B 49 -19.60 -16.05 -19.47
CA ASP B 49 -20.10 -17.25 -20.14
C ASP B 49 -19.56 -17.36 -21.55
N LYS B 50 -19.23 -16.21 -22.14
CA LYS B 50 -18.57 -16.09 -23.43
C LYS B 50 -17.56 -14.98 -23.28
N ASN B 51 -16.30 -15.25 -23.65
CA ASN B 51 -15.24 -14.24 -23.49
C ASN B 51 -15.61 -12.94 -24.16
N SER B 52 -15.27 -11.84 -23.50
CA SER B 52 -15.24 -10.51 -24.12
C SER B 52 -13.97 -9.86 -23.60
N THR B 53 -12.93 -9.84 -24.44
CA THR B 53 -11.63 -9.37 -23.98
C THR B 53 -11.67 -7.90 -23.59
N ARG B 54 -12.34 -7.07 -24.38
CA ARG B 54 -12.38 -5.64 -24.05
C ARG B 54 -13.12 -5.38 -22.75
N THR B 55 -14.17 -6.13 -22.49
CA THR B 55 -14.94 -5.99 -21.23
C THR B 55 -14.09 -6.43 -20.06
N ARG B 56 -13.40 -7.55 -20.23
CA ARG B 56 -12.58 -8.10 -19.12
C ARG B 56 -11.46 -7.12 -18.81
N PHE B 57 -10.77 -6.65 -19.83
CA PHE B 57 -9.67 -5.69 -19.68
C PHE B 57 -10.10 -4.45 -18.88
N SER B 58 -11.23 -3.86 -19.25
CA SER B 58 -11.71 -2.63 -18.59
C SER B 58 -12.08 -2.93 -17.13
N PHE B 59 -12.79 -4.04 -16.91
CA PHE B 59 -13.19 -4.28 -15.53
C PHE B 59 -11.99 -4.67 -14.66
N GLU B 60 -11.09 -5.47 -15.21
CA GLU B 60 -9.98 -5.96 -14.39
C GLU B 60 -9.11 -4.80 -13.90
N LEU B 61 -8.79 -3.88 -14.81
CA LEU B 61 -7.97 -2.74 -14.42
C LEU B 61 -8.74 -1.80 -13.51
N GLY B 62 -10.03 -1.57 -13.80
CA GLY B 62 -10.83 -0.68 -12.96
C GLY B 62 -10.95 -1.16 -11.53
N ILE B 63 -11.18 -2.47 -11.36
CA ILE B 63 -11.30 -3.03 -10.02
C ILE B 63 -9.98 -2.88 -9.27
N ALA B 64 -8.85 -3.11 -9.96
CA ALA B 64 -7.54 -2.94 -9.33
C ALA B 64 -7.34 -1.51 -8.85
N GLN B 65 -7.82 -0.54 -9.63
CA GLN B 65 -7.63 0.87 -9.28
C GLN B 65 -8.56 1.31 -8.15
N LEU B 66 -9.60 0.53 -7.87
CA LEU B 66 -10.41 0.73 -6.67
C LEU B 66 -9.82 0.04 -5.44
N GLY B 67 -8.61 -0.52 -5.58
CA GLY B 67 -7.94 -1.24 -4.52
C GLY B 67 -8.23 -2.73 -4.44
N GLY B 68 -9.10 -3.26 -5.30
CA GLY B 68 -9.53 -4.63 -5.19
C GLY B 68 -8.72 -5.58 -6.06
N HIS B 69 -9.13 -6.85 -6.00
CA HIS B 69 -8.58 -7.90 -6.84
C HIS B 69 -9.73 -8.54 -7.61
N ALA B 70 -9.70 -8.39 -8.94
CA ALA B 70 -10.68 -9.09 -9.76
C ALA B 70 -10.34 -10.56 -9.87
N VAL B 71 -11.31 -11.42 -9.55
CA VAL B 71 -11.15 -12.84 -9.82
C VAL B 71 -11.94 -13.11 -11.10
N VAL B 72 -11.21 -13.41 -12.16
CA VAL B 72 -11.78 -13.50 -13.50
C VAL B 72 -12.05 -14.97 -13.78
N VAL B 73 -13.27 -15.27 -14.23
CA VAL B 73 -13.63 -16.62 -14.65
C VAL B 73 -13.98 -16.57 -16.14
N ASP B 74 -13.09 -17.14 -16.96
CA ASP B 74 -13.20 -17.17 -18.42
C ASP B 74 -14.12 -18.29 -18.89
N SER B 75 -14.56 -18.17 -20.14
CA SER B 75 -15.08 -19.35 -20.82
C SER B 75 -13.95 -20.34 -21.03
N GLY B 76 -14.32 -21.61 -21.21
CA GLY B 76 -13.31 -22.64 -21.11
C GLY B 76 -13.38 -23.24 -19.72
N SER B 77 -13.30 -22.39 -18.70
CA SER B 77 -13.66 -22.84 -17.36
C SER B 77 -15.10 -23.35 -17.35
N THR B 78 -15.43 -24.06 -16.27
CA THR B 78 -16.81 -24.49 -16.06
C THR B 78 -17.75 -23.31 -16.15
N GLN B 79 -18.71 -23.38 -17.06
CA GLN B 79 -19.73 -22.34 -17.11
C GLN B 79 -20.54 -22.34 -15.82
N LEU B 80 -20.95 -21.14 -15.41
CA LEU B 80 -21.64 -20.96 -14.16
C LEU B 80 -23.00 -21.65 -14.23
N GLY B 81 -23.35 -22.43 -13.20
CA GLY B 81 -24.56 -23.22 -13.23
C GLY B 81 -24.38 -24.63 -13.75
N ARG B 82 -23.20 -24.98 -14.27
CA ARG B 82 -23.00 -26.28 -14.90
C ARG B 82 -22.84 -27.40 -13.88
N ASP B 83 -22.11 -27.16 -12.79
CA ASP B 83 -21.83 -28.23 -11.83
C ASP B 83 -22.47 -27.96 -10.46
N GLU B 84 -23.30 -26.95 -10.35
CA GLU B 84 -23.83 -26.42 -9.11
C GLU B 84 -24.99 -25.52 -9.47
N THR B 85 -26.02 -25.48 -8.62
CA THR B 85 -27.11 -24.56 -8.91
C THR B 85 -26.59 -23.13 -8.86
N LEU B 86 -27.13 -22.29 -9.76
CA LEU B 86 -26.91 -20.85 -9.68
C LEU B 86 -27.09 -20.31 -8.27
N GLN B 87 -28.11 -20.77 -7.56
CA GLN B 87 -28.36 -20.22 -6.23
C GLN B 87 -27.26 -20.61 -5.24
N ASP B 88 -26.78 -21.86 -5.31
CA ASP B 88 -25.69 -22.27 -4.43
C ASP B 88 -24.42 -21.46 -4.72
N THR B 89 -24.08 -21.28 -6.00
CA THR B 89 -22.89 -20.52 -6.35
C THR B 89 -23.00 -19.06 -5.89
N ALA B 90 -24.16 -18.47 -6.05
CA ALA B 90 -24.38 -17.08 -5.61
C ALA B 90 -24.18 -16.91 -4.10
N LYS B 91 -24.64 -17.89 -3.33
CA LYS B 91 -24.56 -17.77 -1.85
C LYS B 91 -23.09 -17.74 -1.42
N VAL B 92 -22.29 -18.60 -2.03
CA VAL B 92 -20.87 -18.66 -1.63
C VAL B 92 -20.13 -17.46 -2.23
N LEU B 93 -20.41 -17.15 -3.50
CA LEU B 93 -19.77 -15.94 -4.06
C LEU B 93 -19.93 -14.74 -3.15
N SER B 94 -21.12 -14.58 -2.58
CA SER B 94 -21.39 -13.44 -1.72
C SER B 94 -20.52 -13.44 -0.46
N ARG B 95 -19.91 -14.58 -0.12
CA ARG B 95 -18.96 -14.65 0.98
C ARG B 95 -17.55 -14.25 0.56
N TYR B 96 -17.23 -14.36 -0.73
CA TYR B 96 -15.88 -14.14 -1.23
C TYR B 96 -15.66 -12.78 -1.86
N VAL B 97 -16.69 -12.18 -2.46
CA VAL B 97 -16.51 -10.95 -3.21
C VAL B 97 -17.58 -9.95 -2.80
N ASP B 98 -17.32 -8.68 -3.12
CA ASP B 98 -18.23 -7.60 -2.74
C ASP B 98 -19.15 -7.20 -3.89
N ALA B 99 -18.93 -7.75 -5.09
CA ALA B 99 -19.77 -7.51 -6.24
C ALA B 99 -19.52 -8.61 -7.25
N ILE B 100 -20.50 -8.83 -8.14
CA ILE B 100 -20.45 -9.86 -9.16
C ILE B 100 -20.69 -9.18 -10.50
N VAL B 101 -19.70 -9.22 -11.38
CA VAL B 101 -19.80 -8.67 -12.73
C VAL B 101 -19.92 -9.87 -13.67
N TRP B 102 -20.98 -9.91 -14.49
CA TRP B 102 -21.29 -11.14 -15.23
C TRP B 102 -21.65 -10.81 -16.66
N ARG B 103 -20.99 -11.51 -17.60
CA ARG B 103 -21.34 -11.45 -19.01
C ARG B 103 -22.03 -12.77 -19.32
N THR B 104 -23.35 -12.71 -19.53
CA THR B 104 -24.05 -13.93 -19.90
C THR B 104 -24.96 -13.57 -21.08
N PHE B 105 -25.92 -14.43 -21.41
CA PHE B 105 -26.66 -14.26 -22.64
C PHE B 105 -28.07 -13.74 -22.36
N GLY B 106 -28.97 -14.60 -21.89
CA GLY B 106 -30.32 -14.17 -21.62
C GLY B 106 -30.42 -13.39 -20.31
N GLN B 107 -31.43 -12.52 -20.25
CA GLN B 107 -31.70 -11.75 -19.04
C GLN B 107 -32.22 -12.63 -17.90
N GLU B 108 -32.77 -13.80 -18.23
CA GLU B 108 -33.26 -14.74 -17.22
C GLU B 108 -32.17 -15.13 -16.23
N ARG B 109 -30.96 -15.40 -16.72
CA ARG B 109 -29.88 -15.81 -15.83
C ARG B 109 -29.42 -14.65 -14.95
N LEU B 110 -29.32 -13.44 -15.52
CA LEU B 110 -28.96 -12.26 -14.71
C LEU B 110 -29.98 -12.03 -13.61
N ASP B 111 -31.26 -12.04 -13.96
CA ASP B 111 -32.30 -11.83 -12.97
C ASP B 111 -32.24 -12.88 -11.87
N ALA B 112 -31.98 -14.14 -12.26
CA ALA B 112 -31.90 -15.20 -11.26
C ALA B 112 -30.76 -14.95 -10.28
N MET B 113 -29.61 -14.52 -10.78
CA MET B 113 -28.50 -14.23 -9.87
C MET B 113 -28.80 -13.02 -8.99
N ALA B 114 -29.38 -11.97 -9.58
CA ALA B 114 -29.67 -10.78 -8.80
C ALA B 114 -30.72 -11.05 -7.72
N SER B 115 -31.62 -12.01 -7.94
CA SER B 115 -32.68 -12.21 -6.95
C SER B 115 -32.15 -12.91 -5.70
N VAL B 116 -31.00 -13.57 -5.79
CA VAL B 116 -30.48 -14.39 -4.71
C VAL B 116 -29.21 -13.79 -4.10
N ALA B 117 -28.32 -13.24 -4.92
CA ALA B 117 -27.05 -12.74 -4.41
C ALA B 117 -27.26 -11.60 -3.43
N THR B 118 -26.44 -11.57 -2.38
CA THR B 118 -26.49 -10.47 -1.42
C THR B 118 -25.35 -9.46 -1.61
N VAL B 119 -24.78 -9.42 -2.80
CA VAL B 119 -23.88 -8.36 -3.25
C VAL B 119 -24.38 -7.86 -4.60
N PRO B 120 -23.99 -6.65 -5.00
CA PRO B 120 -24.48 -6.11 -6.28
C PRO B 120 -24.04 -6.96 -7.47
N VAL B 121 -24.98 -7.16 -8.40
CA VAL B 121 -24.74 -7.84 -9.66
C VAL B 121 -24.78 -6.83 -10.79
N ILE B 122 -23.77 -6.85 -11.65
CA ILE B 122 -23.65 -5.95 -12.79
C ILE B 122 -23.69 -6.74 -14.08
N ASN B 123 -24.51 -6.30 -15.02
CA ASN B 123 -24.53 -6.89 -16.36
C ASN B 123 -23.37 -6.26 -17.14
N ALA B 124 -22.31 -7.05 -17.35
CA ALA B 124 -21.14 -6.54 -18.08
C ALA B 124 -21.43 -6.33 -19.56
N LEU B 125 -22.42 -7.03 -20.10
CA LEU B 125 -22.75 -7.18 -21.52
C LEU B 125 -23.67 -8.40 -21.61
N SER B 126 -24.81 -8.27 -22.30
CA SER B 126 -25.72 -9.41 -22.47
C SER B 126 -26.32 -9.34 -23.86
N ASP B 127 -27.14 -10.34 -24.21
CA ASP B 127 -27.79 -10.33 -25.51
C ASP B 127 -28.70 -9.13 -25.66
N GLU B 128 -29.43 -8.78 -24.59
CA GLU B 128 -30.45 -7.75 -24.68
C GLU B 128 -29.95 -6.35 -24.39
N PHE B 129 -28.94 -6.18 -23.54
CA PHE B 129 -28.54 -4.84 -23.12
C PHE B 129 -27.02 -4.76 -23.05
N HIS B 130 -26.49 -3.53 -23.13
CA HIS B 130 -25.07 -3.33 -22.88
C HIS B 130 -24.95 -2.02 -22.11
N PRO B 131 -25.44 -2.03 -20.87
CA PRO B 131 -25.65 -0.78 -20.14
C PRO B 131 -24.37 -0.13 -19.65
N CYS B 132 -23.30 -0.90 -19.47
CA CYS B 132 -22.04 -0.25 -19.08
C CYS B 132 -21.45 0.55 -20.22
N GLN B 133 -21.57 0.05 -21.47
CA GLN B 133 -21.09 0.83 -22.60
C GLN B 133 -21.89 2.11 -22.76
N VAL B 134 -23.20 2.07 -22.47
CA VAL B 134 -23.97 3.30 -22.61
C VAL B 134 -23.62 4.29 -21.51
N LEU B 135 -23.30 3.84 -20.30
CA LEU B 135 -22.74 4.79 -19.32
C LEU B 135 -21.51 5.48 -19.88
N ALA B 136 -20.62 4.72 -20.52
CA ALA B 136 -19.40 5.30 -21.09
C ALA B 136 -19.74 6.24 -22.22
N ASP B 137 -20.74 5.89 -23.03
CA ASP B 137 -21.19 6.77 -24.10
C ASP B 137 -21.68 8.10 -23.55
N LEU B 138 -22.52 8.04 -22.50
CA LEU B 138 -23.07 9.26 -21.91
C LEU B 138 -21.97 10.11 -21.30
N GLN B 139 -20.99 9.48 -20.63
CA GLN B 139 -19.82 10.22 -20.15
C GLN B 139 -19.11 10.91 -21.31
N THR B 140 -18.95 10.22 -22.44
CA THR B 140 -18.24 10.78 -23.59
C THR B 140 -19.00 11.96 -24.16
N ILE B 141 -20.32 11.83 -24.30
CA ILE B 141 -21.14 12.94 -24.82
C ILE B 141 -21.05 14.14 -23.90
N ALA B 142 -21.11 13.93 -22.58
CA ALA B 142 -21.03 15.05 -21.64
C ALA B 142 -19.68 15.75 -21.74
N GLU B 143 -18.60 14.99 -21.93
CA GLU B 143 -17.27 15.58 -22.10
C GLU B 143 -17.23 16.55 -23.27
N ARG B 144 -17.76 16.11 -24.42
CA ARG B 144 -17.69 16.84 -25.67
C ARG B 144 -18.74 17.94 -25.77
N LYS B 145 -19.88 17.79 -25.08
CA LYS B 145 -21.02 18.67 -25.33
C LYS B 145 -21.62 19.33 -24.11
N GLY B 146 -21.29 18.89 -22.91
CA GLY B 146 -21.86 19.46 -21.69
C GLY B 146 -23.15 18.76 -21.29
N ALA B 147 -24.21 19.55 -21.11
CA ALA B 147 -25.49 19.02 -20.67
C ALA B 147 -26.04 18.00 -21.65
N LEU B 148 -26.58 16.90 -21.11
CA LEU B 148 -27.15 15.84 -21.94
C LEU B 148 -28.61 16.12 -22.29
N ARG B 149 -29.35 16.71 -21.36
CA ARG B 149 -30.78 16.87 -21.57
C ARG B 149 -31.08 17.70 -22.81
N GLY B 150 -31.93 17.16 -23.67
CA GLY B 150 -32.36 17.86 -24.87
C GLY B 150 -31.55 17.55 -26.11
N LEU B 151 -30.42 16.87 -25.99
CA LEU B 151 -29.66 16.47 -27.16
C LEU B 151 -30.47 15.49 -28.01
N ARG B 152 -30.13 15.43 -29.28
CA ARG B 152 -30.74 14.45 -30.19
C ARG B 152 -29.69 13.42 -30.56
N LEU B 153 -29.99 12.15 -30.31
CA LEU B 153 -29.09 11.05 -30.57
C LEU B 153 -29.77 10.09 -31.52
N SER B 154 -29.08 9.70 -32.58
CA SER B 154 -29.57 8.71 -33.53
C SER B 154 -28.63 7.53 -33.58
N TYR B 155 -29.18 6.34 -33.48
CA TYR B 155 -28.44 5.10 -33.65
C TYR B 155 -28.85 4.49 -35.00
N PHE B 156 -27.87 3.98 -35.73
CA PHE B 156 -28.10 3.48 -37.08
C PHE B 156 -27.69 2.03 -37.20
N GLY B 157 -28.51 1.23 -37.88
CA GLY B 157 -28.11 -0.13 -38.21
C GLY B 157 -29.06 -1.18 -37.68
N ASP B 158 -28.54 -2.10 -36.87
CA ASP B 158 -29.34 -3.17 -36.30
C ASP B 158 -30.01 -2.64 -35.04
N GLY B 159 -31.30 -2.30 -35.15
CA GLY B 159 -32.06 -1.75 -34.05
C GLY B 159 -32.59 -2.75 -33.06
N ALA B 160 -32.26 -4.03 -33.23
CA ALA B 160 -32.69 -5.08 -32.31
C ALA B 160 -31.59 -5.55 -31.39
N ASN B 161 -30.37 -5.00 -31.51
CA ASN B 161 -29.26 -5.50 -30.74
C ASN B 161 -29.13 -4.77 -29.40
N ASN B 162 -28.15 -5.21 -28.60
CA ASN B 162 -28.05 -4.72 -27.22
C ASN B 162 -27.73 -3.23 -27.15
N MET B 163 -26.94 -2.70 -28.09
CA MET B 163 -26.65 -1.26 -28.05
C MET B 163 -27.88 -0.43 -28.36
N ALA B 164 -28.71 -0.85 -29.32
CA ALA B 164 -29.93 -0.11 -29.61
C ALA B 164 -30.82 -0.05 -28.38
N HIS B 165 -31.00 -1.19 -27.72
CA HIS B 165 -31.85 -1.24 -26.53
C HIS B 165 -31.31 -0.34 -25.43
N SER B 166 -30.00 -0.41 -25.18
CA SER B 166 -29.43 0.38 -24.10
C SER B 166 -29.38 1.86 -24.43
N LEU B 167 -29.11 2.23 -25.69
CA LEU B 167 -29.17 3.65 -26.04
C LEU B 167 -30.56 4.20 -25.86
N LEU B 168 -31.59 3.41 -26.19
CA LEU B 168 -32.96 3.82 -25.92
C LEU B 168 -33.17 4.08 -24.43
N LEU B 169 -32.91 3.06 -23.60
CA LEU B 169 -33.20 3.18 -22.16
C LEU B 169 -32.26 4.17 -21.48
N GLY B 170 -30.96 4.03 -21.70
CA GLY B 170 -30.02 4.93 -21.07
C GLY B 170 -30.14 6.36 -21.57
N GLY B 171 -30.34 6.51 -22.88
CA GLY B 171 -30.48 7.84 -23.45
C GLY B 171 -31.67 8.59 -22.89
N VAL B 172 -32.86 7.97 -22.90
CA VAL B 172 -34.01 8.72 -22.41
C VAL B 172 -33.90 8.95 -20.91
N THR B 173 -33.23 8.04 -20.18
CA THR B 173 -32.97 8.31 -18.78
C THR B 173 -32.17 9.60 -18.58
N ALA B 174 -31.26 9.93 -19.51
CA ALA B 174 -30.46 11.14 -19.46
C ALA B 174 -31.17 12.37 -20.05
N GLY B 175 -32.40 12.21 -20.53
CA GLY B 175 -33.11 13.32 -21.15
C GLY B 175 -32.82 13.52 -22.62
N ILE B 176 -32.20 12.54 -23.27
CA ILE B 176 -31.83 12.61 -24.67
C ILE B 176 -32.97 12.10 -25.53
N HIS B 177 -33.29 12.81 -26.61
CA HIS B 177 -34.23 12.37 -27.61
C HIS B 177 -33.56 11.31 -28.48
N VAL B 178 -34.02 10.06 -28.40
CA VAL B 178 -33.34 8.95 -29.06
C VAL B 178 -34.14 8.53 -30.28
N THR B 179 -33.45 8.42 -31.41
CA THR B 179 -34.00 7.84 -32.62
C THR B 179 -33.22 6.58 -32.96
N VAL B 180 -33.93 5.51 -33.32
CA VAL B 180 -33.32 4.31 -33.88
C VAL B 180 -33.69 4.25 -35.36
N ALA B 181 -32.67 4.23 -36.21
CA ALA B 181 -32.83 4.12 -37.65
C ALA B 181 -32.39 2.71 -38.04
N ALA B 182 -33.34 1.86 -38.44
CA ALA B 182 -33.07 0.46 -38.68
C ALA B 182 -34.02 -0.05 -39.75
N PRO B 183 -33.63 -1.08 -40.50
CA PRO B 183 -34.53 -1.66 -41.51
C PRO B 183 -35.53 -2.59 -40.85
N GLU B 184 -36.53 -2.98 -41.65
CA GLU B 184 -37.62 -3.77 -41.13
C GLU B 184 -37.10 -5.14 -40.72
N GLY B 185 -37.64 -5.69 -39.64
CA GLY B 185 -37.16 -6.95 -39.11
C GLY B 185 -35.96 -6.86 -38.20
N PHE B 186 -35.39 -5.68 -38.02
CA PHE B 186 -34.30 -5.44 -37.08
C PHE B 186 -34.61 -4.24 -36.20
N LEU B 187 -35.81 -4.24 -35.63
CA LEU B 187 -36.33 -3.14 -34.82
C LEU B 187 -36.21 -3.47 -33.34
N PRO B 188 -36.33 -2.45 -32.46
CA PRO B 188 -36.22 -2.71 -31.03
C PRO B 188 -37.26 -3.69 -30.52
N ASP B 189 -36.88 -4.46 -29.51
CA ASP B 189 -37.83 -5.30 -28.80
C ASP B 189 -38.99 -4.46 -28.30
N PRO B 190 -40.24 -4.89 -28.47
CA PRO B 190 -41.36 -4.00 -28.14
C PRO B 190 -41.45 -3.64 -26.68
N SER B 191 -41.10 -4.56 -25.77
CA SER B 191 -41.14 -4.21 -24.36
C SER B 191 -40.04 -3.20 -24.00
N VAL B 192 -38.87 -3.29 -24.63
CA VAL B 192 -37.83 -2.29 -24.41
C VAL B 192 -38.29 -0.94 -24.91
N ARG B 193 -38.86 -0.89 -26.11
CA ARG B 193 -39.33 0.38 -26.65
C ARG B 193 -40.39 1.00 -25.72
N ALA B 194 -41.31 0.19 -25.20
CA ALA B 194 -42.34 0.71 -24.30
C ALA B 194 -41.72 1.26 -23.02
N ALA B 195 -40.77 0.54 -22.43
CA ALA B 195 -40.10 1.02 -21.23
C ALA B 195 -39.39 2.36 -21.49
N ALA B 196 -38.77 2.50 -22.67
CA ALA B 196 -38.09 3.75 -22.98
C ALA B 196 -39.09 4.89 -23.18
N GLU B 197 -40.21 4.61 -23.85
CA GLU B 197 -41.24 5.63 -24.04
C GLU B 197 -41.76 6.11 -22.68
N ARG B 198 -41.93 5.19 -21.73
CA ARG B 198 -42.43 5.56 -20.42
C ARG B 198 -41.41 6.39 -19.66
N ARG B 199 -40.16 5.96 -19.62
CA ARG B 199 -39.14 6.74 -18.94
C ARG B 199 -38.97 8.13 -19.58
N ALA B 200 -39.12 8.20 -20.91
CA ALA B 200 -38.98 9.50 -21.58
C ALA B 200 -40.03 10.50 -21.10
N GLN B 201 -41.22 10.03 -20.70
CA GLN B 201 -42.22 10.95 -20.18
C GLN B 201 -41.74 11.67 -18.93
N ASP B 202 -40.88 11.03 -18.13
CA ASP B 202 -40.35 11.67 -16.92
C ASP B 202 -39.25 12.69 -17.21
N THR B 203 -38.47 12.50 -18.27
CA THR B 203 -37.29 13.33 -18.49
C THR B 203 -37.43 14.36 -19.59
N GLY B 204 -38.59 14.45 -20.25
CA GLY B 204 -38.75 15.34 -21.38
C GLY B 204 -38.15 14.83 -22.66
N ALA B 205 -37.68 13.58 -22.70
CA ALA B 205 -37.06 12.99 -23.87
C ALA B 205 -38.15 12.43 -24.79
N SER B 206 -37.73 11.64 -25.78
CA SER B 206 -38.67 11.01 -26.70
C SER B 206 -38.00 9.81 -27.33
N VAL B 207 -38.81 8.98 -27.97
CA VAL B 207 -38.39 7.77 -28.67
C VAL B 207 -38.94 7.83 -30.10
N THR B 208 -38.05 7.64 -31.08
CA THR B 208 -38.44 7.55 -32.49
C THR B 208 -37.78 6.33 -33.09
N VAL B 209 -38.55 5.56 -33.88
CA VAL B 209 -38.02 4.44 -34.65
C VAL B 209 -38.43 4.64 -36.11
N THR B 210 -37.44 4.65 -37.00
CA THR B 210 -37.67 5.02 -38.41
C THR B 210 -36.78 4.18 -39.32
N ALA B 211 -37.25 3.97 -40.54
CA ALA B 211 -36.41 3.39 -41.57
C ALA B 211 -35.69 4.45 -42.40
N ASP B 212 -35.87 5.72 -42.09
CA ASP B 212 -35.36 6.85 -42.86
C ASP B 212 -34.05 7.34 -42.27
N ALA B 213 -32.93 6.85 -42.80
CA ALA B 213 -31.62 7.22 -42.26
C ALA B 213 -31.34 8.70 -42.44
N HIS B 214 -31.76 9.26 -43.58
CA HIS B 214 -31.58 10.69 -43.79
C HIS B 214 -32.28 11.49 -42.70
N ALA B 215 -33.53 11.16 -42.41
CA ALA B 215 -34.28 11.91 -41.40
C ALA B 215 -33.66 11.73 -40.02
N ALA B 216 -33.16 10.53 -39.74
CA ALA B 216 -32.55 10.29 -38.43
C ALA B 216 -31.25 11.09 -38.27
N ALA B 217 -30.49 11.26 -39.35
CA ALA B 217 -29.26 12.02 -39.26
C ALA B 217 -29.50 13.52 -39.20
N ALA B 218 -30.55 14.01 -39.87
CA ALA B 218 -30.81 15.44 -39.97
C ALA B 218 -30.97 16.04 -38.59
N GLY B 219 -30.10 17.00 -38.25
CA GLY B 219 -30.16 17.66 -36.97
C GLY B 219 -29.69 16.86 -35.79
N ALA B 220 -29.13 15.66 -35.99
CA ALA B 220 -28.63 14.88 -34.87
C ALA B 220 -27.41 15.53 -34.23
N ASP B 221 -27.31 15.40 -32.90
CA ASP B 221 -26.13 15.85 -32.16
C ASP B 221 -25.16 14.72 -31.89
N VAL B 222 -25.65 13.48 -31.86
CA VAL B 222 -24.83 12.30 -31.61
C VAL B 222 -25.31 11.24 -32.60
N LEU B 223 -24.38 10.66 -33.35
CA LEU B 223 -24.68 9.61 -34.32
C LEU B 223 -23.90 8.36 -33.91
N VAL B 224 -24.60 7.24 -33.78
CA VAL B 224 -24.05 6.02 -33.23
C VAL B 224 -24.33 4.88 -34.18
N THR B 225 -23.39 3.93 -34.26
CA THR B 225 -23.67 2.68 -34.93
C THR B 225 -22.84 1.60 -34.25
N ASP B 226 -22.93 0.39 -34.79
CA ASP B 226 -22.37 -0.79 -34.15
C ASP B 226 -22.26 -1.84 -35.25
N THR B 227 -21.50 -2.90 -34.99
CA THR B 227 -21.36 -3.92 -36.02
C THR B 227 -22.73 -4.49 -36.38
N TRP B 228 -22.85 -4.92 -37.64
CA TRP B 228 -24.14 -5.37 -38.15
C TRP B 228 -24.44 -6.82 -37.82
N THR B 229 -23.47 -7.59 -37.32
CA THR B 229 -23.70 -9.02 -37.10
C THR B 229 -23.83 -9.37 -35.62
N ARG B 240 -28.68 -10.32 -43.63
CA ARG B 240 -27.34 -10.50 -44.16
C ARG B 240 -26.48 -9.26 -43.84
N VAL B 241 -25.99 -8.56 -44.86
CA VAL B 241 -25.55 -7.18 -44.71
C VAL B 241 -26.41 -6.24 -45.53
N LYS B 242 -27.19 -6.75 -46.45
CA LYS B 242 -27.88 -5.98 -47.46
C LYS B 242 -28.96 -5.06 -46.87
N PRO B 243 -29.74 -5.48 -45.87
CA PRO B 243 -30.71 -4.53 -45.28
C PRO B 243 -30.06 -3.33 -44.57
N PHE B 244 -28.79 -3.43 -44.19
CA PHE B 244 -28.15 -2.39 -43.38
C PHE B 244 -27.36 -1.39 -44.18
N ARG B 245 -27.04 -1.70 -45.44
CA ARG B 245 -26.23 -0.81 -46.27
C ARG B 245 -26.76 0.63 -46.35
N PRO B 246 -28.07 0.89 -46.44
CA PRO B 246 -28.53 2.29 -46.45
C PRO B 246 -28.30 3.02 -45.15
N PHE B 247 -27.95 2.30 -44.08
CA PHE B 247 -27.76 2.90 -42.77
C PHE B 247 -26.29 3.09 -42.42
N GLN B 248 -25.39 2.79 -43.35
CA GLN B 248 -23.96 2.99 -43.11
C GLN B 248 -23.71 4.43 -42.68
N LEU B 249 -22.93 4.58 -41.63
CA LEU B 249 -22.62 5.91 -41.09
C LEU B 249 -21.41 6.41 -41.87
N ASN B 250 -21.69 7.10 -42.97
CA ASN B 250 -20.67 7.62 -43.87
C ASN B 250 -20.66 9.15 -43.82
N SER B 251 -19.76 9.75 -44.61
CA SER B 251 -19.63 11.21 -44.63
C SER B 251 -20.91 11.89 -45.10
N ARG B 252 -21.65 11.26 -46.04
CA ARG B 252 -22.87 11.87 -46.55
C ARG B 252 -23.91 12.01 -45.44
N LEU B 253 -24.08 10.97 -44.63
CA LEU B 253 -24.98 11.01 -43.49
C LEU B 253 -24.53 12.03 -42.46
N LEU B 254 -23.24 11.98 -42.10
CA LEU B 254 -22.72 12.89 -41.09
C LEU B 254 -22.91 14.35 -41.49
N ALA B 255 -22.84 14.65 -42.79
CA ALA B 255 -22.98 16.03 -43.27
C ALA B 255 -24.34 16.63 -42.95
N LEU B 256 -25.35 15.80 -42.68
CA LEU B 256 -26.69 16.28 -42.35
C LEU B 256 -26.86 16.65 -40.88
N ALA B 257 -25.91 16.32 -40.02
CA ALA B 257 -26.10 16.49 -38.59
C ALA B 257 -25.94 17.95 -38.18
N ASP B 258 -26.29 18.23 -36.92
CA ASP B 258 -25.98 19.52 -36.31
C ASP B 258 -24.47 19.77 -36.34
N SER B 259 -24.07 21.04 -36.38
CA SER B 259 -22.65 21.34 -36.26
C SER B 259 -22.13 20.78 -34.94
N ASP B 260 -20.85 20.41 -34.94
CA ASP B 260 -20.17 19.85 -33.76
C ASP B 260 -20.80 18.53 -33.29
N ALA B 261 -21.52 17.82 -34.16
CA ALA B 261 -22.02 16.50 -33.77
C ALA B 261 -20.86 15.54 -33.54
N ILE B 262 -21.09 14.51 -32.72
CA ILE B 262 -20.06 13.52 -32.44
C ILE B 262 -20.56 12.14 -32.85
N VAL B 263 -19.60 11.26 -33.16
CA VAL B 263 -19.89 9.91 -33.64
C VAL B 263 -19.37 8.92 -32.60
N LEU B 264 -20.19 7.94 -32.26
CA LEU B 264 -19.85 6.91 -31.29
C LEU B 264 -19.98 5.55 -31.95
N HIS B 265 -19.23 4.58 -31.42
CA HIS B 265 -19.23 3.23 -31.95
C HIS B 265 -18.57 2.33 -30.92
N CYS B 266 -19.35 1.43 -30.32
CA CYS B 266 -18.81 0.39 -29.46
C CYS B 266 -17.79 -0.41 -30.27
N LEU B 267 -16.54 -0.42 -29.82
CA LEU B 267 -15.52 -1.08 -30.62
C LEU B 267 -15.56 -2.59 -30.41
N PRO B 268 -15.11 -3.38 -31.40
CA PRO B 268 -14.44 -3.00 -32.65
C PRO B 268 -15.40 -2.52 -33.75
N ALA B 269 -14.86 -1.72 -34.67
CA ALA B 269 -15.57 -1.29 -35.85
C ALA B 269 -15.07 -2.09 -37.05
N HIS B 270 -15.98 -2.36 -37.98
CA HIS B 270 -15.63 -3.00 -39.25
C HIS B 270 -15.61 -1.91 -40.31
N ARG B 271 -14.44 -1.27 -40.47
CA ARG B 271 -14.34 -0.12 -41.35
C ARG B 271 -14.72 -0.51 -42.78
N GLY B 272 -15.63 0.25 -43.38
CA GLY B 272 -16.15 -0.04 -44.68
C GLY B 272 -17.51 -0.70 -44.69
N ASP B 273 -17.91 -1.28 -43.55
CA ASP B 273 -19.28 -1.75 -43.40
C ASP B 273 -20.14 -0.69 -42.72
N GLU B 274 -20.32 -0.79 -41.40
CA GLU B 274 -21.30 0.11 -40.77
C GLU B 274 -20.77 1.54 -40.64
N ILE B 275 -19.47 1.74 -40.84
CA ILE B 275 -18.84 3.05 -40.65
C ILE B 275 -17.65 3.11 -41.59
N THR B 276 -17.34 4.32 -42.08
CA THR B 276 -16.25 4.49 -43.03
C THR B 276 -15.02 5.04 -42.34
N ASP B 277 -13.85 4.81 -42.96
CA ASP B 277 -12.61 5.39 -42.47
C ASP B 277 -12.74 6.89 -42.25
N ALA B 278 -13.35 7.59 -43.21
CA ALA B 278 -13.45 9.04 -43.13
C ALA B 278 -14.23 9.49 -41.89
N VAL B 279 -15.27 8.75 -41.53
CA VAL B 279 -16.02 9.09 -40.32
C VAL B 279 -15.25 8.66 -39.06
N MET B 280 -14.70 7.44 -39.04
CA MET B 280 -13.96 6.96 -37.88
C MET B 280 -12.80 7.87 -37.49
N ASP B 281 -12.08 8.39 -38.48
CA ASP B 281 -10.84 9.10 -38.23
C ASP B 281 -11.00 10.60 -38.32
N GLY B 282 -12.21 11.08 -38.60
CA GLY B 282 -12.47 12.50 -38.71
C GLY B 282 -12.68 13.16 -37.37
N PRO B 283 -12.93 14.48 -37.41
CA PRO B 283 -12.99 15.26 -36.17
C PRO B 283 -14.28 15.09 -35.38
N ALA B 284 -15.32 14.49 -35.96
CA ALA B 284 -16.52 14.22 -35.17
C ALA B 284 -16.38 12.95 -34.34
N SER B 285 -15.45 12.07 -34.71
CA SER B 285 -15.31 10.79 -34.01
C SER B 285 -14.92 10.99 -32.56
N ALA B 286 -15.60 10.29 -31.66
CA ALA B 286 -15.19 10.23 -30.27
C ALA B 286 -15.00 8.79 -29.80
N VAL B 287 -14.72 7.88 -30.73
CA VAL B 287 -14.72 6.46 -30.40
C VAL B 287 -13.55 6.09 -29.50
N TRP B 288 -12.44 6.85 -29.55
CA TRP B 288 -11.28 6.50 -28.75
C TRP B 288 -11.51 6.87 -27.29
N ASP B 289 -11.95 8.11 -27.03
CA ASP B 289 -12.34 8.50 -25.67
C ASP B 289 -13.47 7.60 -25.16
N GLU B 290 -14.42 7.27 -26.04
CA GLU B 290 -15.55 6.41 -25.67
C GLU B 290 -15.07 5.06 -25.16
N ALA B 291 -14.11 4.46 -25.88
CA ALA B 291 -13.55 3.20 -25.45
C ALA B 291 -12.84 3.34 -24.10
N GLU B 292 -12.05 4.41 -23.93
CA GLU B 292 -11.37 4.65 -22.66
C GLU B 292 -12.37 4.80 -21.52
N ASN B 293 -13.48 5.49 -21.77
CA ASN B 293 -14.44 5.78 -20.69
C ASN B 293 -15.18 4.55 -20.18
N ARG B 294 -15.07 3.39 -20.85
CA ARG B 294 -15.54 2.17 -20.21
C ARG B 294 -14.88 1.97 -18.85
N LEU B 295 -13.58 2.27 -18.77
CA LEU B 295 -12.84 2.11 -17.52
C LEU B 295 -13.45 2.98 -16.42
N HIS B 296 -13.62 4.27 -16.73
CA HIS B 296 -14.05 5.24 -15.74
C HIS B 296 -15.52 5.04 -15.36
N ALA B 297 -16.39 4.84 -16.36
CA ALA B 297 -17.81 4.67 -16.09
C ALA B 297 -18.07 3.40 -15.27
N GLN B 298 -17.36 2.31 -15.57
CA GLN B 298 -17.59 1.08 -14.83
C GLN B 298 -17.07 1.21 -13.40
N LYS B 299 -15.94 1.90 -13.21
CA LYS B 299 -15.47 2.16 -11.87
C LYS B 299 -16.49 2.97 -11.07
N ALA B 300 -17.07 3.99 -11.71
CA ALA B 300 -18.10 4.80 -11.05
C ALA B 300 -19.29 3.96 -10.65
N LEU B 301 -19.76 3.10 -11.56
CA LEU B 301 -20.88 2.23 -11.26
C LEU B 301 -20.58 1.36 -10.04
N LEU B 302 -19.39 0.75 -10.01
CA LEU B 302 -19.01 -0.10 -8.88
C LEU B 302 -18.99 0.69 -7.58
N VAL B 303 -18.33 1.85 -7.59
CA VAL B 303 -18.27 2.69 -6.39
C VAL B 303 -19.68 3.00 -5.91
N TRP B 304 -20.55 3.40 -6.83
CA TRP B 304 -21.90 3.81 -6.45
C TRP B 304 -22.70 2.63 -5.91
N LEU B 305 -22.64 1.47 -6.57
CA LEU B 305 -23.37 0.29 -6.08
C LEU B 305 -22.83 -0.17 -4.74
N LEU B 306 -21.52 -0.14 -4.56
CA LEU B 306 -20.93 -0.65 -3.32
C LEU B 306 -21.34 0.22 -2.14
N GLU B 307 -21.41 1.52 -2.38
CA GLU B 307 -21.77 2.47 -1.34
C GLU B 307 -23.21 2.30 -0.88
N ARG B 308 -24.04 1.67 -1.70
CA ARG B 308 -25.47 1.50 -1.43
C ARG B 308 -25.83 0.06 -1.10
N SER B 309 -24.84 -0.81 -0.96
CA SER B 309 -25.14 -2.23 -0.89
C SER B 309 -24.26 -2.90 0.16
N VAL C 3 9.92 11.60 -27.34
CA VAL C 3 10.10 10.42 -28.16
C VAL C 3 9.87 9.12 -27.37
N ILE C 4 8.97 8.28 -27.87
CA ILE C 4 8.60 7.04 -27.21
C ILE C 4 9.59 5.96 -27.63
N ARG C 5 10.16 5.26 -26.65
CA ARG C 5 11.14 4.23 -26.94
C ARG C 5 10.49 2.84 -26.95
N HIS C 6 10.91 2.01 -27.90
CA HIS C 6 10.45 0.64 -28.01
C HIS C 6 11.64 -0.30 -27.90
N PHE C 7 11.35 -1.59 -27.66
CA PHE C 7 12.38 -2.61 -27.59
C PHE C 7 11.85 -3.82 -28.36
N LEU C 8 12.07 -3.82 -29.67
CA LEU C 8 11.59 -4.86 -30.56
C LEU C 8 12.68 -5.84 -30.96
N ARG C 9 13.94 -5.44 -30.84
CA ARG C 9 15.11 -6.24 -31.18
C ARG C 9 16.28 -5.67 -30.38
N ASP C 10 17.33 -6.48 -30.21
CA ASP C 10 18.32 -6.21 -29.17
C ASP C 10 19.07 -4.91 -29.41
N ASP C 11 19.29 -4.55 -30.66
CA ASP C 11 20.04 -3.35 -30.99
C ASP C 11 19.17 -2.09 -31.02
N ASP C 12 17.91 -2.17 -30.58
CA ASP C 12 17.16 -0.95 -30.30
C ASP C 12 17.76 -0.17 -29.14
N LEU C 13 18.59 -0.81 -28.33
CA LEU C 13 19.40 -0.14 -27.32
C LEU C 13 20.81 0.02 -27.86
N SER C 14 21.36 1.23 -27.71
CA SER C 14 22.77 1.44 -27.98
C SER C 14 23.61 0.69 -26.94
N PRO C 15 24.91 0.50 -27.19
CA PRO C 15 25.76 -0.07 -26.14
C PRO C 15 25.66 0.64 -24.81
N ALA C 16 25.63 1.98 -24.80
CA ALA C 16 25.50 2.72 -23.53
C ALA C 16 24.14 2.45 -22.89
N GLU C 17 23.07 2.43 -23.69
CA GLU C 17 21.74 2.19 -23.13
C GLU C 17 21.61 0.77 -22.60
N GLN C 18 22.12 -0.22 -23.33
CA GLN C 18 22.12 -1.58 -22.83
C GLN C 18 22.81 -1.69 -21.47
N ALA C 19 23.94 -1.00 -21.32
CA ALA C 19 24.65 -1.02 -20.05
C ALA C 19 23.79 -0.43 -18.94
N GLU C 20 23.03 0.62 -19.24
CA GLU C 20 22.14 1.21 -18.24
C GLU C 20 21.06 0.20 -17.82
N VAL C 21 20.47 -0.51 -18.79
CA VAL C 21 19.42 -1.48 -18.47
C VAL C 21 19.99 -2.62 -17.64
N LEU C 22 21.19 -3.10 -17.98
CA LEU C 22 21.75 -4.22 -17.25
C LEU C 22 22.15 -3.82 -15.83
N GLU C 23 22.65 -2.59 -15.65
CA GLU C 23 22.92 -2.08 -14.31
C GLU C 23 21.64 -2.05 -13.48
N LEU C 24 20.56 -1.56 -14.08
CA LEU C 24 19.27 -1.50 -13.40
C LEU C 24 18.77 -2.89 -13.05
N ALA C 25 18.99 -3.88 -13.93
CA ALA C 25 18.61 -5.26 -13.61
C ALA C 25 19.32 -5.75 -12.37
N ALA C 26 20.61 -5.43 -12.22
CA ALA C 26 21.32 -5.85 -11.00
C ALA C 26 20.77 -5.14 -9.78
N GLU C 27 20.43 -3.85 -9.92
CA GLU C 27 19.87 -3.10 -8.79
C GLU C 27 18.51 -3.66 -8.40
N LEU C 28 17.69 -4.01 -9.38
CA LEU C 28 16.36 -4.56 -9.09
C LEU C 28 16.45 -5.95 -8.47
N LYS C 29 17.46 -6.73 -8.85
CA LYS C 29 17.59 -8.03 -8.24
C LYS C 29 17.91 -7.90 -6.76
N LYS C 30 18.68 -6.88 -6.39
CA LYS C 30 18.98 -6.62 -4.99
C LYS C 30 17.77 -6.09 -4.25
N ASP C 31 17.00 -5.19 -4.87
CA ASP C 31 15.91 -4.47 -4.22
C ASP C 31 14.68 -4.53 -5.13
N PRO C 32 13.95 -5.66 -5.12
CA PRO C 32 12.98 -5.92 -6.19
C PRO C 32 11.71 -5.08 -6.14
N VAL C 33 11.42 -4.38 -5.03
CA VAL C 33 10.21 -3.57 -4.98
C VAL C 33 10.53 -2.10 -4.71
N SER C 34 11.78 -1.68 -4.99
CA SER C 34 12.20 -0.30 -4.74
C SER C 34 11.81 0.66 -5.85
N ARG C 35 11.47 0.15 -7.03
CA ARG C 35 11.10 0.99 -8.17
C ARG C 35 9.62 0.79 -8.44
N ARG C 36 8.84 1.86 -8.37
CA ARG C 36 7.38 1.75 -8.50
C ARG C 36 6.85 2.72 -9.54
N PRO C 37 7.33 2.63 -10.79
CA PRO C 37 6.83 3.56 -11.83
C PRO C 37 5.39 3.26 -12.22
N LEU C 38 4.87 2.09 -11.87
CA LEU C 38 3.50 1.73 -12.23
C LEU C 38 2.57 1.78 -11.02
N GLN C 39 2.99 2.46 -9.96
CA GLN C 39 2.15 2.61 -8.77
C GLN C 39 0.76 3.14 -9.12
N GLY C 40 -0.25 2.58 -8.48
CA GLY C 40 -1.60 2.99 -8.78
C GLY C 40 -2.67 2.01 -8.37
N PRO C 41 -2.75 0.86 -9.07
CA PRO C 41 -1.85 0.46 -10.16
C PRO C 41 -2.14 1.10 -11.50
N ARG C 42 -1.08 1.32 -12.28
CA ARG C 42 -1.20 1.53 -13.72
C ARG C 42 -1.16 0.18 -14.40
N GLY C 43 -1.77 0.09 -15.57
CA GLY C 43 -1.79 -1.16 -16.30
C GLY C 43 -0.63 -1.33 -17.24
N VAL C 44 -0.32 -2.60 -17.56
CA VAL C 44 0.56 -2.98 -18.65
C VAL C 44 -0.12 -4.12 -19.39
N ALA C 45 -0.28 -4.00 -20.69
CA ALA C 45 -0.86 -5.11 -21.46
C ALA C 45 0.23 -6.14 -21.74
N VAL C 46 -0.09 -7.41 -21.53
CA VAL C 46 0.82 -8.52 -21.84
C VAL C 46 0.04 -9.47 -22.75
N ILE C 47 0.36 -9.44 -24.05
CA ILE C 47 -0.50 -10.01 -25.09
C ILE C 47 0.23 -11.16 -25.76
N PHE C 48 -0.45 -12.30 -25.91
CA PHE C 48 0.15 -13.50 -26.50
C PHE C 48 -0.65 -13.94 -27.73
N ASP C 49 -0.02 -13.82 -28.91
CA ASP C 49 -0.62 -14.44 -30.09
C ASP C 49 -0.47 -15.96 -30.03
N LYS C 50 0.57 -16.44 -29.33
CA LYS C 50 0.80 -17.83 -28.98
C LYS C 50 1.26 -17.84 -27.54
N ASN C 51 0.64 -18.66 -26.71
CA ASN C 51 0.94 -18.61 -25.28
C ASN C 51 2.38 -19.01 -24.99
N SER C 52 2.93 -18.38 -23.96
CA SER C 52 4.23 -18.79 -23.41
C SER C 52 4.11 -18.61 -21.90
N THR C 53 3.96 -19.74 -21.20
CA THR C 53 3.69 -19.66 -19.76
C THR C 53 4.87 -19.01 -19.02
N ARG C 54 6.10 -19.33 -19.41
CA ARG C 54 7.26 -18.76 -18.72
C ARG C 54 7.37 -17.26 -18.96
N THR C 55 7.12 -16.82 -20.19
CA THR C 55 7.10 -15.39 -20.48
C THR C 55 6.01 -14.68 -19.68
N ARG C 56 4.82 -15.27 -19.62
CA ARG C 56 3.71 -14.61 -18.92
C ARG C 56 3.98 -14.59 -17.42
N PHE C 57 4.45 -15.71 -16.88
CA PHE C 57 4.78 -15.82 -15.46
C PHE C 57 5.76 -14.72 -15.04
N SER C 58 6.84 -14.55 -15.80
CA SER C 58 7.88 -13.61 -15.40
C SER C 58 7.41 -12.16 -15.55
N PHE C 59 6.72 -11.83 -16.65
CA PHE C 59 6.23 -10.45 -16.79
C PHE C 59 5.14 -10.13 -15.77
N GLU C 60 4.22 -11.06 -15.54
CA GLU C 60 3.11 -10.75 -14.63
C GLU C 60 3.60 -10.43 -13.23
N LEU C 61 4.51 -11.24 -12.71
CA LEU C 61 5.05 -10.97 -11.38
C LEU C 61 5.92 -9.70 -11.40
N GLY C 62 6.72 -9.51 -12.44
CA GLY C 62 7.58 -8.32 -12.50
C GLY C 62 6.78 -7.04 -12.52
N ILE C 63 5.71 -7.00 -13.30
CA ILE C 63 4.86 -5.82 -13.37
C ILE C 63 4.24 -5.52 -12.02
N ALA C 64 3.80 -6.57 -11.32
CA ALA C 64 3.23 -6.38 -9.98
C ALA C 64 4.25 -5.77 -9.02
N GLN C 65 5.51 -6.20 -9.13
CA GLN C 65 6.55 -5.68 -8.25
C GLN C 65 6.96 -4.28 -8.62
N LEU C 66 6.60 -3.79 -9.80
CA LEU C 66 6.74 -2.38 -10.15
C LEU C 66 5.54 -1.57 -9.72
N GLY C 67 4.60 -2.18 -8.98
CA GLY C 67 3.38 -1.54 -8.52
C GLY C 67 2.22 -1.60 -9.49
N GLY C 68 2.39 -2.22 -10.65
CA GLY C 68 1.37 -2.20 -11.68
C GLY C 68 0.47 -3.43 -11.64
N HIS C 69 -0.43 -3.48 -12.62
CA HIS C 69 -1.30 -4.62 -12.83
C HIS C 69 -1.17 -5.06 -14.28
N ALA C 70 -0.68 -6.27 -14.49
CA ALA C 70 -0.60 -6.81 -15.84
C ALA C 70 -1.98 -7.28 -16.28
N VAL C 71 -2.43 -6.79 -17.43
CA VAL C 71 -3.62 -7.37 -18.04
C VAL C 71 -3.15 -8.31 -19.13
N VAL C 72 -3.33 -9.60 -18.89
CA VAL C 72 -2.82 -10.64 -19.77
C VAL C 72 -3.92 -11.01 -20.75
N VAL C 73 -3.57 -11.01 -22.04
CA VAL C 73 -4.47 -11.45 -23.11
C VAL C 73 -3.82 -12.68 -23.74
N ASP C 74 -4.45 -13.84 -23.58
CA ASP C 74 -3.98 -15.13 -24.07
C ASP C 74 -4.47 -15.37 -25.49
N SER C 75 -3.98 -16.47 -26.09
CA SER C 75 -4.41 -16.78 -27.45
C SER C 75 -5.86 -17.24 -27.51
N GLY C 76 -6.54 -17.38 -26.37
CA GLY C 76 -7.98 -17.62 -26.37
C GLY C 76 -8.80 -16.43 -26.88
N SER C 77 -8.25 -15.22 -26.82
CA SER C 77 -8.91 -14.08 -27.43
C SER C 77 -8.69 -14.08 -28.94
N THR C 78 -9.60 -13.40 -29.65
CA THR C 78 -9.41 -13.21 -31.09
C THR C 78 -8.06 -12.57 -31.36
N GLN C 79 -7.33 -13.11 -32.32
CA GLN C 79 -5.96 -12.65 -32.56
C GLN C 79 -5.94 -11.18 -32.96
N LEU C 80 -4.99 -10.46 -32.39
CA LEU C 80 -4.89 -9.02 -32.62
C LEU C 80 -4.72 -8.75 -34.12
N GLY C 81 -5.54 -7.84 -34.64
CA GLY C 81 -5.56 -7.55 -36.04
C GLY C 81 -6.65 -8.26 -36.83
N ARG C 82 -7.39 -9.19 -36.22
CA ARG C 82 -8.40 -9.93 -36.97
C ARG C 82 -9.80 -9.30 -36.91
N ASP C 83 -10.31 -8.98 -35.71
CA ASP C 83 -11.64 -8.35 -35.64
C ASP C 83 -11.55 -6.84 -35.53
N GLU C 84 -10.35 -6.28 -35.59
CA GLU C 84 -10.11 -4.85 -35.45
C GLU C 84 -8.72 -4.59 -36.02
N THR C 85 -8.51 -3.45 -36.66
CA THR C 85 -7.18 -3.20 -37.19
C THR C 85 -6.18 -3.07 -36.07
N LEU C 86 -4.96 -3.52 -36.34
CA LEU C 86 -3.89 -3.39 -35.37
C LEU C 86 -3.72 -1.95 -34.91
N GLN C 87 -3.87 -1.00 -35.84
CA GLN C 87 -3.72 0.42 -35.49
C GLN C 87 -4.81 0.89 -34.53
N ASP C 88 -6.06 0.44 -34.76
CA ASP C 88 -7.14 0.81 -33.85
C ASP C 88 -6.89 0.24 -32.46
N THR C 89 -6.46 -1.02 -32.37
CA THR C 89 -6.21 -1.62 -31.06
C THR C 89 -5.07 -0.89 -30.35
N ALA C 90 -4.02 -0.53 -31.08
CA ALA C 90 -2.93 0.22 -30.49
C ALA C 90 -3.42 1.54 -29.91
N LYS C 91 -4.35 2.21 -30.60
CA LYS C 91 -4.71 3.53 -30.13
C LYS C 91 -5.53 3.43 -28.84
N VAL C 92 -6.35 2.39 -28.71
CA VAL C 92 -7.12 2.24 -27.47
C VAL C 92 -6.22 1.73 -26.34
N LEU C 93 -5.32 0.79 -26.65
CA LEU C 93 -4.40 0.29 -25.64
C LEU C 93 -3.60 1.43 -25.02
N SER C 94 -3.20 2.41 -25.82
CA SER C 94 -2.44 3.55 -25.32
C SER C 94 -3.23 4.37 -24.30
N ARG C 95 -4.57 4.28 -24.30
CA ARG C 95 -5.40 4.91 -23.29
C ARG C 95 -5.52 4.10 -22.01
N TYR C 96 -5.27 2.78 -22.08
CA TYR C 96 -5.49 1.91 -20.94
C TYR C 96 -4.24 1.55 -20.18
N VAL C 97 -3.09 1.45 -20.84
CA VAL C 97 -1.89 0.92 -20.20
C VAL C 97 -0.72 1.84 -20.49
N ASP C 98 0.32 1.73 -19.65
CA ASP C 98 1.54 2.51 -19.81
C ASP C 98 2.60 1.82 -20.66
N ALA C 99 2.40 0.55 -21.01
CA ALA C 99 3.31 -0.15 -21.91
C ALA C 99 2.58 -1.37 -22.47
N ILE C 100 3.03 -1.82 -23.63
CA ILE C 100 2.46 -2.98 -24.32
C ILE C 100 3.58 -3.99 -24.49
N VAL C 101 3.42 -5.16 -23.84
CA VAL C 101 4.33 -6.29 -23.98
C VAL C 101 3.63 -7.30 -24.89
N TRP C 102 4.27 -7.69 -26.00
CA TRP C 102 3.57 -8.50 -27.00
C TRP C 102 4.44 -9.66 -27.47
N ARG C 103 3.88 -10.87 -27.45
CA ARG C 103 4.51 -12.05 -28.05
C ARG C 103 3.78 -12.29 -29.37
N THR C 104 4.47 -12.14 -30.49
CA THR C 104 3.82 -12.33 -31.78
C THR C 104 4.79 -13.05 -32.71
N PHE C 105 4.49 -13.02 -34.01
CA PHE C 105 5.21 -13.87 -34.96
C PHE C 105 6.14 -12.99 -35.77
N GLY C 106 5.70 -12.45 -36.91
CA GLY C 106 6.60 -11.69 -37.75
C GLY C 106 6.92 -10.32 -37.22
N GLN C 107 8.14 -9.87 -37.54
CA GLN C 107 8.63 -8.60 -37.03
C GLN C 107 7.80 -7.43 -37.54
N GLU C 108 7.17 -7.57 -38.70
CA GLU C 108 6.41 -6.47 -39.27
C GLU C 108 5.23 -6.09 -38.38
N ARG C 109 4.66 -7.07 -37.67
CA ARG C 109 3.57 -6.75 -36.75
C ARG C 109 4.04 -5.91 -35.59
N LEU C 110 5.19 -6.26 -34.99
CA LEU C 110 5.78 -5.43 -33.94
C LEU C 110 6.07 -4.03 -34.44
N ASP C 111 6.66 -3.92 -35.64
CA ASP C 111 6.92 -2.60 -36.23
C ASP C 111 5.63 -1.80 -36.38
N ALA C 112 4.56 -2.44 -36.84
CA ALA C 112 3.30 -1.73 -37.05
C ALA C 112 2.76 -1.19 -35.74
N MET C 113 2.82 -1.99 -34.68
CA MET C 113 2.36 -1.54 -33.38
C MET C 113 3.21 -0.40 -32.83
N ALA C 114 4.54 -0.52 -32.92
CA ALA C 114 5.40 0.52 -32.38
C ALA C 114 5.23 1.84 -33.11
N SER C 115 4.91 1.79 -34.41
CA SER C 115 4.84 3.02 -35.19
C SER C 115 3.64 3.88 -34.81
N VAL C 116 2.59 3.30 -34.23
CA VAL C 116 1.40 4.07 -33.89
C VAL C 116 1.14 4.15 -32.39
N ALA C 117 1.57 3.16 -31.60
CA ALA C 117 1.34 3.23 -30.17
C ALA C 117 2.08 4.42 -29.58
N THR C 118 1.46 5.08 -28.60
CA THR C 118 2.08 6.19 -27.91
C THR C 118 2.59 5.80 -26.52
N VAL C 119 2.76 4.51 -26.29
CA VAL C 119 3.44 3.97 -25.11
C VAL C 119 4.49 2.98 -25.59
N PRO C 120 5.48 2.64 -24.75
CA PRO C 120 6.52 1.71 -25.19
C PRO C 120 5.96 0.34 -25.51
N VAL C 121 6.47 -0.23 -26.60
CA VAL C 121 6.13 -1.58 -27.03
C VAL C 121 7.35 -2.46 -26.84
N ILE C 122 7.16 -3.62 -26.20
CA ILE C 122 8.24 -4.56 -25.92
C ILE C 122 7.95 -5.87 -26.64
N ASN C 123 8.95 -6.38 -27.37
CA ASN C 123 8.91 -7.73 -27.93
C ASN C 123 9.19 -8.74 -26.82
N ALA C 124 8.14 -9.42 -26.34
CA ALA C 124 8.31 -10.42 -25.28
C ALA C 124 9.02 -11.66 -25.78
N LEU C 125 8.92 -11.94 -27.08
CA LEU C 125 9.39 -13.15 -27.76
C LEU C 125 8.71 -13.13 -29.12
N SER C 126 9.47 -13.34 -30.19
CA SER C 126 8.89 -13.37 -31.53
C SER C 126 9.62 -14.39 -32.38
N ASP C 127 9.20 -14.53 -33.63
CA ASP C 127 9.87 -15.49 -34.51
C ASP C 127 11.32 -15.10 -34.74
N GLU C 128 11.60 -13.81 -34.93
CA GLU C 128 12.94 -13.42 -35.34
C GLU C 128 13.87 -13.11 -34.19
N PHE C 129 13.33 -12.66 -33.06
CA PHE C 129 14.19 -12.25 -31.93
C PHE C 129 13.62 -12.67 -30.58
N HIS C 130 14.50 -12.76 -29.59
CA HIS C 130 14.09 -13.03 -28.19
C HIS C 130 14.95 -12.09 -27.35
N PRO C 131 14.77 -10.77 -27.48
CA PRO C 131 15.68 -9.83 -26.85
C PRO C 131 15.60 -9.70 -25.32
N CYS C 132 14.43 -10.01 -24.79
CA CYS C 132 14.31 -9.99 -23.33
C CYS C 132 15.09 -11.12 -22.70
N GLN C 133 15.10 -12.31 -23.32
CA GLN C 133 15.90 -13.39 -22.76
C GLN C 133 17.38 -13.09 -22.89
N VAL C 134 17.79 -12.45 -23.99
CA VAL C 134 19.22 -12.15 -24.11
C VAL C 134 19.64 -11.10 -23.07
N LEU C 135 18.76 -10.15 -22.70
CA LEU C 135 19.10 -9.26 -21.60
C LEU C 135 19.35 -10.08 -20.33
N ALA C 136 18.46 -11.04 -20.06
CA ALA C 136 18.65 -11.88 -18.88
C ALA C 136 19.94 -12.68 -19.00
N ASP C 137 20.29 -13.12 -20.22
CA ASP C 137 21.54 -13.86 -20.43
C ASP C 137 22.74 -12.97 -20.11
N LEU C 138 22.73 -11.74 -20.60
CA LEU C 138 23.84 -10.82 -20.32
C LEU C 138 23.94 -10.50 -18.84
N GLN C 139 22.78 -10.33 -18.17
CA GLN C 139 22.81 -10.17 -16.71
C GLN C 139 23.49 -11.36 -16.05
N THR C 140 23.16 -12.57 -16.50
CA THR C 140 23.69 -13.79 -15.91
C THR C 140 25.19 -13.90 -16.15
N ILE C 141 25.62 -13.61 -17.38
CA ILE C 141 27.05 -13.65 -17.69
C ILE C 141 27.80 -12.66 -16.81
N ALA C 142 27.25 -11.44 -16.67
CA ALA C 142 27.93 -10.44 -15.84
C ALA C 142 28.07 -10.90 -14.40
N GLU C 143 27.03 -11.55 -13.86
CA GLU C 143 27.10 -12.06 -12.49
C GLU C 143 28.19 -13.10 -12.34
N ARG C 144 28.32 -13.98 -13.34
CA ARG C 144 29.21 -15.13 -13.25
C ARG C 144 30.62 -14.81 -13.70
N LYS C 145 30.80 -13.78 -14.54
CA LYS C 145 32.06 -13.57 -15.25
C LYS C 145 32.62 -12.17 -15.07
N GLY C 146 31.82 -11.18 -14.69
CA GLY C 146 32.30 -9.81 -14.51
C GLY C 146 32.01 -8.95 -15.74
N ALA C 147 33.03 -8.23 -16.19
CA ALA C 147 32.85 -7.36 -17.36
C ALA C 147 32.55 -8.18 -18.61
N LEU C 148 31.63 -7.68 -19.43
CA LEU C 148 31.21 -8.41 -20.61
C LEU C 148 32.13 -8.17 -21.81
N ARG C 149 32.72 -6.98 -21.90
CA ARG C 149 33.52 -6.63 -23.07
C ARG C 149 34.65 -7.63 -23.28
N GLY C 150 34.78 -8.13 -24.50
CA GLY C 150 35.87 -9.01 -24.83
C GLY C 150 35.62 -10.49 -24.56
N LEU C 151 34.52 -10.85 -23.90
CA LEU C 151 34.22 -12.26 -23.73
C LEU C 151 33.96 -12.93 -25.07
N ARG C 152 34.16 -14.24 -25.12
CA ARG C 152 33.92 -15.04 -26.31
C ARG C 152 32.73 -15.97 -26.03
N LEU C 153 31.66 -15.78 -26.79
CA LEU C 153 30.42 -16.55 -26.64
C LEU C 153 30.13 -17.33 -27.92
N SER C 154 29.86 -18.63 -27.76
CA SER C 154 29.48 -19.48 -28.89
C SER C 154 28.09 -20.05 -28.65
N TYR C 155 27.24 -19.92 -29.67
CA TYR C 155 25.91 -20.51 -29.70
C TYR C 155 25.91 -21.69 -30.67
N PHE C 156 25.24 -22.77 -30.28
CA PHE C 156 25.25 -24.02 -31.04
C PHE C 156 23.82 -24.44 -31.38
N GLY C 157 23.63 -24.88 -32.62
CA GLY C 157 22.35 -25.48 -32.99
C GLY C 157 21.70 -24.85 -34.19
N ASP C 158 20.43 -24.47 -34.06
CA ASP C 158 19.70 -23.79 -35.13
C ASP C 158 20.14 -22.33 -35.14
N GLY C 159 20.96 -21.97 -36.13
CA GLY C 159 21.54 -20.64 -36.18
C GLY C 159 20.64 -19.56 -36.75
N ALA C 160 19.39 -19.90 -37.08
CA ALA C 160 18.45 -18.92 -37.60
C ALA C 160 17.22 -18.75 -36.72
N ASN C 161 17.24 -19.25 -35.48
CA ASN C 161 16.09 -19.04 -34.63
C ASN C 161 16.25 -17.72 -33.88
N ASN C 162 15.26 -17.41 -33.03
CA ASN C 162 15.26 -16.11 -32.38
C ASN C 162 16.42 -15.94 -31.41
N MET C 163 16.84 -17.00 -30.73
CA MET C 163 17.93 -16.85 -29.77
C MET C 163 19.26 -16.60 -30.48
N ALA C 164 19.52 -17.29 -31.59
CA ALA C 164 20.74 -17.04 -32.36
C ALA C 164 20.80 -15.59 -32.80
N HIS C 165 19.69 -15.07 -33.33
CA HIS C 165 19.67 -13.69 -33.80
C HIS C 165 19.89 -12.71 -32.67
N SER C 166 19.22 -12.93 -31.53
CA SER C 166 19.35 -11.99 -30.43
C SER C 166 20.71 -12.10 -29.75
N LEU C 167 21.29 -13.31 -29.67
CA LEU C 167 22.64 -13.42 -29.13
C LEU C 167 23.64 -12.69 -30.01
N LEU C 168 23.47 -12.76 -31.33
CA LEU C 168 24.32 -11.96 -32.21
C LEU C 168 24.18 -10.47 -31.92
N LEU C 169 22.95 -9.95 -31.95
CA LEU C 169 22.74 -8.52 -31.81
C LEU C 169 23.02 -8.04 -30.41
N GLY C 170 22.45 -8.72 -29.41
CA GLY C 170 22.66 -8.30 -28.03
C GLY C 170 24.10 -8.53 -27.59
N GLY C 171 24.71 -9.62 -28.05
CA GLY C 171 26.08 -9.92 -27.66
C GLY C 171 27.06 -8.88 -28.17
N VAL C 172 27.00 -8.54 -29.47
CA VAL C 172 27.96 -7.57 -29.97
C VAL C 172 27.70 -6.19 -29.39
N THR C 173 26.45 -5.88 -29.05
CA THR C 173 26.14 -4.62 -28.39
C THR C 173 26.88 -4.51 -27.06
N ALA C 174 27.05 -5.64 -26.36
CA ALA C 174 27.80 -5.71 -25.10
C ALA C 174 29.30 -5.86 -25.30
N GLY C 175 29.79 -5.88 -26.54
CA GLY C 175 31.22 -6.04 -26.76
C GLY C 175 31.70 -7.48 -26.76
N ILE C 176 30.79 -8.46 -26.83
CA ILE C 176 31.13 -9.87 -26.79
C ILE C 176 31.41 -10.37 -28.20
N HIS C 177 32.46 -11.18 -28.36
CA HIS C 177 32.76 -11.85 -29.63
C HIS C 177 31.80 -13.04 -29.76
N VAL C 178 30.88 -12.98 -30.71
CA VAL C 178 29.82 -14.00 -30.82
C VAL C 178 30.13 -14.92 -31.98
N THR C 179 30.07 -16.22 -31.71
CA THR C 179 30.15 -17.24 -32.75
C THR C 179 28.86 -18.02 -32.78
N VAL C 180 28.31 -18.23 -33.97
CA VAL C 180 27.16 -19.11 -34.19
C VAL C 180 27.69 -20.34 -34.92
N ALA C 181 27.51 -21.51 -34.31
CA ALA C 181 27.90 -22.79 -34.88
C ALA C 181 26.63 -23.53 -35.27
N ALA C 182 26.42 -23.73 -36.56
CA ALA C 182 25.15 -24.26 -37.05
C ALA C 182 25.41 -25.00 -38.36
N PRO C 183 24.57 -26.01 -38.70
CA PRO C 183 24.71 -26.66 -39.99
C PRO C 183 24.22 -25.83 -41.16
N GLU C 184 24.72 -26.18 -42.36
CA GLU C 184 24.26 -25.48 -43.56
C GLU C 184 22.75 -25.55 -43.66
N GLY C 185 22.14 -24.46 -44.09
CA GLY C 185 20.69 -24.40 -44.20
C GLY C 185 20.07 -23.80 -42.95
N PHE C 186 20.86 -23.72 -41.88
CA PHE C 186 20.31 -23.20 -40.63
C PHE C 186 21.13 -22.02 -40.14
N LEU C 187 21.56 -21.14 -41.05
CA LEU C 187 22.44 -20.02 -40.71
C LEU C 187 21.65 -18.76 -40.41
N PRO C 188 22.26 -17.81 -39.70
CA PRO C 188 21.53 -16.57 -39.34
C PRO C 188 21.00 -15.84 -40.55
N ASP C 189 19.87 -15.17 -40.34
CA ASP C 189 19.32 -14.28 -41.34
C ASP C 189 20.38 -13.27 -41.79
N PRO C 190 20.57 -13.08 -43.10
CA PRO C 190 21.63 -12.18 -43.56
C PRO C 190 21.50 -10.75 -43.07
N SER C 191 20.26 -10.25 -42.95
CA SER C 191 20.07 -8.89 -42.46
C SER C 191 20.50 -8.77 -41.01
N VAL C 192 20.19 -9.78 -40.20
CA VAL C 192 20.58 -9.77 -38.79
C VAL C 192 22.10 -9.86 -38.66
N ARG C 193 22.73 -10.75 -39.43
CA ARG C 193 24.18 -10.87 -39.38
C ARG C 193 24.86 -9.56 -39.77
N ALA C 194 24.37 -8.87 -40.80
CA ALA C 194 25.01 -7.62 -41.20
C ALA C 194 24.80 -6.54 -40.15
N ALA C 195 23.62 -6.50 -39.53
CA ALA C 195 23.39 -5.52 -38.47
C ALA C 195 24.30 -5.78 -37.27
N ALA C 196 24.52 -7.06 -36.95
CA ALA C 196 25.43 -7.39 -35.87
C ALA C 196 26.87 -7.02 -36.24
N GLU C 197 27.26 -7.27 -37.49
CA GLU C 197 28.59 -6.92 -37.93
C GLU C 197 28.83 -5.41 -37.82
N ARG C 198 27.85 -4.59 -38.24
CA ARG C 198 27.99 -3.14 -38.11
C ARG C 198 28.04 -2.70 -36.66
N ARG C 199 27.17 -3.24 -35.81
CA ARG C 199 27.21 -2.89 -34.39
C ARG C 199 28.55 -3.29 -33.76
N ALA C 200 29.09 -4.45 -34.16
CA ALA C 200 30.35 -4.93 -33.58
C ALA C 200 31.50 -3.97 -33.86
N GLN C 201 31.43 -3.20 -34.95
CA GLN C 201 32.48 -2.24 -35.24
C GLN C 201 32.50 -1.09 -34.24
N ASP C 202 31.37 -0.83 -33.56
CA ASP C 202 31.31 0.21 -32.55
C ASP C 202 31.83 -0.25 -31.20
N THR C 203 31.87 -1.55 -30.96
CA THR C 203 32.11 -2.06 -29.61
C THR C 203 33.38 -2.89 -29.49
N GLY C 204 34.11 -3.06 -30.58
CA GLY C 204 35.26 -3.96 -30.57
C GLY C 204 34.90 -5.43 -30.60
N ALA C 205 33.63 -5.76 -30.82
CA ALA C 205 33.20 -7.15 -30.87
C ALA C 205 33.45 -7.72 -32.26
N SER C 206 32.92 -8.91 -32.52
CA SER C 206 33.09 -9.56 -33.81
C SER C 206 32.00 -10.61 -33.95
N VAL C 207 31.77 -11.03 -35.20
CA VAL C 207 30.77 -12.02 -35.55
C VAL C 207 31.47 -13.13 -36.32
N THR C 208 31.20 -14.38 -35.94
CA THR C 208 31.69 -15.55 -36.64
C THR C 208 30.54 -16.53 -36.84
N VAL C 209 30.46 -17.11 -38.04
CA VAL C 209 29.51 -18.17 -38.32
C VAL C 209 30.29 -19.34 -38.91
N THR C 210 30.10 -20.53 -38.32
CA THR C 210 30.90 -21.68 -38.72
C THR C 210 30.07 -22.95 -38.58
N ALA C 211 30.43 -23.96 -39.36
CA ALA C 211 29.88 -25.29 -39.18
C ALA C 211 30.75 -26.16 -38.29
N ASP C 212 31.88 -25.62 -37.82
CA ASP C 212 32.89 -26.37 -37.08
C ASP C 212 32.59 -26.18 -35.60
N ALA C 213 31.82 -27.11 -35.03
CA ALA C 213 31.42 -26.96 -33.63
C ALA C 213 32.63 -27.00 -32.70
N HIS C 214 33.62 -27.85 -33.01
CA HIS C 214 34.78 -27.93 -32.15
C HIS C 214 35.56 -26.63 -32.15
N ALA C 215 35.73 -26.01 -33.31
CA ALA C 215 36.41 -24.71 -33.36
C ALA C 215 35.61 -23.65 -32.61
N ALA C 216 34.28 -23.72 -32.69
CA ALA C 216 33.45 -22.72 -31.99
C ALA C 216 33.58 -22.86 -30.48
N ALA C 217 33.74 -24.08 -29.98
CA ALA C 217 33.84 -24.25 -28.53
C ALA C 217 35.23 -23.89 -28.00
N ALA C 218 36.26 -24.02 -28.82
CA ALA C 218 37.63 -23.83 -28.34
C ALA C 218 37.84 -22.41 -27.82
N GLY C 219 38.27 -22.32 -26.56
CA GLY C 219 38.55 -21.03 -25.96
C GLY C 219 37.34 -20.20 -25.60
N ALA C 220 36.13 -20.72 -25.76
CA ALA C 220 34.95 -19.94 -25.46
C ALA C 220 34.78 -19.73 -23.96
N ASP C 221 34.27 -18.54 -23.60
CA ASP C 221 33.94 -18.19 -22.22
C ASP C 221 32.49 -18.56 -21.88
N VAL C 222 31.61 -18.58 -22.86
CA VAL C 222 30.18 -18.89 -22.66
C VAL C 222 29.74 -19.78 -23.81
N LEU C 223 29.07 -20.90 -23.49
CA LEU C 223 28.48 -21.79 -24.48
C LEU C 223 26.98 -21.76 -24.32
N VAL C 224 26.24 -21.61 -25.43
CA VAL C 224 24.79 -21.45 -25.39
C VAL C 224 24.17 -22.41 -26.39
N THR C 225 23.03 -22.98 -26.04
CA THR C 225 22.21 -23.68 -27.02
C THR C 225 20.74 -23.46 -26.69
N ASP C 226 19.88 -24.04 -27.52
CA ASP C 226 18.44 -23.83 -27.44
C ASP C 226 17.80 -25.05 -28.09
N THR C 227 16.49 -25.21 -27.93
CA THR C 227 15.84 -26.33 -28.59
C THR C 227 16.04 -26.22 -30.10
N TRP C 228 16.10 -27.39 -30.73
CA TRP C 228 16.37 -27.46 -32.16
C TRP C 228 15.12 -27.18 -33.00
N THR C 229 13.94 -27.22 -32.38
CA THR C 229 12.68 -27.03 -33.10
C THR C 229 11.71 -26.25 -32.22
N SER C 230 11.10 -25.22 -32.80
CA SER C 230 9.96 -24.58 -32.16
C SER C 230 8.69 -25.30 -32.58
N MET C 231 7.60 -25.06 -31.84
CA MET C 231 6.35 -25.75 -32.13
C MET C 231 5.91 -25.51 -33.56
N GLY C 232 6.09 -24.29 -34.07
CA GLY C 232 5.72 -23.96 -35.44
C GLY C 232 6.57 -24.62 -36.51
N GLN C 233 7.72 -25.19 -36.13
CA GLN C 233 8.60 -25.86 -37.08
C GLN C 233 8.39 -27.36 -37.14
N GLU C 234 7.58 -27.92 -36.23
CA GLU C 234 7.42 -29.37 -36.15
C GLU C 234 6.88 -29.98 -37.43
N ASN C 235 6.18 -29.19 -38.24
CA ASN C 235 5.60 -29.70 -39.48
C ASN C 235 6.25 -29.09 -40.72
N ASP C 236 7.49 -28.61 -40.61
CA ASP C 236 8.13 -27.96 -41.75
C ASP C 236 8.73 -28.94 -42.75
N GLY C 237 8.68 -30.24 -42.49
CA GLY C 237 9.18 -31.24 -43.42
C GLY C 237 10.61 -31.67 -43.22
N LEU C 238 11.37 -30.97 -42.38
CA LEU C 238 12.79 -31.27 -42.19
C LEU C 238 12.99 -32.30 -41.09
N ASP C 239 14.00 -33.15 -41.28
CA ASP C 239 14.63 -33.86 -40.18
C ASP C 239 15.40 -32.84 -39.35
N ARG C 240 14.87 -32.52 -38.16
CA ARG C 240 15.45 -31.49 -37.32
C ARG C 240 16.23 -32.09 -36.15
N VAL C 241 16.77 -33.28 -36.35
CA VAL C 241 17.62 -33.96 -35.36
C VAL C 241 18.99 -34.26 -35.93
N LYS C 242 19.04 -34.93 -37.07
CA LYS C 242 20.30 -35.45 -37.58
C LYS C 242 21.26 -34.29 -37.94
N PRO C 243 20.81 -33.17 -38.53
CA PRO C 243 21.78 -32.09 -38.81
C PRO C 243 22.40 -31.50 -37.56
N PHE C 244 21.72 -31.57 -36.42
CA PHE C 244 22.14 -30.85 -35.22
C PHE C 244 22.96 -31.70 -34.27
N ARG C 245 22.98 -33.03 -34.45
CA ARG C 245 23.73 -33.89 -33.54
C ARG C 245 25.18 -33.46 -33.32
N PRO C 246 25.95 -33.07 -34.34
CA PRO C 246 27.34 -32.64 -34.09
C PRO C 246 27.44 -31.38 -33.25
N PHE C 247 26.34 -30.66 -33.08
CA PHE C 247 26.31 -29.40 -32.35
C PHE C 247 25.76 -29.56 -30.94
N GLN C 248 25.59 -30.79 -30.48
CA GLN C 248 25.11 -31.02 -29.09
C GLN C 248 26.06 -30.45 -28.06
N LEU C 249 25.51 -29.68 -27.11
CA LEU C 249 26.32 -29.15 -26.00
C LEU C 249 26.49 -30.27 -24.98
N ASN C 250 27.56 -31.02 -25.15
CA ASN C 250 27.84 -32.15 -24.26
C ASN C 250 29.15 -31.93 -23.52
N SER C 251 29.50 -32.88 -22.69
CA SER C 251 30.71 -32.74 -21.87
C SER C 251 31.97 -32.63 -22.72
N ARG C 252 32.04 -33.38 -23.81
CA ARG C 252 33.20 -33.29 -24.69
C ARG C 252 33.35 -31.90 -25.26
N LEU C 253 32.23 -31.29 -25.68
CA LEU C 253 32.28 -29.96 -26.25
C LEU C 253 32.65 -28.93 -25.21
N LEU C 254 32.07 -29.06 -24.00
CA LEU C 254 32.38 -28.14 -22.92
C LEU C 254 33.86 -28.20 -22.53
N ALA C 255 34.46 -29.40 -22.57
CA ALA C 255 35.87 -29.53 -22.19
C ALA C 255 36.81 -28.81 -23.15
N LEU C 256 36.36 -28.54 -24.39
CA LEU C 256 37.15 -27.76 -25.34
C LEU C 256 37.18 -26.28 -25.01
N ALA C 257 36.20 -25.77 -24.28
CA ALA C 257 36.12 -24.35 -23.99
C ALA C 257 37.08 -23.98 -22.86
N ASP C 258 37.15 -22.68 -22.56
CA ASP C 258 37.98 -22.24 -21.45
C ASP C 258 37.57 -22.94 -20.16
N SER C 259 38.55 -23.17 -19.27
CA SER C 259 38.29 -23.96 -18.06
C SER C 259 37.27 -23.30 -17.15
N ASP C 260 37.04 -21.99 -17.29
CA ASP C 260 36.08 -21.27 -16.47
C ASP C 260 34.79 -20.96 -17.20
N ALA C 261 34.54 -21.65 -18.32
CA ALA C 261 33.39 -21.33 -19.17
C ALA C 261 32.08 -21.65 -18.45
N ILE C 262 31.04 -20.90 -18.80
CA ILE C 262 29.69 -21.16 -18.30
C ILE C 262 28.78 -21.54 -19.45
N VAL C 263 27.64 -22.14 -19.10
CA VAL C 263 26.68 -22.67 -20.07
C VAL C 263 25.32 -22.01 -19.84
N LEU C 264 24.68 -21.58 -20.94
CA LEU C 264 23.35 -20.98 -20.91
C LEU C 264 22.41 -21.77 -21.82
N HIS C 265 21.12 -21.77 -21.47
CA HIS C 265 20.08 -22.37 -22.30
C HIS C 265 18.76 -21.73 -21.87
N CYS C 266 18.05 -21.06 -22.79
CA CYS C 266 16.67 -20.66 -22.56
C CYS C 266 15.82 -21.87 -22.20
N LEU C 267 15.12 -21.82 -21.06
CA LEU C 267 14.27 -22.97 -20.75
C LEU C 267 12.95 -22.87 -21.51
N PRO C 268 12.32 -24.01 -21.83
CA PRO C 268 12.72 -25.36 -21.42
C PRO C 268 13.81 -25.98 -22.30
N ALA C 269 14.57 -26.89 -21.71
CA ALA C 269 15.55 -27.69 -22.42
C ALA C 269 15.01 -29.09 -22.63
N HIS C 270 15.51 -29.74 -23.67
CA HIS C 270 15.19 -31.14 -23.92
C HIS C 270 16.46 -31.92 -23.63
N ARG C 271 16.58 -32.40 -22.39
CA ARG C 271 17.76 -33.12 -21.96
C ARG C 271 17.99 -34.33 -22.86
N GLY C 272 19.23 -34.50 -23.28
CA GLY C 272 19.59 -35.58 -24.18
C GLY C 272 19.60 -35.20 -25.65
N ASP C 273 18.95 -34.09 -26.02
CA ASP C 273 18.97 -33.63 -27.40
C ASP C 273 20.05 -32.56 -27.55
N GLU C 274 19.68 -31.28 -27.44
CA GLU C 274 20.65 -30.21 -27.66
C GLU C 274 21.65 -30.05 -26.51
N ILE C 275 21.35 -30.59 -25.34
CA ILE C 275 22.21 -30.43 -24.16
C ILE C 275 22.08 -31.71 -23.35
N THR C 276 23.15 -32.09 -22.66
CA THR C 276 23.13 -33.31 -21.87
C THR C 276 22.90 -33.03 -20.39
N ASP C 277 22.47 -34.08 -19.67
CA ASP C 277 22.29 -33.96 -18.22
C ASP C 277 23.56 -33.52 -17.52
N ALA C 278 24.71 -34.11 -17.89
CA ALA C 278 25.96 -33.77 -17.22
C ALA C 278 26.28 -32.29 -17.35
N VAL C 279 26.01 -31.70 -18.53
CA VAL C 279 26.24 -30.28 -18.71
C VAL C 279 25.19 -29.46 -17.95
N MET C 280 23.92 -29.85 -18.04
CA MET C 280 22.86 -29.06 -17.41
C MET C 280 23.06 -28.96 -15.90
N ASP C 281 23.54 -30.04 -15.30
CA ASP C 281 23.60 -30.19 -13.85
C ASP C 281 25.00 -29.97 -13.26
N GLY C 282 26.01 -29.74 -14.10
CA GLY C 282 27.35 -29.54 -13.62
C GLY C 282 27.63 -28.10 -13.23
N PRO C 283 28.86 -27.85 -12.77
CA PRO C 283 29.19 -26.53 -12.22
C PRO C 283 29.23 -25.42 -13.26
N ALA C 284 29.37 -25.72 -14.55
CA ALA C 284 29.39 -24.66 -15.56
C ALA C 284 28.00 -24.13 -15.86
N SER C 285 26.96 -24.89 -15.55
CA SER C 285 25.61 -24.47 -15.89
C SER C 285 25.20 -23.21 -15.12
N ALA C 286 24.65 -22.24 -15.85
CA ALA C 286 24.07 -21.04 -15.24
C ALA C 286 22.58 -20.92 -15.59
N VAL C 287 21.96 -22.04 -15.98
CA VAL C 287 20.61 -21.98 -16.57
C VAL C 287 19.55 -21.59 -15.54
N TRP C 288 19.77 -21.89 -14.25
CA TRP C 288 18.78 -21.59 -13.22
C TRP C 288 18.76 -20.09 -12.91
N ASP C 289 19.95 -19.50 -12.69
CA ASP C 289 20.05 -18.06 -12.53
C ASP C 289 19.54 -17.35 -13.78
N GLU C 290 19.86 -17.90 -14.95
CA GLU C 290 19.42 -17.33 -16.21
C GLU C 290 17.90 -17.24 -16.29
N ALA C 291 17.21 -18.30 -15.86
CA ALA C 291 15.75 -18.31 -15.89
C ALA C 291 15.20 -17.28 -14.91
N GLU C 292 15.76 -17.22 -13.70
CA GLU C 292 15.35 -16.23 -12.71
C GLU C 292 15.55 -14.81 -13.24
N ASN C 293 16.65 -14.59 -13.96
CA ASN C 293 16.97 -13.22 -14.37
C ASN C 293 16.03 -12.68 -15.44
N ARG C 294 15.19 -13.53 -16.05
CA ARG C 294 14.11 -12.99 -16.89
C ARG C 294 13.27 -12.01 -16.08
N LEU C 295 12.98 -12.33 -14.82
CA LEU C 295 12.22 -11.42 -13.97
C LEU C 295 12.89 -10.06 -13.87
N HIS C 296 14.17 -10.06 -13.52
CA HIS C 296 14.86 -8.82 -13.19
C HIS C 296 15.15 -8.01 -14.42
N ALA C 297 15.63 -8.67 -15.50
CA ALA C 297 15.97 -7.95 -16.72
C ALA C 297 14.74 -7.31 -17.36
N GLN C 298 13.61 -8.02 -17.35
CA GLN C 298 12.38 -7.46 -17.92
C GLN C 298 11.89 -6.29 -17.09
N LYS C 299 11.96 -6.38 -15.76
CA LYS C 299 11.58 -5.26 -14.93
C LYS C 299 12.46 -4.05 -15.21
N ALA C 300 13.77 -4.29 -15.38
CA ALA C 300 14.69 -3.20 -15.66
C ALA C 300 14.36 -2.53 -16.99
N LEU C 301 14.10 -3.35 -18.01
CA LEU C 301 13.72 -2.81 -19.33
C LEU C 301 12.47 -1.95 -19.21
N LEU C 302 11.45 -2.43 -18.49
CA LEU C 302 10.23 -1.64 -18.30
C LEU C 302 10.52 -0.32 -17.59
N VAL C 303 11.27 -0.36 -16.50
CA VAL C 303 11.61 0.87 -15.78
C VAL C 303 12.31 1.84 -16.70
N TRP C 304 13.27 1.34 -17.48
CA TRP C 304 14.09 2.21 -18.31
C TRP C 304 13.25 2.82 -19.43
N LEU C 305 12.45 1.99 -20.11
CA LEU C 305 11.61 2.50 -21.20
C LEU C 305 10.56 3.49 -20.69
N LEU C 306 9.95 3.21 -19.54
CA LEU C 306 8.93 4.11 -19.00
C LEU C 306 9.54 5.47 -18.64
N GLU C 307 10.76 5.47 -18.11
CA GLU C 307 11.42 6.71 -17.72
C GLU C 307 11.76 7.58 -18.92
N ARG C 308 12.10 6.96 -20.07
CA ARG C 308 12.58 7.62 -21.27
C ARG C 308 11.47 8.08 -22.20
N SER C 309 10.23 7.67 -21.92
CA SER C 309 9.17 7.77 -22.92
C SER C 309 8.08 8.76 -22.51
N SER D 2 29.63 -2.28 1.47
CA SER D 2 30.51 -1.29 0.87
C SER D 2 30.66 -0.05 1.75
N VAL D 3 31.26 1.00 1.18
CA VAL D 3 31.50 2.23 1.91
C VAL D 3 30.18 2.94 2.17
N ILE D 4 30.01 3.46 3.38
CA ILE D 4 28.82 4.23 3.72
C ILE D 4 29.06 5.67 3.28
N ARG D 5 28.17 6.20 2.44
CA ARG D 5 28.34 7.54 1.91
C ARG D 5 27.60 8.57 2.76
N HIS D 6 28.25 9.69 3.01
CA HIS D 6 27.67 10.80 3.75
C HIS D 6 27.64 12.06 2.89
N PHE D 7 26.85 13.03 3.31
CA PHE D 7 26.72 14.32 2.62
C PHE D 7 26.73 15.41 3.69
N LEU D 8 27.94 15.83 4.07
CA LEU D 8 28.12 16.82 5.14
C LEU D 8 28.46 18.20 4.60
N ARG D 9 28.97 18.25 3.38
CA ARG D 9 29.32 19.49 2.70
C ARG D 9 29.28 19.19 1.21
N ASP D 10 29.18 20.23 0.40
CA ASP D 10 28.78 20.04 -1.00
C ASP D 10 29.77 19.19 -1.78
N ASP D 11 31.06 19.31 -1.47
CA ASP D 11 32.06 18.58 -2.23
C ASP D 11 32.21 17.13 -1.74
N ASP D 12 31.33 16.67 -0.84
CA ASP D 12 31.28 15.24 -0.56
C ASP D 12 30.79 14.44 -1.75
N LEU D 13 30.15 15.08 -2.73
CA LEU D 13 29.85 14.47 -4.02
C LEU D 13 30.91 14.94 -5.02
N SER D 14 31.44 14.00 -5.81
CA SER D 14 32.32 14.34 -6.91
C SER D 14 31.49 15.01 -7.99
N PRO D 15 32.13 15.62 -8.99
CA PRO D 15 31.35 16.17 -10.11
C PRO D 15 30.40 15.18 -10.77
N ALA D 16 30.86 13.96 -11.07
CA ALA D 16 29.98 12.99 -11.71
C ALA D 16 28.85 12.59 -10.79
N GLU D 17 29.14 12.48 -9.48
CA GLU D 17 28.12 12.04 -8.53
C GLU D 17 27.07 13.12 -8.34
N GLN D 18 27.50 14.38 -8.29
CA GLN D 18 26.54 15.47 -8.18
C GLN D 18 25.62 15.49 -9.39
N ALA D 19 26.19 15.27 -10.58
CA ALA D 19 25.35 15.22 -11.78
C ALA D 19 24.31 14.10 -11.67
N GLU D 20 24.70 12.95 -11.11
CA GLU D 20 23.75 11.86 -10.93
C GLU D 20 22.61 12.28 -9.99
N VAL D 21 22.95 12.93 -8.88
CA VAL D 21 21.93 13.32 -7.92
C VAL D 21 20.99 14.34 -8.56
N LEU D 22 21.54 15.29 -9.32
CA LEU D 22 20.71 16.32 -9.93
C LEU D 22 19.80 15.74 -11.02
N GLU D 23 20.28 14.75 -11.78
CA GLU D 23 19.44 14.06 -12.75
C GLU D 23 18.31 13.32 -12.05
N LEU D 24 18.63 12.63 -10.96
CA LEU D 24 17.59 11.98 -10.15
C LEU D 24 16.57 12.98 -9.62
N ALA D 25 17.02 14.17 -9.22
CA ALA D 25 16.09 15.18 -8.73
C ALA D 25 15.07 15.55 -9.80
N ALA D 26 15.50 15.71 -11.04
CA ALA D 26 14.56 16.01 -12.11
C ALA D 26 13.61 14.84 -12.34
N GLU D 27 14.12 13.60 -12.26
CA GLU D 27 13.27 12.44 -12.45
C GLU D 27 12.21 12.37 -11.35
N LEU D 28 12.62 12.64 -10.12
CA LEU D 28 11.68 12.56 -9.00
C LEU D 28 10.67 13.70 -9.02
N LYS D 29 11.05 14.88 -9.52
CA LYS D 29 10.07 15.96 -9.67
C LYS D 29 8.96 15.54 -10.63
N LYS D 30 9.32 14.81 -11.69
CA LYS D 30 8.34 14.32 -12.65
C LYS D 30 7.48 13.20 -12.05
N ASP D 31 8.09 12.28 -11.31
CA ASP D 31 7.43 11.07 -10.83
C ASP D 31 7.73 10.92 -9.34
N PRO D 32 7.02 11.67 -8.50
CA PRO D 32 7.45 11.82 -7.10
C PRO D 32 7.25 10.61 -6.20
N VAL D 33 6.52 9.58 -6.61
CA VAL D 33 6.40 8.40 -5.77
C VAL D 33 6.91 7.16 -6.48
N SER D 34 7.76 7.36 -7.50
CA SER D 34 8.28 6.26 -8.29
C SER D 34 9.49 5.58 -7.65
N ARG D 35 10.11 6.17 -6.63
CA ARG D 35 11.25 5.56 -5.96
C ARG D 35 10.86 5.32 -4.51
N ARG D 36 10.87 4.06 -4.08
CA ARG D 36 10.39 3.72 -2.72
C ARG D 36 11.41 2.89 -1.95
N PRO D 37 12.65 3.39 -1.78
CA PRO D 37 13.66 2.59 -1.07
C PRO D 37 13.38 2.47 0.41
N LEU D 38 12.52 3.33 0.96
CA LEU D 38 12.20 3.32 2.37
C LEU D 38 10.83 2.69 2.64
N GLN D 39 10.23 2.03 1.65
CA GLN D 39 8.95 1.36 1.85
C GLN D 39 8.98 0.42 3.04
N GLY D 40 7.88 0.40 3.79
CA GLY D 40 7.81 -0.44 4.97
C GLY D 40 6.76 0.00 5.98
N PRO D 41 6.98 1.15 6.62
CA PRO D 41 8.08 2.09 6.39
C PRO D 41 9.39 1.74 7.07
N ARG D 42 10.50 2.04 6.41
CA ARG D 42 11.77 2.23 7.10
C ARG D 42 11.82 3.64 7.69
N GLY D 43 12.58 3.80 8.77
CA GLY D 43 12.71 5.10 9.40
C GLY D 43 13.89 5.90 8.90
N VAL D 44 13.77 7.23 9.00
CA VAL D 44 14.88 8.15 8.81
C VAL D 44 14.82 9.12 9.97
N ALA D 45 15.93 9.28 10.68
CA ALA D 45 15.93 10.25 11.78
C ALA D 45 16.14 11.64 11.21
N VAL D 46 15.38 12.61 11.72
CA VAL D 46 15.53 14.00 11.31
C VAL D 46 15.66 14.81 12.59
N ILE D 47 16.87 15.27 12.89
CA ILE D 47 17.26 15.82 14.19
C ILE D 47 17.63 17.29 14.05
N PHE D 48 17.08 18.13 14.94
CA PHE D 48 17.33 19.57 14.91
C PHE D 48 17.92 20.02 16.25
N ASP D 49 19.19 20.43 16.24
CA ASP D 49 19.75 21.10 17.42
C ASP D 49 19.18 22.50 17.56
N LYS D 50 18.74 23.09 16.45
CA LYS D 50 18.01 24.34 16.41
C LYS D 50 16.92 24.14 15.37
N ASN D 51 15.67 24.45 15.74
CA ASN D 51 14.55 24.09 14.89
C ASN D 51 14.59 24.86 13.56
N SER D 52 14.09 24.20 12.51
CA SER D 52 13.96 24.82 11.20
C SER D 52 12.68 24.27 10.57
N THR D 53 11.58 24.99 10.74
CA THR D 53 10.28 24.51 10.25
C THR D 53 10.29 24.25 8.75
N ARG D 54 10.96 25.11 7.97
CA ARG D 54 10.98 24.92 6.52
C ARG D 54 11.73 23.66 6.14
N THR D 55 12.87 23.42 6.78
CA THR D 55 13.64 22.21 6.55
C THR D 55 12.79 21.00 6.92
N ARG D 56 12.03 21.12 7.99
CA ARG D 56 11.21 19.98 8.47
C ARG D 56 10.11 19.62 7.45
N PHE D 57 9.43 20.60 6.88
CA PHE D 57 8.40 20.29 5.87
C PHE D 57 9.04 19.52 4.73
N SER D 58 10.18 20.00 4.26
CA SER D 58 10.82 19.39 3.08
C SER D 58 11.22 17.95 3.36
N PHE D 59 11.84 17.71 4.49
CA PHE D 59 12.32 16.35 4.76
C PHE D 59 11.19 15.42 5.20
N GLU D 60 10.24 15.91 6.02
CA GLU D 60 9.14 15.03 6.44
C GLU D 60 8.39 14.51 5.23
N LEU D 61 8.00 15.41 4.33
CA LEU D 61 7.21 14.97 3.17
C LEU D 61 8.07 14.17 2.22
N GLY D 62 9.33 14.56 2.04
CA GLY D 62 10.18 13.85 1.10
C GLY D 62 10.40 12.41 1.53
N ILE D 63 10.71 12.21 2.82
CA ILE D 63 10.92 10.86 3.32
C ILE D 63 9.65 10.03 3.18
N ALA D 64 8.49 10.63 3.48
CA ALA D 64 7.23 9.92 3.34
C ALA D 64 6.99 9.47 1.89
N GLN D 65 7.33 10.34 0.93
CA GLN D 65 7.14 10.04 -0.48
C GLN D 65 8.12 9.00 -1.02
N LEU D 66 9.19 8.72 -0.29
CA LEU D 66 10.06 7.57 -0.58
C LEU D 66 9.59 6.30 0.14
N GLY D 67 8.40 6.36 0.76
CA GLY D 67 7.85 5.22 1.47
C GLY D 67 8.18 5.15 2.95
N GLY D 68 9.02 6.05 3.47
CA GLY D 68 9.50 5.95 4.82
C GLY D 68 8.70 6.77 5.83
N HIS D 69 9.17 6.71 7.08
CA HIS D 69 8.60 7.51 8.16
C HIS D 69 9.72 8.34 8.79
N ALA D 70 9.60 9.66 8.72
CA ALA D 70 10.57 10.52 9.39
C ALA D 70 10.29 10.55 10.88
N VAL D 71 11.29 10.22 11.70
CA VAL D 71 11.20 10.38 13.14
C VAL D 71 11.92 11.66 13.49
N VAL D 72 11.14 12.68 13.83
CA VAL D 72 11.67 14.03 14.01
C VAL D 72 12.01 14.25 15.48
N VAL D 73 13.21 14.75 15.74
CA VAL D 73 13.62 15.14 17.09
C VAL D 73 13.92 16.63 17.05
N ASP D 74 13.15 17.41 17.79
CA ASP D 74 13.32 18.86 17.80
C ASP D 74 14.22 19.27 18.97
N SER D 75 14.51 20.57 19.05
CA SER D 75 15.47 21.09 20.03
C SER D 75 14.94 21.06 21.45
N GLY D 76 13.66 20.78 21.65
CA GLY D 76 13.13 20.60 23.00
C GLY D 76 13.62 19.35 23.70
N SER D 77 14.16 18.40 22.95
CA SER D 77 14.84 17.24 23.54
C SER D 77 16.24 17.66 24.02
N THR D 78 16.79 16.86 24.93
CA THR D 78 18.16 17.10 25.39
C THR D 78 19.09 17.20 24.20
N GLN D 79 19.92 18.24 24.17
CA GLN D 79 20.75 18.44 22.99
C GLN D 79 21.67 17.24 22.81
N LEU D 80 21.78 16.81 21.55
CA LEU D 80 22.51 15.60 21.24
C LEU D 80 23.97 15.79 21.65
N GLY D 81 24.51 14.82 22.39
CA GLY D 81 25.85 14.94 22.93
C GLY D 81 25.92 15.27 24.42
N ARG D 82 24.81 15.64 25.06
CA ARG D 82 24.89 16.02 26.47
C ARG D 82 24.72 14.83 27.42
N ASP D 83 23.65 14.05 27.25
CA ASP D 83 23.37 12.92 28.13
C ASP D 83 23.94 11.61 27.59
N GLU D 84 24.61 11.67 26.44
CA GLU D 84 25.10 10.54 25.67
C GLU D 84 26.10 11.08 24.67
N THR D 85 27.21 10.37 24.49
CA THR D 85 28.16 10.82 23.47
C THR D 85 27.53 10.76 22.09
N LEU D 86 28.02 11.64 21.19
CA LEU D 86 27.53 11.63 19.82
C LEU D 86 27.74 10.26 19.18
N GLN D 87 28.87 9.63 19.48
CA GLN D 87 29.16 8.34 18.85
C GLN D 87 28.19 7.27 19.31
N ASP D 88 27.83 7.24 20.59
CA ASP D 88 26.85 6.28 21.07
C ASP D 88 25.50 6.49 20.42
N THR D 89 25.05 7.74 20.33
CA THR D 89 23.79 8.01 19.64
C THR D 89 23.85 7.59 18.18
N ALA D 90 24.97 7.84 17.50
CA ALA D 90 25.09 7.41 16.11
C ALA D 90 25.00 5.90 15.97
N LYS D 91 25.64 5.16 16.88
CA LYS D 91 25.61 3.70 16.80
C LYS D 91 24.19 3.16 16.99
N VAL D 92 23.42 3.76 17.91
CA VAL D 92 22.08 3.23 18.14
C VAL D 92 21.15 3.64 17.01
N LEU D 93 21.23 4.91 16.58
CA LEU D 93 20.39 5.35 15.46
C LEU D 93 20.60 4.46 14.23
N SER D 94 21.85 4.04 14.01
CA SER D 94 22.14 3.18 12.86
C SER D 94 21.40 1.84 12.92
N ARG D 95 20.94 1.42 14.11
CA ARG D 95 20.10 0.22 14.21
C ARG D 95 18.63 0.50 13.97
N TYR D 96 18.19 1.75 14.15
CA TYR D 96 16.79 2.13 14.06
C TYR D 96 16.40 2.63 12.68
N VAL D 97 17.28 3.39 12.02
CA VAL D 97 16.91 4.14 10.83
C VAL D 97 17.91 3.85 9.72
N ASP D 98 17.50 4.14 8.50
CA ASP D 98 18.30 3.89 7.32
C ASP D 98 19.14 5.10 6.91
N ALA D 99 18.92 6.26 7.52
CA ALA D 99 19.73 7.45 7.30
C ALA D 99 19.43 8.43 8.43
N ILE D 100 20.38 9.36 8.65
CA ILE D 100 20.30 10.35 9.71
C ILE D 100 20.46 11.71 9.06
N VAL D 101 19.42 12.54 9.18
CA VAL D 101 19.40 13.92 8.69
C VAL D 101 19.53 14.82 9.92
N TRP D 102 20.49 15.73 9.90
CA TRP D 102 20.83 16.47 11.12
C TRP D 102 21.10 17.94 10.81
N ARG D 103 20.42 18.83 11.54
CA ARG D 103 20.71 20.26 11.52
C ARG D 103 21.46 20.57 12.81
N THR D 104 22.72 20.95 12.69
CA THR D 104 23.53 21.22 13.87
C THR D 104 24.42 22.43 13.59
N PHE D 105 25.46 22.61 14.41
CA PHE D 105 26.22 23.84 14.41
C PHE D 105 27.59 23.58 13.82
N GLY D 106 28.59 23.23 14.62
CA GLY D 106 29.94 23.10 14.11
C GLY D 106 30.12 21.84 13.29
N GLN D 107 30.95 21.95 12.25
CA GLN D 107 31.16 20.83 11.34
C GLN D 107 31.74 19.61 12.04
N GLU D 108 32.49 19.81 13.13
CA GLU D 108 33.10 18.65 13.78
C GLU D 108 32.05 17.74 14.42
N ARG D 109 30.87 18.27 14.74
CA ARG D 109 29.79 17.43 15.23
C ARG D 109 29.30 16.48 14.13
N LEU D 110 29.09 17.01 12.93
CA LEU D 110 28.69 16.17 11.81
C LEU D 110 29.76 15.10 11.54
N ASP D 111 31.02 15.51 11.56
CA ASP D 111 32.13 14.58 11.36
C ASP D 111 32.11 13.45 12.38
N ALA D 112 31.87 13.77 13.65
CA ALA D 112 31.88 12.75 14.69
C ALA D 112 30.77 11.72 14.44
N MET D 113 29.57 12.19 14.11
CA MET D 113 28.45 11.29 13.82
C MET D 113 28.77 10.41 12.62
N ALA D 114 29.24 11.01 11.52
CA ALA D 114 29.54 10.26 10.30
C ALA D 114 30.69 9.28 10.49
N SER D 115 31.58 9.53 11.48
CA SER D 115 32.74 8.68 11.66
C SER D 115 32.38 7.28 12.13
N VAL D 116 31.25 7.13 12.82
CA VAL D 116 30.85 5.81 13.31
C VAL D 116 29.49 5.36 12.80
N ALA D 117 28.67 6.24 12.23
CA ALA D 117 27.37 5.79 11.72
C ALA D 117 27.57 4.76 10.61
N THR D 118 26.74 3.73 10.61
CA THR D 118 26.74 2.77 9.51
C THR D 118 25.59 3.02 8.56
N VAL D 119 25.01 4.20 8.60
CA VAL D 119 24.00 4.66 7.64
C VAL D 119 24.40 6.05 7.21
N PRO D 120 23.93 6.51 6.05
CA PRO D 120 24.26 7.87 5.59
C PRO D 120 23.86 8.96 6.57
N VAL D 121 24.75 9.92 6.77
CA VAL D 121 24.47 11.14 7.53
C VAL D 121 24.39 12.31 6.57
N ILE D 122 23.33 13.12 6.70
CA ILE D 122 23.07 14.25 5.83
C ILE D 122 23.04 15.53 6.66
N ASN D 123 23.80 16.53 6.23
CA ASN D 123 23.77 17.89 6.79
C ASN D 123 22.54 18.60 6.24
N ALA D 124 21.50 18.73 7.08
CA ALA D 124 20.29 19.43 6.66
C ALA D 124 20.52 20.94 6.52
N LEU D 125 21.49 21.47 7.26
CA LEU D 125 21.79 22.89 7.43
C LEU D 125 22.73 22.98 8.62
N SER D 126 23.85 23.70 8.50
CA SER D 126 24.82 23.82 9.58
C SER D 126 25.40 25.22 9.59
N ASP D 127 26.27 25.49 10.56
CA ASP D 127 26.83 26.84 10.63
C ASP D 127 27.69 27.12 9.40
N GLU D 128 28.43 26.14 8.93
CA GLU D 128 29.40 26.37 7.86
C GLU D 128 28.87 26.07 6.46
N PHE D 129 27.88 25.19 6.31
CA PHE D 129 27.41 24.79 4.98
C PHE D 129 25.90 24.67 4.95
N HIS D 130 25.33 24.79 3.76
CA HIS D 130 23.90 24.49 3.57
C HIS D 130 23.77 23.77 2.24
N PRO D 131 24.31 22.54 2.20
CA PRO D 131 24.50 21.86 0.91
C PRO D 131 23.22 21.31 0.30
N CYS D 132 22.18 21.03 1.11
CA CYS D 132 20.92 20.60 0.51
C CYS D 132 20.24 21.75 -0.22
N GLN D 133 20.30 22.97 0.33
CA GLN D 133 19.74 24.10 -0.41
C GLN D 133 20.47 24.28 -1.73
N VAL D 134 21.80 24.10 -1.74
CA VAL D 134 22.51 24.37 -3.00
C VAL D 134 22.20 23.27 -4.02
N LEU D 135 21.90 22.04 -3.59
CA LEU D 135 21.42 21.06 -4.57
C LEU D 135 20.11 21.55 -5.20
N ALA D 136 19.19 22.06 -4.36
CA ALA D 136 17.95 22.61 -4.90
C ALA D 136 18.22 23.80 -5.82
N ASP D 137 19.16 24.68 -5.44
CA ASP D 137 19.57 25.79 -6.30
C ASP D 137 20.05 25.30 -7.66
N LEU D 138 20.92 24.28 -7.66
CA LEU D 138 21.44 23.77 -8.94
C LEU D 138 20.34 23.13 -9.77
N GLN D 139 19.40 22.42 -9.13
CA GLN D 139 18.27 21.87 -9.88
C GLN D 139 17.45 22.97 -10.52
N THR D 140 17.25 24.08 -9.78
CA THR D 140 16.47 25.18 -10.30
C THR D 140 17.17 25.83 -11.48
N ILE D 141 18.49 26.05 -11.37
CA ILE D 141 19.24 26.65 -12.47
C ILE D 141 19.17 25.76 -13.70
N ALA D 142 19.29 24.45 -13.50
CA ALA D 142 19.27 23.53 -14.64
C ALA D 142 17.90 23.54 -15.32
N GLU D 143 16.82 23.66 -14.54
CA GLU D 143 15.47 23.70 -15.10
C GLU D 143 15.32 24.87 -16.06
N ARG D 144 15.94 25.99 -15.72
CA ARG D 144 15.73 27.21 -16.49
C ARG D 144 16.79 27.46 -17.53
N LYS D 145 17.95 26.82 -17.44
CA LYS D 145 19.06 27.18 -18.31
C LYS D 145 19.74 26.00 -18.99
N GLY D 146 19.42 24.77 -18.59
CA GLY D 146 20.04 23.61 -19.21
C GLY D 146 21.35 23.27 -18.54
N ALA D 147 22.38 23.05 -19.34
CA ALA D 147 23.66 22.59 -18.79
C ALA D 147 24.25 23.62 -17.84
N LEU D 148 24.80 23.14 -16.73
CA LEU D 148 25.34 24.03 -15.72
C LEU D 148 26.77 24.45 -16.01
N ARG D 149 27.55 23.62 -16.71
CA ARG D 149 28.96 23.90 -16.86
C ARG D 149 29.17 25.19 -17.65
N GLY D 150 29.98 26.09 -17.09
CA GLY D 150 30.31 27.33 -17.76
C GLY D 150 29.39 28.48 -17.47
N LEU D 151 28.27 28.24 -16.79
CA LEU D 151 27.44 29.37 -16.34
C LEU D 151 28.21 30.21 -15.33
N ARG D 152 27.76 31.44 -15.15
CA ARG D 152 28.34 32.37 -14.19
C ARG D 152 27.31 32.69 -13.12
N LEU D 153 27.68 32.49 -11.86
CA LEU D 153 26.81 32.72 -10.72
C LEU D 153 27.50 33.67 -9.76
N SER D 154 26.77 34.69 -9.30
CA SER D 154 27.30 35.66 -8.35
C SER D 154 26.41 35.70 -7.12
N TYR D 155 27.03 35.56 -5.95
CA TYR D 155 26.39 35.67 -4.65
C TYR D 155 26.77 37.01 -4.04
N PHE D 156 25.79 37.66 -3.40
CA PHE D 156 25.93 39.02 -2.87
C PHE D 156 25.60 39.04 -1.39
N GLY D 157 26.44 39.72 -0.60
CA GLY D 157 26.11 39.99 0.78
C GLY D 157 27.11 39.42 1.76
N ASP D 158 26.64 38.60 2.69
CA ASP D 158 27.50 38.01 3.71
C ASP D 158 28.23 36.81 3.12
N GLY D 159 29.49 37.01 2.75
CA GLY D 159 30.28 35.98 2.11
C GLY D 159 30.90 34.97 3.03
N ALA D 160 30.64 35.09 4.33
CA ALA D 160 31.17 34.16 5.32
C ALA D 160 30.13 33.17 5.80
N ASN D 161 28.92 33.22 5.26
CA ASN D 161 27.87 32.38 5.82
C ASN D 161 27.77 31.05 5.06
N ASN D 162 26.83 30.22 5.50
CA ASN D 162 26.77 28.86 5.01
C ASN D 162 26.36 28.80 3.53
N MET D 163 25.49 29.71 3.08
CA MET D 163 25.12 29.75 1.66
C MET D 163 26.30 30.15 0.78
N ALA D 164 27.10 31.13 1.19
CA ALA D 164 28.27 31.51 0.40
C ALA D 164 29.22 30.33 0.28
N HIS D 165 29.46 29.62 1.38
CA HIS D 165 30.38 28.49 1.33
C HIS D 165 29.85 27.40 0.41
N SER D 166 28.57 27.07 0.56
CA SER D 166 28.01 25.99 -0.26
C SER D 166 27.85 26.38 -1.72
N LEU D 167 27.54 27.65 -2.00
CA LEU D 167 27.49 28.05 -3.41
C LEU D 167 28.88 27.96 -4.05
N LEU D 168 29.91 28.27 -3.28
CA LEU D 168 31.28 28.06 -3.77
C LEU D 168 31.54 26.58 -4.07
N LEU D 169 31.32 25.71 -3.07
CA LEU D 169 31.69 24.32 -3.23
C LEU D 169 30.77 23.60 -4.21
N GLY D 170 29.46 23.73 -4.00
CA GLY D 170 28.51 23.07 -4.90
C GLY D 170 28.57 23.64 -6.31
N GLY D 171 28.72 24.96 -6.41
CA GLY D 171 28.78 25.60 -7.72
C GLY D 171 29.96 25.14 -8.54
N VAL D 172 31.17 25.15 -7.96
CA VAL D 172 32.31 24.74 -8.77
C VAL D 172 32.26 23.24 -9.05
N THR D 173 31.64 22.45 -8.17
CA THR D 173 31.47 21.02 -8.47
C THR D 173 30.63 20.81 -9.72
N ALA D 174 29.72 21.74 -10.00
CA ALA D 174 28.88 21.68 -11.19
C ALA D 174 29.51 22.36 -12.40
N GLY D 175 30.73 22.88 -12.25
CA GLY D 175 31.36 23.55 -13.37
C GLY D 175 30.98 25.01 -13.53
N ILE D 176 30.33 25.60 -12.53
CA ILE D 176 29.87 26.99 -12.57
C ILE D 176 30.99 27.91 -12.13
N HIS D 177 31.17 29.03 -12.83
CA HIS D 177 32.08 30.09 -12.39
C HIS D 177 31.40 30.88 -11.28
N VAL D 178 31.89 30.77 -10.04
CA VAL D 178 31.24 31.36 -8.87
C VAL D 178 31.98 32.62 -8.45
N THR D 179 31.23 33.70 -8.24
CA THR D 179 31.75 34.94 -7.68
C THR D 179 31.02 35.22 -6.38
N VAL D 180 31.76 35.60 -5.34
CA VAL D 180 31.20 36.07 -4.09
C VAL D 180 31.55 37.54 -3.97
N ALA D 181 30.51 38.39 -3.91
CA ALA D 181 30.66 39.84 -3.72
C ALA D 181 30.27 40.15 -2.28
N ALA D 182 31.25 40.57 -1.49
CA ALA D 182 31.05 40.68 -0.05
C ALA D 182 32.01 41.72 0.50
N PRO D 183 31.65 42.40 1.59
CA PRO D 183 32.56 43.38 2.19
C PRO D 183 33.65 42.70 3.01
N GLU D 184 34.73 43.46 3.23
CA GLU D 184 35.80 43.01 4.11
C GLU D 184 35.25 42.66 5.49
N GLY D 185 35.79 41.61 6.10
CA GLY D 185 35.28 41.10 7.35
C GLY D 185 34.19 40.06 7.20
N PHE D 186 33.62 39.90 6.01
CA PHE D 186 32.57 38.92 5.75
C PHE D 186 32.89 38.14 4.50
N LEU D 187 34.09 37.61 4.42
CA LEU D 187 34.61 36.90 3.27
C LEU D 187 34.61 35.40 3.55
N PRO D 188 34.69 34.57 2.51
CA PRO D 188 34.64 33.11 2.73
C PRO D 188 35.78 32.62 3.62
N ASP D 189 35.48 31.62 4.45
CA ASP D 189 36.50 30.88 5.16
C ASP D 189 37.63 30.47 4.20
N PRO D 190 38.90 30.78 4.54
CA PRO D 190 40.01 30.41 3.64
C PRO D 190 40.11 28.93 3.33
N SER D 191 39.77 28.06 4.27
CA SER D 191 39.79 26.62 4.02
C SER D 191 38.75 26.24 2.97
N VAL D 192 37.54 26.81 3.08
CA VAL D 192 36.50 26.56 2.07
C VAL D 192 36.93 27.12 0.72
N ARG D 193 37.44 28.35 0.71
CA ARG D 193 37.85 28.93 -0.56
C ARG D 193 38.92 28.09 -1.25
N ALA D 194 39.90 27.59 -0.48
CA ALA D 194 40.93 26.75 -1.08
C ALA D 194 40.35 25.43 -1.59
N ALA D 195 39.41 24.84 -0.85
CA ALA D 195 38.78 23.61 -1.32
C ALA D 195 37.99 23.87 -2.60
N ALA D 196 37.35 25.04 -2.70
CA ALA D 196 36.59 25.36 -3.89
C ALA D 196 37.52 25.60 -5.08
N GLU D 197 38.65 26.27 -4.84
CA GLU D 197 39.60 26.49 -5.91
C GLU D 197 40.18 25.19 -6.43
N ARG D 198 40.47 24.25 -5.52
CA ARG D 198 41.01 22.95 -5.93
C ARG D 198 39.98 22.18 -6.76
N ARG D 199 38.73 22.13 -6.28
CA ARG D 199 37.69 21.42 -7.02
C ARG D 199 37.42 22.09 -8.39
N ALA D 200 37.50 23.43 -8.46
CA ALA D 200 37.26 24.12 -9.72
C ALA D 200 38.25 23.70 -10.80
N GLN D 201 39.47 23.30 -10.43
CA GLN D 201 40.43 22.86 -11.43
C GLN D 201 39.94 21.61 -12.16
N ASP D 202 39.20 20.75 -11.47
CA ASP D 202 38.70 19.53 -12.07
C ASP D 202 37.52 19.74 -13.00
N THR D 203 36.82 20.88 -12.92
CA THR D 203 35.55 21.05 -13.61
C THR D 203 35.55 22.20 -14.60
N GLY D 204 36.67 22.89 -14.79
CA GLY D 204 36.70 24.07 -15.61
C GLY D 204 36.08 25.30 -14.97
N ALA D 205 35.74 25.23 -13.69
CA ALA D 205 35.11 26.34 -12.98
C ALA D 205 36.16 27.33 -12.48
N SER D 206 35.72 28.31 -11.68
CA SER D 206 36.63 29.29 -11.12
C SER D 206 35.97 29.90 -9.89
N VAL D 207 36.81 30.51 -9.05
CA VAL D 207 36.39 31.20 -7.83
C VAL D 207 36.86 32.65 -7.90
N THR D 208 35.95 33.59 -7.67
CA THR D 208 36.28 35.00 -7.60
C THR D 208 35.65 35.57 -6.34
N VAL D 209 36.42 36.40 -5.62
CA VAL D 209 35.90 37.09 -4.43
C VAL D 209 36.24 38.57 -4.57
N THR D 210 35.22 39.41 -4.48
CA THR D 210 35.36 40.83 -4.78
C THR D 210 34.47 41.65 -3.85
N ALA D 211 34.85 42.91 -3.65
CA ALA D 211 33.98 43.89 -2.99
C ALA D 211 33.17 44.71 -3.98
N ASP D 212 33.31 44.47 -5.28
CA ASP D 212 32.70 45.30 -6.32
C ASP D 212 31.42 44.62 -6.80
N ALA D 213 30.28 45.02 -6.23
CA ALA D 213 29.01 44.36 -6.57
C ALA D 213 28.66 44.54 -8.05
N HIS D 214 28.85 45.74 -8.59
CA HIS D 214 28.48 45.93 -10.00
C HIS D 214 29.33 45.08 -10.92
N ALA D 215 30.63 44.97 -10.62
CA ALA D 215 31.48 44.10 -11.43
C ALA D 215 31.04 42.65 -11.35
N ALA D 216 30.63 42.21 -10.15
CA ALA D 216 30.20 40.82 -9.96
C ALA D 216 28.93 40.53 -10.73
N ALA D 217 28.08 41.54 -10.95
CA ALA D 217 26.84 41.31 -11.69
C ALA D 217 27.10 41.16 -13.18
N ALA D 218 28.17 41.78 -13.68
CA ALA D 218 28.47 41.76 -15.11
C ALA D 218 28.58 40.33 -15.64
N GLY D 219 27.79 40.03 -16.66
CA GLY D 219 27.84 38.73 -17.30
C GLY D 219 27.23 37.59 -16.51
N ALA D 220 26.62 37.85 -15.37
CA ALA D 220 26.09 36.78 -14.54
C ALA D 220 24.83 36.17 -15.15
N ASP D 221 24.76 34.84 -15.12
CA ASP D 221 23.55 34.10 -15.47
C ASP D 221 22.62 33.97 -14.29
N VAL D 222 23.18 33.98 -13.07
CA VAL D 222 22.43 33.75 -11.84
C VAL D 222 22.93 34.71 -10.79
N LEU D 223 22.00 35.40 -10.13
CA LEU D 223 22.34 36.26 -9.01
C LEU D 223 21.67 35.69 -7.76
N VAL D 224 22.41 35.61 -6.66
CA VAL D 224 21.92 35.01 -5.42
C VAL D 224 22.21 35.95 -4.25
N THR D 225 21.31 35.96 -3.27
CA THR D 225 21.61 36.57 -1.98
C THR D 225 20.90 35.78 -0.89
N ASP D 226 21.03 36.27 0.35
CA ASP D 226 20.60 35.53 1.53
C ASP D 226 20.43 36.59 2.62
N THR D 227 19.71 36.23 3.67
CA THR D 227 19.60 37.09 4.84
C THR D 227 20.96 37.62 5.28
N TRP D 228 21.00 38.91 5.62
CA TRP D 228 22.21 39.51 6.18
C TRP D 228 22.43 39.10 7.62
N THR D 229 21.36 38.71 8.32
CA THR D 229 21.41 38.16 9.68
C THR D 229 20.39 37.04 9.82
N ARG D 240 24.12 45.61 13.05
CA ARG D 240 24.24 46.57 11.91
C ARG D 240 24.45 45.82 10.59
N VAL D 241 23.73 46.25 9.57
CA VAL D 241 23.88 45.68 8.23
C VAL D 241 24.47 46.77 7.34
N LYS D 242 25.10 47.77 7.96
CA LYS D 242 25.80 48.81 7.17
C LYS D 242 26.76 48.19 6.14
N PRO D 243 27.64 47.24 6.48
CA PRO D 243 28.58 46.74 5.49
C PRO D 243 27.92 46.09 4.27
N PHE D 244 26.64 45.73 4.39
CA PHE D 244 26.02 44.95 3.34
C PHE D 244 25.15 45.77 2.40
N ARG D 245 24.80 47.01 2.76
CA ARG D 245 23.91 47.81 1.93
C ARG D 245 24.34 47.94 0.48
N PRO D 246 25.62 48.18 0.13
CA PRO D 246 25.97 48.26 -1.29
C PRO D 246 25.80 46.95 -2.04
N PHE D 247 25.48 45.86 -1.36
CA PHE D 247 25.34 44.55 -1.99
C PHE D 247 23.89 44.12 -2.12
N GLN D 248 22.94 45.03 -1.89
CA GLN D 248 21.53 44.71 -2.05
C GLN D 248 21.25 44.26 -3.48
N LEU D 249 20.48 43.18 -3.60
CA LEU D 249 20.13 42.66 -4.92
C LEU D 249 18.86 43.43 -5.29
N ASN D 250 19.03 44.53 -6.03
CA ASN D 250 17.91 45.37 -6.45
C ASN D 250 17.81 45.38 -7.98
N SER D 251 16.85 46.15 -8.50
CA SER D 251 16.63 46.19 -9.95
C SER D 251 17.85 46.70 -10.70
N ARG D 252 18.52 47.72 -10.15
CA ARG D 252 19.70 48.28 -10.83
C ARG D 252 20.79 47.22 -10.98
N LEU D 253 21.02 46.44 -9.92
CA LEU D 253 22.05 45.40 -9.96
C LEU D 253 21.67 44.31 -10.96
N LEU D 254 20.40 43.87 -10.91
CA LEU D 254 19.94 42.83 -11.82
C LEU D 254 20.09 43.24 -13.28
N ALA D 255 19.84 44.51 -13.58
CA ALA D 255 19.94 44.99 -14.95
C ALA D 255 21.36 44.99 -15.49
N LEU D 256 22.37 44.92 -14.61
CA LEU D 256 23.76 44.82 -15.05
C LEU D 256 24.11 43.42 -15.53
N ALA D 257 23.35 42.42 -15.11
CA ALA D 257 23.62 41.02 -15.42
C ALA D 257 23.14 40.68 -16.84
N ASP D 258 23.22 39.39 -17.19
CA ASP D 258 22.64 38.93 -18.44
C ASP D 258 21.17 39.32 -18.51
N SER D 259 20.71 39.62 -19.72
CA SER D 259 19.30 40.01 -19.91
C SER D 259 18.34 38.92 -19.45
N ASP D 260 18.77 37.66 -19.49
CA ASP D 260 17.93 36.54 -19.08
C ASP D 260 18.38 35.94 -17.76
N ALA D 261 19.10 36.70 -16.94
CA ALA D 261 19.57 36.16 -15.67
C ALA D 261 18.39 35.81 -14.76
N ILE D 262 18.63 34.87 -13.86
CA ILE D 262 17.63 34.51 -12.85
C ILE D 262 18.18 34.83 -11.46
N VAL D 263 17.26 34.89 -10.49
CA VAL D 263 17.56 35.28 -9.13
C VAL D 263 17.14 34.19 -8.16
N LEU D 264 18.05 33.84 -7.24
CA LEU D 264 17.82 32.85 -6.19
C LEU D 264 17.98 33.49 -4.82
N HIS D 265 17.32 32.90 -3.83
CA HIS D 265 17.35 33.38 -2.45
C HIS D 265 16.79 32.28 -1.57
N CYS D 266 17.62 31.77 -0.66
CA CYS D 266 17.17 30.81 0.33
C CYS D 266 16.14 31.50 1.23
N LEU D 267 14.92 31.00 1.22
CA LEU D 267 13.88 31.74 1.92
C LEU D 267 13.96 31.46 3.42
N PRO D 268 13.47 32.38 4.26
CA PRO D 268 12.75 33.62 3.93
C PRO D 268 13.62 34.80 3.52
N ALA D 269 13.04 35.69 2.73
CA ALA D 269 13.65 36.94 2.35
C ALA D 269 13.15 38.05 3.27
N HIS D 270 14.03 39.00 3.57
CA HIS D 270 13.63 40.23 4.27
C HIS D 270 13.52 41.32 3.21
N ARG D 271 12.30 41.50 2.69
CA ARG D 271 12.08 42.39 1.56
C ARG D 271 12.46 43.82 1.94
N GLY D 272 13.30 44.42 1.11
CA GLY D 272 13.81 45.75 1.36
C GLY D 272 15.17 45.80 2.02
N ASP D 273 15.67 44.67 2.53
CA ASP D 273 17.05 44.61 2.97
C ASP D 273 17.93 44.04 1.88
N GLU D 274 18.13 42.71 1.86
CA GLU D 274 19.06 42.12 0.92
C GLU D 274 18.50 42.02 -0.50
N ILE D 275 17.18 42.14 -0.66
CA ILE D 275 16.53 41.99 -1.95
C ILE D 275 15.29 42.88 -1.95
N THR D 276 14.90 43.38 -3.11
CA THR D 276 13.75 44.27 -3.19
C THR D 276 12.50 43.53 -3.68
N ASP D 277 11.34 44.13 -3.41
CA ASP D 277 10.07 43.59 -3.90
C ASP D 277 10.11 43.43 -5.41
N ALA D 278 10.63 44.43 -6.11
CA ALA D 278 10.63 44.38 -7.57
C ALA D 278 11.39 43.16 -8.08
N VAL D 279 12.50 42.83 -7.43
CA VAL D 279 13.28 41.66 -7.85
C VAL D 279 12.59 40.36 -7.41
N MET D 280 12.17 40.27 -6.14
CA MET D 280 11.44 39.08 -5.67
C MET D 280 10.24 38.73 -6.52
N ASP D 281 9.48 39.73 -6.96
CA ASP D 281 8.21 39.48 -7.63
C ASP D 281 8.30 39.64 -9.13
N GLY D 282 9.48 39.92 -9.67
CA GLY D 282 9.66 40.12 -11.09
C GLY D 282 9.89 38.83 -11.85
N PRO D 283 10.05 38.96 -13.18
CA PRO D 283 10.18 37.77 -14.05
C PRO D 283 11.45 36.97 -13.82
N ALA D 284 12.48 37.57 -13.23
CA ALA D 284 13.76 36.90 -13.05
C ALA D 284 13.76 36.03 -11.81
N SER D 285 12.83 36.25 -10.89
CA SER D 285 12.78 35.50 -9.66
C SER D 285 12.52 34.02 -9.90
N ALA D 286 13.40 33.17 -9.38
CA ALA D 286 13.18 31.73 -9.37
C ALA D 286 13.05 31.18 -7.95
N VAL D 287 12.73 32.06 -6.97
CA VAL D 287 12.83 31.68 -5.57
C VAL D 287 11.73 30.71 -5.16
N TRP D 288 10.58 30.74 -5.83
CA TRP D 288 9.49 29.85 -5.45
C TRP D 288 9.79 28.42 -5.89
N ASP D 289 10.21 28.27 -7.15
CA ASP D 289 10.62 26.96 -7.65
C ASP D 289 11.81 26.44 -6.83
N GLU D 290 12.74 27.34 -6.51
CA GLU D 290 13.90 26.98 -5.70
C GLU D 290 13.48 26.40 -4.35
N ALA D 291 12.49 27.01 -3.72
CA ALA D 291 12.02 26.53 -2.42
C ALA D 291 11.35 25.17 -2.55
N GLU D 292 10.50 25.02 -3.59
CA GLU D 292 9.89 23.72 -3.86
C GLU D 292 10.94 22.65 -4.13
N ASN D 293 12.03 23.01 -4.83
CA ASN D 293 13.00 21.99 -5.21
C ASN D 293 13.81 21.45 -4.04
N ARG D 294 13.71 22.05 -2.84
CA ARG D 294 14.27 21.37 -1.68
C ARG D 294 13.69 19.98 -1.53
N LEU D 295 12.38 19.85 -1.75
CA LEU D 295 11.72 18.54 -1.68
C LEU D 295 12.36 17.53 -2.62
N HIS D 296 12.48 17.90 -3.89
CA HIS D 296 12.91 16.94 -4.90
C HIS D 296 14.40 16.64 -4.78
N ALA D 297 15.21 17.67 -4.56
CA ALA D 297 16.66 17.49 -4.50
C ALA D 297 17.05 16.65 -3.29
N GLN D 298 16.38 16.86 -2.16
CA GLN D 298 16.69 16.07 -0.98
C GLN D 298 16.22 14.62 -1.14
N LYS D 299 15.08 14.40 -1.80
CA LYS D 299 14.65 13.03 -2.07
C LYS D 299 15.67 12.32 -2.93
N ALA D 300 16.18 13.01 -3.96
CA ALA D 300 17.20 12.45 -4.83
C ALA D 300 18.46 12.10 -4.04
N LEU D 301 18.92 13.04 -3.21
CA LEU D 301 20.10 12.78 -2.39
C LEU D 301 19.90 11.55 -1.52
N LEU D 302 18.75 11.42 -0.87
CA LEU D 302 18.49 10.25 -0.03
C LEU D 302 18.50 8.97 -0.87
N VAL D 303 17.77 8.96 -1.99
CA VAL D 303 17.74 7.76 -2.84
C VAL D 303 19.15 7.36 -3.24
N TRP D 304 19.95 8.34 -3.67
CA TRP D 304 21.31 8.09 -4.14
C TRP D 304 22.21 7.55 -3.03
N LEU D 305 22.22 8.21 -1.86
CA LEU D 305 23.06 7.75 -0.76
C LEU D 305 22.65 6.36 -0.30
N LEU D 306 21.35 6.10 -0.23
CA LEU D 306 20.88 4.81 0.22
C LEU D 306 21.33 3.69 -0.72
N GLU D 307 21.24 3.92 -2.03
CA GLU D 307 21.62 2.85 -2.94
C GLU D 307 23.13 2.68 -3.06
N ARG D 308 23.92 3.71 -2.72
CA ARG D 308 25.38 3.62 -2.77
C ARG D 308 25.95 3.03 -1.49
N SER D 309 25.19 3.03 -0.40
CA SER D 309 25.70 2.57 0.88
C SER D 309 25.21 1.17 1.17
N VAL E 3 -12.14 27.49 -9.07
CA VAL E 3 -12.07 28.38 -7.92
C VAL E 3 -11.68 27.56 -6.68
N ILE E 4 -10.85 28.12 -5.83
CA ILE E 4 -10.40 27.42 -4.63
C ILE E 4 -11.39 27.71 -3.51
N ARG E 5 -11.95 26.65 -2.92
CA ARG E 5 -12.90 26.80 -1.83
C ARG E 5 -12.19 26.79 -0.48
N HIS E 6 -12.67 27.63 0.43
CA HIS E 6 -12.14 27.67 1.79
C HIS E 6 -13.28 27.44 2.76
N PHE E 7 -12.94 27.14 4.03
CA PHE E 7 -13.96 26.92 5.07
C PHE E 7 -13.46 27.62 6.32
N LEU E 8 -13.80 28.91 6.43
CA LEU E 8 -13.34 29.78 7.50
C LEU E 8 -14.43 30.03 8.53
N ARG E 9 -15.67 29.86 8.09
CA ARG E 9 -16.87 30.07 8.93
C ARG E 9 -17.95 29.16 8.36
N ASP E 10 -18.94 28.81 9.16
CA ASP E 10 -19.93 27.78 8.79
C ASP E 10 -20.72 28.11 7.52
N ASP E 11 -20.99 29.38 7.31
CA ASP E 11 -21.81 29.81 6.15
C ASP E 11 -20.99 29.86 4.87
N ASP E 12 -19.72 29.48 4.92
CA ASP E 12 -18.93 29.35 3.68
C ASP E 12 -19.56 28.22 2.84
N LEU E 13 -20.26 27.30 3.46
CA LEU E 13 -21.01 26.28 2.74
C LEU E 13 -22.46 26.74 2.62
N SER E 14 -23.03 26.62 1.41
CA SER E 14 -24.46 26.78 1.26
C SER E 14 -25.20 25.63 1.96
N PRO E 15 -26.51 25.76 2.17
CA PRO E 15 -27.28 24.63 2.71
C PRO E 15 -27.08 23.34 1.91
N ALA E 16 -27.12 23.39 0.58
CA ALA E 16 -26.92 22.16 -0.19
C ALA E 16 -25.50 21.62 -0.04
N GLU E 17 -24.50 22.51 0.00
CA GLU E 17 -23.12 22.06 0.15
C GLU E 17 -22.89 21.47 1.53
N GLN E 18 -23.46 22.09 2.57
CA GLN E 18 -23.35 21.53 3.92
C GLN E 18 -23.94 20.12 3.96
N ALA E 19 -25.10 19.91 3.31
CA ALA E 19 -25.70 18.58 3.28
C ALA E 19 -24.77 17.57 2.62
N GLU E 20 -24.06 17.99 1.57
CA GLU E 20 -23.10 17.10 0.91
C GLU E 20 -21.98 16.72 1.85
N VAL E 21 -21.44 17.68 2.61
CA VAL E 21 -20.36 17.36 3.54
C VAL E 21 -20.85 16.44 4.64
N LEU E 22 -22.06 16.68 5.15
CA LEU E 22 -22.57 15.84 6.24
C LEU E 22 -22.88 14.42 5.76
N GLU E 23 -23.38 14.28 4.53
CA GLU E 23 -23.55 12.94 3.97
C GLU E 23 -22.21 12.23 3.84
N LEU E 24 -21.20 12.97 3.39
CA LEU E 24 -19.86 12.39 3.24
C LEU E 24 -19.30 11.98 4.60
N ALA E 25 -19.57 12.78 5.64
CA ALA E 25 -19.13 12.43 6.98
C ALA E 25 -19.73 11.11 7.43
N ALA E 26 -21.01 10.88 7.12
CA ALA E 26 -21.63 9.61 7.47
C ALA E 26 -21.00 8.46 6.68
N GLU E 27 -20.74 8.67 5.39
CA GLU E 27 -20.12 7.63 4.57
C GLU E 27 -18.72 7.29 5.07
N LEU E 28 -17.97 8.32 5.47
CA LEU E 28 -16.60 8.09 5.93
C LEU E 28 -16.58 7.45 7.30
N LYS E 29 -17.56 7.71 8.13
CA LYS E 29 -17.61 7.02 9.41
C LYS E 29 -17.84 5.53 9.19
N LYS E 30 -18.65 5.18 8.19
CA LYS E 30 -18.88 3.77 7.90
C LYS E 30 -17.66 3.12 7.23
N ASP E 31 -16.96 3.86 6.37
CA ASP E 31 -15.83 3.33 5.61
C ASP E 31 -14.66 4.30 5.67
N PRO E 32 -13.88 4.28 6.76
CA PRO E 32 -12.95 5.39 7.03
C PRO E 32 -11.71 5.42 6.18
N VAL E 33 -11.38 4.38 5.43
CA VAL E 33 -10.20 4.44 4.55
C VAL E 33 -10.57 4.25 3.08
N SER E 34 -11.83 4.52 2.72
CA SER E 34 -12.30 4.37 1.35
C SER E 34 -12.03 5.58 0.47
N ARG E 35 -11.65 6.72 1.04
CA ARG E 35 -11.37 7.92 0.27
C ARG E 35 -9.89 8.25 0.48
N ARG E 36 -9.11 8.24 -0.59
CA ARG E 36 -7.66 8.48 -0.46
C ARG E 36 -7.23 9.59 -1.42
N PRO E 37 -7.82 10.79 -1.29
CA PRO E 37 -7.41 11.89 -2.18
C PRO E 37 -6.00 12.35 -1.93
N LEU E 38 -5.43 12.04 -0.77
CA LEU E 38 -4.10 12.48 -0.43
C LEU E 38 -3.08 11.36 -0.54
N GLN E 39 -3.43 10.25 -1.19
CA GLN E 39 -2.50 9.15 -1.42
C GLN E 39 -1.21 9.66 -2.04
N GLY E 40 -0.09 9.13 -1.55
CA GLY E 40 1.22 9.54 -2.03
C GLY E 40 2.34 9.17 -1.09
N PRO E 41 2.38 9.80 0.09
CA PRO E 41 1.40 10.77 0.61
C PRO E 41 1.59 12.20 0.11
N ARG E 42 0.48 12.89 -0.07
CA ARG E 42 0.44 14.33 -0.24
C ARG E 42 0.40 14.97 1.13
N GLY E 43 0.89 16.20 1.23
CA GLY E 43 0.91 16.89 2.51
C GLY E 43 -0.34 17.73 2.78
N VAL E 44 -0.64 17.90 4.06
CA VAL E 44 -1.56 18.93 4.52
C VAL E 44 -0.86 19.64 5.67
N ALA E 45 -0.83 20.98 5.63
CA ALA E 45 -0.25 21.73 6.73
C ALA E 45 -1.29 21.89 7.84
N VAL E 46 -0.86 21.66 9.08
CA VAL E 46 -1.73 21.84 10.24
C VAL E 46 -0.99 22.77 11.20
N ILE E 47 -1.44 24.03 11.27
CA ILE E 47 -0.67 25.10 11.88
C ILE E 47 -1.42 25.62 13.09
N PHE E 48 -0.71 25.75 14.21
CA PHE E 48 -1.30 26.19 15.49
C PHE E 48 -0.60 27.46 15.95
N ASP E 49 -1.31 28.60 15.88
CA ASP E 49 -0.81 29.80 16.55
C ASP E 49 -0.88 29.67 18.06
N LYS E 50 -1.79 28.82 18.54
CA LYS E 50 -1.88 28.38 19.93
C LYS E 50 -2.23 26.90 19.89
N ASN E 51 -1.51 26.09 20.67
CA ASN E 51 -1.63 24.65 20.56
C ASN E 51 -3.02 24.17 20.96
N SER E 52 -3.46 23.09 20.32
CA SER E 52 -4.72 22.44 20.69
C SER E 52 -4.54 20.94 20.47
N THR E 53 -4.25 20.22 21.55
CA THR E 53 -3.94 18.80 21.43
C THR E 53 -5.09 18.03 20.80
N ARG E 54 -6.34 18.33 21.20
CA ARG E 54 -7.50 17.60 20.69
C ARG E 54 -7.71 17.86 19.21
N THR E 55 -7.56 19.11 18.79
CA THR E 55 -7.63 19.45 17.38
C THR E 55 -6.54 18.70 16.62
N ARG E 56 -5.35 18.65 17.17
CA ARG E 56 -4.22 18.00 16.47
C ARG E 56 -4.51 16.51 16.32
N PHE E 57 -4.94 15.86 17.40
CA PHE E 57 -5.33 14.44 17.34
C PHE E 57 -6.26 14.14 16.16
N SER E 58 -7.37 14.86 16.07
CA SER E 58 -8.40 14.57 15.04
C SER E 58 -7.87 14.80 13.62
N PHE E 59 -7.15 15.90 13.42
CA PHE E 59 -6.67 16.21 12.05
C PHE E 59 -5.52 15.29 11.66
N GLU E 60 -4.59 15.01 12.57
CA GLU E 60 -3.41 14.18 12.21
C GLU E 60 -3.87 12.80 11.74
N LEU E 61 -4.77 12.19 12.50
CA LEU E 61 -5.26 10.84 12.16
C LEU E 61 -6.13 10.90 10.92
N GLY E 62 -6.96 11.94 10.85
CA GLY E 62 -7.87 12.02 9.70
C GLY E 62 -7.12 12.17 8.40
N ILE E 63 -6.16 13.07 8.40
CA ILE E 63 -5.35 13.27 7.21
C ILE E 63 -4.64 11.97 6.83
N ALA E 64 -4.11 11.24 7.82
CA ALA E 64 -3.43 9.99 7.52
C ALA E 64 -4.39 8.96 6.92
N GLN E 65 -5.64 8.95 7.41
CA GLN E 65 -6.63 8.02 6.88
C GLN E 65 -7.12 8.40 5.49
N LEU E 66 -6.88 9.63 5.05
CA LEU E 66 -7.10 10.01 3.65
C LEU E 66 -5.87 9.72 2.79
N GLY E 67 -4.85 9.06 3.35
CA GLY E 67 -3.64 8.73 2.63
C GLY E 67 -2.52 9.75 2.76
N GLY E 68 -2.76 10.87 3.46
CA GLY E 68 -1.83 11.97 3.45
C GLY E 68 -0.90 11.98 4.66
N HIS E 69 -0.05 13.00 4.69
CA HIS E 69 0.84 13.22 5.83
C HIS E 69 0.61 14.63 6.34
N ALA E 70 0.18 14.76 7.59
CA ALA E 70 0.04 16.07 8.21
C ALA E 70 1.40 16.58 8.64
N VAL E 71 1.77 17.77 8.19
CA VAL E 71 2.93 18.48 8.72
C VAL E 71 2.39 19.47 9.75
N VAL E 72 2.67 19.19 11.01
CA VAL E 72 2.17 19.99 12.13
C VAL E 72 3.19 21.06 12.48
N VAL E 73 2.72 22.29 12.62
CA VAL E 73 3.54 23.41 13.07
C VAL E 73 2.92 23.90 14.37
N ASP E 74 3.64 23.73 15.47
CA ASP E 74 3.11 24.12 16.77
C ASP E 74 3.47 25.57 17.07
N SER E 75 2.93 26.08 18.19
CA SER E 75 3.13 27.48 18.56
C SER E 75 4.57 27.79 18.94
N GLY E 76 5.42 26.78 19.09
CA GLY E 76 6.83 27.04 19.34
C GLY E 76 7.54 27.70 18.17
N SER E 77 7.16 27.34 16.94
CA SER E 77 7.67 28.02 15.77
C SER E 77 7.30 29.49 15.80
N THR E 78 8.04 30.30 15.06
CA THR E 78 7.78 31.74 15.07
C THR E 78 6.42 31.96 14.41
N GLN E 79 5.61 32.87 14.89
CA GLN E 79 4.24 32.99 14.34
C GLN E 79 4.26 33.30 12.85
N LEU E 80 3.37 32.64 12.13
CA LEU E 80 3.22 32.91 10.68
C LEU E 80 3.04 34.40 10.46
N GLY E 81 3.94 35.01 9.68
CA GLY E 81 3.75 36.42 9.29
C GLY E 81 4.73 37.34 9.94
N ARG E 82 5.53 36.81 10.85
CA ARG E 82 6.44 37.69 11.62
C ARG E 82 7.86 37.68 11.08
N ASP E 83 8.29 36.60 10.47
CA ASP E 83 9.65 36.44 9.97
C ASP E 83 9.73 36.31 8.46
N GLU E 84 8.61 36.09 7.81
CA GLU E 84 8.41 36.08 6.38
C GLU E 84 7.02 36.66 6.20
N THR E 85 6.77 37.39 5.11
CA THR E 85 5.43 37.87 4.94
C THR E 85 4.47 36.70 4.84
N LEU E 86 3.22 36.85 5.28
CA LEU E 86 2.22 35.76 5.16
C LEU E 86 2.09 35.35 3.69
N GLN E 87 2.15 36.31 2.77
CA GLN E 87 1.93 36.00 1.34
C GLN E 87 3.05 35.10 0.82
N ASP E 88 4.28 35.39 1.21
CA ASP E 88 5.43 34.57 0.79
C ASP E 88 5.28 33.16 1.39
N THR E 89 4.94 33.06 2.67
CA THR E 89 4.75 31.73 3.25
C THR E 89 3.63 30.97 2.54
N ALA E 90 2.52 31.66 2.28
CA ALA E 90 1.39 31.01 1.62
C ALA E 90 1.77 30.50 0.23
N LYS E 91 2.60 31.26 -0.49
CA LYS E 91 2.94 30.86 -1.85
C LYS E 91 3.80 29.59 -1.86
N VAL E 92 4.71 29.45 -0.90
CA VAL E 92 5.52 28.23 -0.89
C VAL E 92 4.72 27.07 -0.30
N LEU E 93 3.92 27.34 0.75
CA LEU E 93 3.07 26.29 1.32
C LEU E 93 2.22 25.64 0.25
N SER E 94 1.66 26.45 -0.65
CA SER E 94 0.85 25.93 -1.75
C SER E 94 1.62 25.00 -2.67
N ARG E 95 2.96 25.05 -2.68
CA ARG E 95 3.76 24.11 -3.43
C ARG E 95 3.98 22.81 -2.69
N TYR E 96 3.85 22.81 -1.36
CA TYR E 96 4.18 21.66 -0.54
C TYR E 96 2.98 20.85 -0.09
N VAL E 97 1.81 21.48 0.06
CA VAL E 97 0.66 20.82 0.65
C VAL E 97 -0.57 21.07 -0.22
N ASP E 98 -1.56 20.17 -0.10
CA ASP E 98 -2.81 20.30 -0.85
C ASP E 98 -3.90 21.04 -0.08
N ALA E 99 -3.67 21.36 1.19
CA ALA E 99 -4.59 22.17 1.99
C ALA E 99 -3.86 22.69 3.21
N ILE E 100 -4.39 23.76 3.78
CA ILE E 100 -3.81 24.41 4.95
C ILE E 100 -4.89 24.44 6.02
N VAL E 101 -4.63 23.78 7.14
CA VAL E 101 -5.52 23.78 8.30
C VAL E 101 -4.87 24.67 9.35
N TRP E 102 -5.60 25.67 9.84
CA TRP E 102 -4.98 26.71 10.66
C TRP E 102 -5.84 27.03 11.87
N ARG E 103 -5.24 26.97 13.06
CA ARG E 103 -5.83 27.47 14.30
C ARG E 103 -5.21 28.82 14.58
N THR E 104 -6.02 29.86 14.49
CA THR E 104 -5.51 31.23 14.73
C THR E 104 -6.49 32.01 15.60
N PHE E 105 -6.28 33.31 15.66
CA PHE E 105 -7.08 34.14 16.58
C PHE E 105 -8.10 34.93 15.78
N GLY E 106 -7.66 36.05 15.25
CA GLY E 106 -8.61 36.93 14.55
C GLY E 106 -8.98 36.44 13.18
N GLN E 107 -10.21 36.74 12.77
CA GLN E 107 -10.67 36.23 11.49
C GLN E 107 -9.94 36.87 10.32
N GLU E 108 -9.43 38.10 10.48
CA GLU E 108 -8.75 38.75 9.37
C GLU E 108 -7.50 37.99 8.93
N ARG E 109 -6.86 37.28 9.86
CA ARG E 109 -5.72 36.44 9.51
C ARG E 109 -6.15 35.29 8.59
N LEU E 110 -7.24 34.62 8.94
CA LEU E 110 -7.76 33.55 8.09
C LEU E 110 -8.15 34.09 6.73
N ASP E 111 -8.82 35.25 6.70
CA ASP E 111 -9.19 35.87 5.44
C ASP E 111 -7.94 36.17 4.61
N ALA E 112 -6.89 36.67 5.25
CA ALA E 112 -5.68 37.04 4.53
C ALA E 112 -5.03 35.81 3.89
N MET E 113 -4.92 34.72 4.65
CA MET E 113 -4.38 33.49 4.11
C MET E 113 -5.23 32.97 2.96
N ALA E 114 -6.56 33.01 3.12
CA ALA E 114 -7.43 32.46 2.09
C ALA E 114 -7.37 33.29 0.81
N SER E 115 -7.06 34.58 0.90
CA SER E 115 -7.10 35.41 -0.30
C SER E 115 -5.93 35.15 -1.23
N VAL E 116 -4.82 34.63 -0.72
CA VAL E 116 -3.63 34.42 -1.54
C VAL E 116 -3.29 32.94 -1.74
N ALA E 117 -3.58 32.07 -0.76
CA ALA E 117 -3.28 30.65 -0.92
C ALA E 117 -4.05 30.08 -2.11
N THR E 118 -3.40 29.19 -2.85
CA THR E 118 -4.03 28.53 -3.99
C THR E 118 -4.40 27.09 -3.66
N VAL E 119 -4.52 26.76 -2.38
CA VAL E 119 -5.09 25.52 -1.89
C VAL E 119 -6.14 25.86 -0.85
N PRO E 120 -7.08 24.95 -0.58
CA PRO E 120 -8.12 25.25 0.42
C PRO E 120 -7.51 25.54 1.79
N VAL E 121 -8.13 26.50 2.49
CA VAL E 121 -7.76 26.88 3.84
C VAL E 121 -8.93 26.56 4.76
N ILE E 122 -8.66 25.87 5.87
CA ILE E 122 -9.68 25.45 6.82
C ILE E 122 -9.40 26.11 8.16
N ASN E 123 -10.42 26.73 8.74
CA ASN E 123 -10.36 27.25 10.12
C ASN E 123 -10.52 26.09 11.10
N ALA E 124 -9.41 25.67 11.71
CA ALA E 124 -9.45 24.57 12.67
C ALA E 124 -10.16 24.95 13.96
N LEU E 125 -10.17 26.24 14.29
CA LEU E 125 -10.61 26.81 15.57
C LEU E 125 -10.11 28.24 15.57
N SER E 126 -10.98 29.22 15.83
CA SER E 126 -10.52 30.60 15.91
C SER E 126 -11.29 31.32 17.01
N ASP E 127 -10.95 32.58 17.22
CA ASP E 127 -11.63 33.36 18.26
C ASP E 127 -13.11 33.47 17.96
N GLU E 128 -13.46 33.69 16.70
CA GLU E 128 -14.84 34.03 16.36
C GLU E 128 -15.68 32.82 15.95
N PHE E 129 -15.08 31.74 15.46
CA PHE E 129 -15.86 30.62 14.94
C PHE E 129 -15.15 29.31 15.26
N HIS E 130 -15.92 28.23 15.28
CA HIS E 130 -15.35 26.89 15.43
C HIS E 130 -16.16 25.97 14.53
N PRO E 131 -16.06 26.18 13.22
CA PRO E 131 -17.01 25.55 12.30
C PRO E 131 -16.79 24.07 12.12
N CYS E 132 -15.58 23.56 12.38
CA CYS E 132 -15.36 22.12 12.25
C CYS E 132 -16.08 21.38 13.37
N GLN E 133 -16.10 21.96 14.57
CA GLN E 133 -16.83 21.31 15.65
C GLN E 133 -18.33 21.29 15.34
N VAL E 134 -18.85 22.37 14.75
CA VAL E 134 -20.28 22.36 14.48
C VAL E 134 -20.63 21.36 13.38
N LEU E 135 -19.74 21.11 12.40
CA LEU E 135 -20.01 20.02 11.47
C LEU E 135 -20.13 18.70 12.23
N ALA E 136 -19.22 18.45 13.17
CA ALA E 136 -19.31 17.24 13.97
C ALA E 136 -20.59 17.21 14.79
N ASP E 137 -21.00 18.38 15.32
CA ASP E 137 -22.26 18.46 16.06
C ASP E 137 -23.45 18.10 15.19
N LEU E 138 -23.48 18.61 13.95
CA LEU E 138 -24.60 18.33 13.07
C LEU E 138 -24.62 16.86 12.68
N GLN E 139 -23.44 16.25 12.48
CA GLN E 139 -23.38 14.81 12.22
C GLN E 139 -23.94 14.02 13.38
N THR E 140 -23.62 14.45 14.61
CA THR E 140 -24.10 13.76 15.80
C THR E 140 -25.60 13.91 15.95
N ILE E 141 -26.14 15.12 15.72
CA ILE E 141 -27.58 15.31 15.82
C ILE E 141 -28.29 14.42 14.81
N ALA E 142 -27.78 14.35 13.57
CA ALA E 142 -28.42 13.52 12.56
C ALA E 142 -28.40 12.04 12.96
N GLU E 143 -27.31 11.60 13.59
CA GLU E 143 -27.21 10.21 14.05
C GLU E 143 -28.28 9.89 15.08
N ARG E 144 -28.52 10.80 16.01
CA ARG E 144 -29.42 10.54 17.13
C ARG E 144 -30.86 10.83 16.78
N LYS E 145 -31.10 11.74 15.83
CA LYS E 145 -32.39 12.40 15.68
C LYS E 145 -32.97 12.29 14.27
N GLY E 146 -32.15 12.03 13.25
CA GLY E 146 -32.65 11.94 11.89
C GLY E 146 -32.57 13.27 11.17
N ALA E 147 -33.68 13.68 10.56
CA ALA E 147 -33.73 14.92 9.79
C ALA E 147 -33.38 16.12 10.67
N LEU E 148 -32.57 17.03 10.14
CA LEU E 148 -32.15 18.21 10.88
C LEU E 148 -33.15 19.35 10.75
N ARG E 149 -33.77 19.50 9.58
CA ARG E 149 -34.58 20.68 9.32
C ARG E 149 -35.74 20.69 10.31
N GLY E 150 -35.96 21.84 10.95
CA GLY E 150 -37.06 21.98 11.88
C GLY E 150 -36.76 21.65 13.33
N LEU E 151 -35.60 21.02 13.61
CA LEU E 151 -35.23 20.80 15.00
C LEU E 151 -35.01 22.15 15.71
N ARG E 152 -35.16 22.12 17.03
CA ARG E 152 -34.91 23.28 17.87
C ARG E 152 -33.68 23.02 18.73
N LEU E 153 -32.68 23.87 18.59
CA LEU E 153 -31.43 23.76 19.32
C LEU E 153 -31.22 25.00 20.17
N SER E 154 -30.84 24.81 21.43
CA SER E 154 -30.53 25.93 22.32
C SER E 154 -29.13 25.77 22.87
N TYR E 155 -28.37 26.84 22.80
CA TYR E 155 -27.03 26.92 23.37
C TYR E 155 -27.08 27.80 24.61
N PHE E 156 -26.37 27.38 25.66
CA PHE E 156 -26.39 28.06 26.95
C PHE E 156 -24.99 28.46 27.37
N GLY E 157 -24.87 29.67 27.93
CA GLY E 157 -23.62 30.05 28.59
C GLY E 157 -23.02 31.32 28.03
N ASP E 158 -21.77 31.24 27.58
CA ASP E 158 -21.10 32.38 26.97
C ASP E 158 -21.57 32.47 25.52
N GLY E 159 -22.54 33.34 25.25
CA GLY E 159 -23.08 33.47 23.91
C GLY E 159 -22.28 34.31 22.95
N ALA E 160 -21.11 34.81 23.36
CA ALA E 160 -20.26 35.62 22.52
C ALA E 160 -19.06 34.84 22.00
N ASN E 161 -18.97 33.55 22.28
CA ASN E 161 -17.77 32.81 21.91
C ASN E 161 -17.92 32.11 20.55
N ASN E 162 -16.86 31.39 20.17
CA ASN E 162 -16.81 30.79 18.83
C ASN E 162 -17.89 29.73 18.63
N MET E 163 -18.18 28.92 19.67
CA MET E 163 -19.27 27.94 19.55
C MET E 163 -20.63 28.58 19.36
N ALA E 164 -20.92 29.68 20.08
CA ALA E 164 -22.23 30.31 19.90
C ALA E 164 -22.38 30.80 18.48
N HIS E 165 -21.34 31.45 17.96
CA HIS E 165 -21.42 31.97 16.60
C HIS E 165 -21.59 30.85 15.58
N SER E 166 -20.84 29.75 15.74
CA SER E 166 -20.90 28.67 14.74
C SER E 166 -22.20 27.88 14.84
N LEU E 167 -22.73 27.70 16.05
CA LEU E 167 -24.02 27.03 16.15
C LEU E 167 -25.12 27.86 15.49
N LEU E 168 -25.07 29.19 15.65
CA LEU E 168 -25.99 30.05 14.89
C LEU E 168 -25.84 29.85 13.39
N LEU E 169 -24.64 30.02 12.85
CA LEU E 169 -24.48 29.98 11.40
C LEU E 169 -24.64 28.58 10.87
N GLY E 170 -23.97 27.61 11.49
CA GLY E 170 -24.07 26.25 11.01
C GLY E 170 -25.44 25.66 11.22
N GLY E 171 -26.06 26.00 12.36
CA GLY E 171 -27.39 25.46 12.65
C GLY E 171 -28.44 25.95 11.66
N VAL E 172 -28.47 27.26 11.40
CA VAL E 172 -29.51 27.75 10.49
C VAL E 172 -29.23 27.29 9.04
N THR E 173 -27.96 27.08 8.68
CA THR E 173 -27.68 26.50 7.36
C THR E 173 -28.30 25.11 7.21
N ALA E 174 -28.39 24.36 8.31
CA ALA E 174 -29.01 23.04 8.31
C ALA E 174 -30.52 23.08 8.51
N GLY E 175 -31.12 24.26 8.64
CA GLY E 175 -32.55 24.39 8.84
C GLY E 175 -32.98 24.25 10.27
N ILE E 176 -32.04 24.36 11.23
CA ILE E 176 -32.33 24.24 12.66
C ILE E 176 -32.67 25.61 13.23
N HIS E 177 -33.70 25.66 14.08
CA HIS E 177 -34.08 26.87 14.82
C HIS E 177 -33.15 27.00 16.00
N VAL E 178 -32.30 28.04 16.00
CA VAL E 178 -31.24 28.17 17.00
C VAL E 178 -31.58 29.27 17.99
N THR E 179 -31.45 28.95 19.27
CA THR E 179 -31.57 29.91 20.35
C THR E 179 -30.24 29.96 21.10
N VAL E 180 -29.80 31.17 21.43
CA VAL E 180 -28.64 31.38 22.30
C VAL E 180 -29.17 32.00 23.59
N ALA E 181 -28.89 31.36 24.73
CA ALA E 181 -29.27 31.85 26.05
C ALA E 181 -28.00 32.26 26.80
N ALA E 182 -27.89 33.53 27.12
CA ALA E 182 -26.64 34.05 27.65
C ALA E 182 -26.93 35.32 28.42
N PRO E 183 -26.06 35.71 29.35
CA PRO E 183 -26.24 36.99 30.04
C PRO E 183 -25.93 38.14 29.10
N GLU E 184 -26.48 39.31 29.41
CA GLU E 184 -26.23 40.43 28.50
C GLU E 184 -24.76 40.78 28.56
N GLY E 185 -24.22 41.29 27.48
CA GLY E 185 -22.77 41.47 27.51
C GLY E 185 -21.95 40.22 27.22
N PHE E 186 -22.57 39.05 27.14
CA PHE E 186 -21.95 37.88 26.49
C PHE E 186 -22.90 37.32 25.45
N LEU E 187 -23.35 38.20 24.55
CA LEU E 187 -24.32 37.87 23.51
C LEU E 187 -23.63 37.73 22.16
N PRO E 188 -24.26 37.05 21.20
CA PRO E 188 -23.64 36.92 19.88
C PRO E 188 -23.32 38.26 19.26
N ASP E 189 -22.22 38.30 18.53
CA ASP E 189 -21.87 39.50 17.79
C ASP E 189 -23.01 39.87 16.85
N PRO E 190 -23.47 41.12 16.85
CA PRO E 190 -24.63 41.48 16.00
C PRO E 190 -24.41 41.22 14.53
N SER E 191 -23.19 41.36 14.02
CA SER E 191 -22.90 41.04 12.62
C SER E 191 -23.12 39.57 12.33
N VAL E 192 -22.66 38.70 13.23
CA VAL E 192 -22.90 37.26 13.06
C VAL E 192 -24.38 36.96 13.19
N ARG E 193 -25.05 37.55 14.18
CA ARG E 193 -26.49 37.31 14.33
C ARG E 193 -27.24 37.67 13.05
N ALA E 194 -26.89 38.82 12.44
CA ALA E 194 -27.57 39.25 11.21
C ALA E 194 -27.28 38.28 10.06
N ALA E 195 -26.04 37.81 9.95
CA ALA E 195 -25.74 36.83 8.92
C ALA E 195 -26.52 35.54 9.12
N ALA E 196 -26.67 35.11 10.39
CA ALA E 196 -27.47 33.92 10.67
C ALA E 196 -28.93 34.17 10.34
N GLU E 197 -29.44 35.36 10.63
CA GLU E 197 -30.83 35.66 10.33
C GLU E 197 -31.08 35.64 8.82
N ARG E 198 -30.14 36.17 8.03
CA ARG E 198 -30.28 36.15 6.57
C ARG E 198 -30.23 34.73 6.02
N ARG E 199 -29.26 33.93 6.47
CA ARG E 199 -29.19 32.55 6.03
C ARG E 199 -30.46 31.78 6.40
N ALA E 200 -31.00 32.04 7.60
CA ALA E 200 -32.21 31.35 8.04
C ALA E 200 -33.41 31.63 7.15
N GLN E 201 -33.43 32.77 6.48
CA GLN E 201 -34.52 33.07 5.56
C GLN E 201 -34.57 32.07 4.40
N ASP E 202 -33.40 31.58 3.98
CA ASP E 202 -33.31 30.61 2.90
C ASP E 202 -33.70 29.19 3.31
N THR E 203 -33.62 28.87 4.60
CA THR E 203 -33.80 27.50 5.05
C THR E 203 -35.04 27.30 5.92
N GLY E 204 -35.81 28.36 6.17
CA GLY E 204 -36.93 28.25 7.07
C GLY E 204 -36.57 28.16 8.54
N ALA E 205 -35.32 28.39 8.89
CA ALA E 205 -34.87 28.34 10.28
C ALA E 205 -35.19 29.66 10.98
N SER E 206 -34.59 29.87 12.14
CA SER E 206 -34.81 31.10 12.89
C SER E 206 -33.68 31.27 13.88
N VAL E 207 -33.55 32.49 14.38
CA VAL E 207 -32.52 32.88 15.35
C VAL E 207 -33.22 33.58 16.50
N THR E 208 -32.93 33.16 17.72
CA THR E 208 -33.45 33.77 18.95
C THR E 208 -32.31 33.97 19.94
N VAL E 209 -32.23 35.15 20.54
CA VAL E 209 -31.26 35.43 21.59
C VAL E 209 -32.04 35.83 22.83
N THR E 210 -31.74 35.19 23.96
CA THR E 210 -32.48 35.42 25.19
C THR E 210 -31.53 35.36 26.38
N ALA E 211 -31.96 35.97 27.49
CA ALA E 211 -31.25 35.83 28.76
C ALA E 211 -32.01 34.93 29.73
N ASP E 212 -33.02 34.21 29.24
CA ASP E 212 -33.92 33.41 30.07
C ASP E 212 -33.67 31.94 29.74
N ALA E 213 -32.90 31.28 30.61
CA ALA E 213 -32.48 29.90 30.33
C ALA E 213 -33.66 28.93 30.30
N HIS E 214 -34.61 29.07 31.24
CA HIS E 214 -35.77 28.18 31.21
C HIS E 214 -36.56 28.33 29.92
N ALA E 215 -36.72 29.57 29.43
CA ALA E 215 -37.47 29.78 28.20
C ALA E 215 -36.73 29.21 26.99
N ALA E 216 -35.39 29.32 26.98
CA ALA E 216 -34.60 28.72 25.89
C ALA E 216 -34.68 27.20 25.90
N ALA E 217 -34.75 26.58 27.08
CA ALA E 217 -34.79 25.12 27.15
C ALA E 217 -36.15 24.54 26.77
N ALA E 218 -37.21 25.33 26.90
CA ALA E 218 -38.58 24.85 26.73
C ALA E 218 -38.78 24.14 25.41
N GLY E 219 -38.99 22.82 25.46
CA GLY E 219 -39.27 22.07 24.25
C GLY E 219 -38.11 21.90 23.30
N ALA E 220 -36.89 22.22 23.73
CA ALA E 220 -35.74 22.08 22.84
C ALA E 220 -35.49 20.62 22.48
N ASP E 221 -34.96 20.40 21.27
CA ASP E 221 -34.55 19.07 20.84
C ASP E 221 -33.07 18.80 21.10
N VAL E 222 -32.24 19.85 21.12
CA VAL E 222 -30.81 19.72 21.36
C VAL E 222 -30.42 20.84 22.31
N LEU E 223 -29.68 20.49 23.36
CA LEU E 223 -29.19 21.47 24.33
C LEU E 223 -27.66 21.41 24.26
N VAL E 224 -27.01 22.56 24.14
CA VAL E 224 -25.57 22.64 23.97
C VAL E 224 -25.01 23.62 24.98
N THR E 225 -23.82 23.33 25.50
CA THR E 225 -23.06 24.35 26.21
C THR E 225 -21.57 24.14 25.95
N ASP E 226 -20.74 24.92 26.64
CA ASP E 226 -19.32 24.94 26.35
C ASP E 226 -18.67 25.53 27.60
N THR E 227 -17.36 25.34 27.73
CA THR E 227 -16.70 25.98 28.87
C THR E 227 -16.91 27.49 28.81
N TRP E 228 -16.99 28.08 29.99
CA TRP E 228 -17.35 29.48 30.13
C TRP E 228 -16.16 30.41 29.89
N THR E 229 -14.95 29.91 30.09
CA THR E 229 -13.76 30.75 30.06
C THR E 229 -12.58 29.97 29.50
N GLY E 237 -10.49 33.14 44.33
CA GLY E 237 -10.67 34.58 44.33
C GLY E 237 -11.97 35.04 43.71
N LEU E 238 -11.88 35.96 42.76
CA LEU E 238 -13.06 36.53 42.11
C LEU E 238 -13.75 35.48 41.24
N ASP E 239 -15.06 35.33 41.42
CA ASP E 239 -15.83 34.39 40.59
C ASP E 239 -16.17 35.08 39.28
N ARG E 240 -15.20 35.04 38.36
CA ARG E 240 -15.36 35.72 37.09
C ARG E 240 -16.48 35.11 36.24
N VAL E 241 -16.78 33.82 36.43
CA VAL E 241 -17.77 33.16 35.60
C VAL E 241 -19.16 33.21 36.23
N LYS E 242 -19.33 33.98 37.32
CA LYS E 242 -20.64 34.08 37.94
C LYS E 242 -21.75 34.51 36.98
N PRO E 243 -21.53 35.36 35.97
CA PRO E 243 -22.64 35.67 35.04
C PRO E 243 -23.23 34.44 34.37
N PHE E 244 -22.44 33.38 34.20
CA PHE E 244 -22.90 32.22 33.44
C PHE E 244 -23.55 31.15 34.31
N ARG E 245 -23.38 31.21 35.63
CA ARG E 245 -23.84 30.10 36.47
C ARG E 245 -25.34 29.84 36.37
N PRO E 246 -26.22 30.85 36.26
CA PRO E 246 -27.65 30.56 36.03
C PRO E 246 -27.93 29.84 34.72
N PHE E 247 -26.98 29.79 33.79
CA PHE E 247 -27.16 29.14 32.51
C PHE E 247 -26.57 27.73 32.50
N GLN E 248 -26.22 27.21 33.66
CA GLN E 248 -25.70 25.85 33.77
C GLN E 248 -26.66 24.84 33.14
N LEU E 249 -26.10 23.92 32.36
CA LEU E 249 -26.91 22.91 31.70
C LEU E 249 -27.02 21.79 32.72
N ASN E 250 -28.10 21.76 33.51
CA ASN E 250 -28.28 20.78 34.56
C ASN E 250 -29.57 19.98 34.32
N SER E 251 -29.89 19.10 35.26
CA SER E 251 -31.05 18.20 35.07
C SER E 251 -32.39 18.95 34.96
N ARG E 252 -32.56 20.00 35.75
CA ARG E 252 -33.80 20.81 35.69
C ARG E 252 -34.00 21.39 34.30
N LEU E 253 -32.91 21.89 33.71
CA LEU E 253 -33.02 22.53 32.40
C LEU E 253 -33.33 21.46 31.35
N LEU E 254 -32.62 20.34 31.42
CA LEU E 254 -32.88 19.24 30.50
C LEU E 254 -34.33 18.78 30.59
N ALA E 255 -34.89 18.77 31.81
CA ALA E 255 -36.27 18.35 32.01
C ALA E 255 -37.29 19.29 31.38
N LEU E 256 -36.91 20.54 31.11
CA LEU E 256 -37.81 21.44 30.40
C LEU E 256 -37.81 21.22 28.89
N ALA E 257 -36.84 20.49 28.36
CA ALA E 257 -36.75 20.30 26.92
C ALA E 257 -37.70 19.18 26.47
N ASP E 258 -37.72 18.91 25.17
CA ASP E 258 -38.49 17.77 24.67
C ASP E 258 -37.97 16.47 25.26
N SER E 259 -38.87 15.48 25.41
CA SER E 259 -38.53 14.28 26.17
C SER E 259 -37.43 13.42 25.55
N ASP E 260 -37.16 13.55 24.25
CA ASP E 260 -36.04 12.85 23.62
C ASP E 260 -34.90 13.80 23.26
N ALA E 261 -34.80 14.93 23.93
CA ALA E 261 -33.72 15.87 23.68
C ALA E 261 -32.36 15.22 23.93
N ILE E 262 -31.34 15.69 23.19
CA ILE E 262 -29.96 15.28 23.41
C ILE E 262 -29.13 16.49 23.84
N VAL E 263 -27.93 16.19 24.36
CA VAL E 263 -27.03 17.19 24.93
C VAL E 263 -25.68 17.10 24.24
N LEU E 264 -25.15 18.25 23.82
CA LEU E 264 -23.83 18.37 23.21
C LEU E 264 -22.94 19.31 24.02
N HIS E 265 -21.63 19.11 23.90
CA HIS E 265 -20.62 19.91 24.60
C HIS E 265 -19.29 19.64 23.96
N CYS E 266 -18.66 20.69 23.43
CA CYS E 266 -17.31 20.59 22.88
C CYS E 266 -16.37 20.25 24.03
N LEU E 267 -15.74 19.09 23.96
CA LEU E 267 -14.93 18.72 25.12
C LEU E 267 -13.60 19.49 25.11
N PRO E 268 -12.98 19.71 26.27
CA PRO E 268 -13.31 19.17 27.60
C PRO E 268 -14.43 19.91 28.31
N ALA E 269 -15.10 19.21 29.20
CA ALA E 269 -16.11 19.77 30.08
C ALA E 269 -15.52 20.00 31.46
N HIS E 270 -15.95 21.08 32.11
CA HIS E 270 -15.66 21.33 33.53
C HIS E 270 -16.92 20.93 34.30
N ARG E 271 -16.96 19.68 34.75
CA ARG E 271 -18.14 19.17 35.42
C ARG E 271 -18.41 19.97 36.69
N GLY E 272 -19.68 20.32 36.90
CA GLY E 272 -20.08 21.17 38.00
C GLY E 272 -20.15 22.64 37.66
N ASP E 273 -19.52 23.05 36.57
CA ASP E 273 -19.63 24.43 36.11
C ASP E 273 -20.72 24.52 35.04
N GLU E 274 -20.37 24.51 33.76
CA GLU E 274 -21.37 24.70 32.72
C GLU E 274 -22.29 23.50 32.53
N ILE E 275 -21.91 22.34 33.07
CA ILE E 275 -22.69 21.12 32.88
C ILE E 275 -22.47 20.26 34.12
N THR E 276 -23.50 19.49 34.49
CA THR E 276 -23.41 18.63 35.67
C THR E 276 -23.09 17.19 35.28
N ASP E 277 -22.59 16.44 36.26
CA ASP E 277 -22.31 15.01 36.06
C ASP E 277 -23.56 14.27 35.58
N ALA E 278 -24.72 14.57 36.18
CA ALA E 278 -25.94 13.83 35.85
C ALA E 278 -26.28 13.99 34.38
N VAL E 279 -26.10 15.19 33.84
CA VAL E 279 -26.36 15.39 32.41
C VAL E 279 -25.26 14.76 31.56
N MET E 280 -24.00 14.98 31.93
CA MET E 280 -22.88 14.46 31.14
C MET E 280 -22.95 12.95 30.97
N ASP E 281 -23.38 12.25 32.01
CA ASP E 281 -23.33 10.80 32.07
C ASP E 281 -24.68 10.15 31.85
N GLY E 282 -25.73 10.94 31.65
CA GLY E 282 -27.06 10.41 31.44
C GLY E 282 -27.33 10.05 29.99
N PRO E 283 -28.53 9.53 29.72
CA PRO E 283 -28.83 8.99 28.38
C PRO E 283 -29.00 10.06 27.31
N ALA E 284 -29.29 11.31 27.68
CA ALA E 284 -29.41 12.37 26.69
C ALA E 284 -28.05 12.80 26.15
N SER E 285 -26.97 12.52 26.89
CA SER E 285 -25.64 12.98 26.48
C SER E 285 -25.20 12.33 25.18
N ALA E 286 -24.73 13.15 24.24
CA ALA E 286 -24.14 12.64 23.01
C ALA E 286 -22.69 13.12 22.84
N VAL E 287 -22.04 13.48 23.94
CA VAL E 287 -20.76 14.19 23.86
C VAL E 287 -19.62 13.29 23.41
N TRP E 288 -19.73 11.97 23.63
CA TRP E 288 -18.66 11.06 23.26
C TRP E 288 -18.65 10.82 21.76
N ASP E 289 -19.83 10.53 21.19
CA ASP E 289 -19.94 10.43 19.73
C ASP E 289 -19.56 11.76 19.09
N GLU E 290 -19.99 12.87 19.70
CA GLU E 290 -19.70 14.20 19.17
C GLU E 290 -18.19 14.41 19.09
N ALA E 291 -17.45 13.99 20.11
CA ALA E 291 -16.00 14.15 20.08
C ALA E 291 -15.38 13.26 19.00
N GLU E 292 -15.86 12.02 18.88
CA GLU E 292 -15.36 11.14 17.82
C GLU E 292 -15.66 11.71 16.44
N ASN E 293 -16.84 12.32 16.28
CA ASN E 293 -17.22 12.80 14.97
C ASN E 293 -16.40 13.98 14.48
N ARG E 294 -15.58 14.61 15.33
CA ARG E 294 -14.60 15.56 14.81
C ARG E 294 -13.73 14.90 13.75
N LEU E 295 -13.32 13.66 13.99
CA LEU E 295 -12.51 12.92 13.03
C LEU E 295 -13.23 12.79 11.69
N HIS E 296 -14.47 12.30 11.71
CA HIS E 296 -15.18 12.00 10.47
C HIS E 296 -15.60 13.25 9.74
N ALA E 297 -16.12 14.24 10.46
CA ALA E 297 -16.60 15.46 9.81
C ALA E 297 -15.45 16.24 9.18
N GLN E 298 -14.29 16.28 9.85
CA GLN E 298 -13.14 16.98 9.27
C GLN E 298 -12.60 16.26 8.05
N LYS E 299 -12.59 14.92 8.07
CA LYS E 299 -12.18 14.18 6.86
C LYS E 299 -13.12 14.47 5.72
N ALA E 300 -14.44 14.48 5.99
CA ALA E 300 -15.42 14.79 4.95
C ALA E 300 -15.17 16.18 4.37
N LEU E 301 -14.95 17.15 5.26
CA LEU E 301 -14.72 18.51 4.80
C LEU E 301 -13.47 18.58 3.91
N LEU E 302 -12.39 17.91 4.31
CA LEU E 302 -11.17 17.90 3.50
C LEU E 302 -11.41 17.25 2.14
N VAL E 303 -12.08 16.09 2.11
CA VAL E 303 -12.39 15.43 0.84
C VAL E 303 -13.18 16.36 -0.08
N TRP E 304 -14.22 16.98 0.48
CA TRP E 304 -15.11 17.84 -0.31
C TRP E 304 -14.37 19.05 -0.85
N LEU E 305 -13.59 19.73 0.01
CA LEU E 305 -12.84 20.89 -0.47
C LEU E 305 -11.79 20.48 -1.50
N LEU E 306 -11.12 19.36 -1.29
CA LEU E 306 -10.07 18.98 -2.21
C LEU E 306 -10.65 18.70 -3.59
N GLU E 307 -11.84 18.11 -3.65
CA GLU E 307 -12.32 17.66 -4.95
C GLU E 307 -12.96 18.85 -5.68
N ARG E 308 -13.49 19.84 -4.95
CA ARG E 308 -13.97 21.11 -5.52
C ARG E 308 -12.84 22.09 -5.87
N SER E 309 -11.59 21.79 -5.54
CA SER E 309 -10.53 22.79 -5.63
C SER E 309 -9.34 22.32 -6.46
N SER F 2 -14.89 -9.80 26.00
CA SER F 2 -13.66 -9.10 25.67
C SER F 2 -12.90 -8.62 26.92
N VAL F 3 -12.06 -9.47 27.50
CA VAL F 3 -11.16 -9.01 28.56
C VAL F 3 -10.04 -8.18 27.93
N ILE F 4 -9.93 -6.93 28.36
CA ILE F 4 -8.92 -6.02 27.85
C ILE F 4 -7.64 -6.19 28.67
N ARG F 5 -6.54 -6.51 28.00
CA ARG F 5 -5.28 -6.75 28.70
C ARG F 5 -4.46 -5.46 28.77
N HIS F 6 -3.76 -5.28 29.88
CA HIS F 6 -2.85 -4.15 30.06
C HIS F 6 -1.46 -4.68 30.41
N PHE F 7 -0.46 -3.81 30.28
CA PHE F 7 0.92 -4.18 30.63
C PHE F 7 1.51 -3.00 31.39
N LEU F 8 1.32 -3.00 32.71
CA LEU F 8 1.74 -1.90 33.55
C LEU F 8 2.98 -2.22 34.36
N ARG F 9 3.28 -3.51 34.50
CA ARG F 9 4.44 -4.01 35.21
C ARG F 9 4.72 -5.41 34.69
N ASP F 10 5.94 -5.87 34.89
CA ASP F 10 6.50 -7.05 34.22
C ASP F 10 5.65 -8.30 34.42
N ASP F 11 5.13 -8.48 35.64
CA ASP F 11 4.39 -9.69 36.01
C ASP F 11 2.92 -9.61 35.63
N ASP F 12 2.51 -8.56 34.90
CA ASP F 12 1.20 -8.59 34.24
C ASP F 12 1.11 -9.70 33.19
N LEU F 13 2.24 -10.19 32.70
CA LEU F 13 2.30 -11.37 31.85
C LEU F 13 2.68 -12.57 32.71
N SER F 14 1.96 -13.66 32.55
CA SER F 14 2.38 -14.94 33.13
C SER F 14 3.66 -15.41 32.45
N PRO F 15 4.36 -16.40 33.01
CA PRO F 15 5.53 -16.93 32.30
C PRO F 15 5.23 -17.38 30.88
N ALA F 16 4.13 -18.08 30.67
CA ALA F 16 3.78 -18.54 29.33
C ALA F 16 3.48 -17.36 28.39
N GLU F 17 2.79 -16.34 28.89
CA GLU F 17 2.47 -15.19 28.06
C GLU F 17 3.74 -14.40 27.72
N GLN F 18 4.63 -14.23 28.69
CA GLN F 18 5.89 -13.56 28.42
C GLN F 18 6.67 -14.29 27.35
N ALA F 19 6.68 -15.63 27.39
CA ALA F 19 7.37 -16.39 26.35
C ALA F 19 6.76 -16.13 24.98
N GLU F 20 5.42 -16.03 24.92
CA GLU F 20 4.76 -15.72 23.65
C GLU F 20 5.19 -14.36 23.11
N VAL F 21 5.23 -13.35 23.98
CA VAL F 21 5.62 -12.01 23.53
C VAL F 21 7.07 -12.03 23.04
N LEU F 22 7.95 -12.74 23.75
CA LEU F 22 9.35 -12.74 23.36
C LEU F 22 9.58 -13.50 22.05
N GLU F 23 8.82 -14.57 21.82
CA GLU F 23 8.87 -15.26 20.52
C GLU F 23 8.40 -14.33 19.41
N LEU F 24 7.29 -13.60 19.65
CA LEU F 24 6.82 -12.62 18.70
C LEU F 24 7.87 -11.55 18.41
N ALA F 25 8.60 -11.12 19.45
CA ALA F 25 9.62 -10.10 19.24
C ALA F 25 10.73 -10.59 18.30
N ALA F 26 11.13 -11.87 18.43
CA ALA F 26 12.10 -12.44 17.52
C ALA F 26 11.57 -12.52 16.10
N GLU F 27 10.30 -12.93 15.95
CA GLU F 27 9.67 -12.99 14.63
C GLU F 27 9.62 -11.60 13.99
N LEU F 28 9.30 -10.57 14.78
CA LEU F 28 9.17 -9.23 14.22
C LEU F 28 10.53 -8.65 13.87
N LYS F 29 11.58 -9.01 14.62
CA LYS F 29 12.92 -8.55 14.25
C LYS F 29 13.31 -9.08 12.88
N LYS F 30 12.90 -10.32 12.58
CA LYS F 30 13.22 -10.93 11.29
C LYS F 30 12.40 -10.30 10.16
N ASP F 31 11.12 -10.01 10.42
CA ASP F 31 10.15 -9.55 9.42
C ASP F 31 9.38 -8.37 9.99
N PRO F 32 9.97 -7.16 9.94
CA PRO F 32 9.45 -6.04 10.76
C PRO F 32 8.15 -5.42 10.26
N VAL F 33 7.69 -5.73 9.05
CA VAL F 33 6.43 -5.18 8.56
C VAL F 33 5.44 -6.28 8.19
N SER F 34 5.64 -7.48 8.73
CA SER F 34 4.76 -8.62 8.45
C SER F 34 3.50 -8.62 9.32
N ARG F 35 3.45 -7.84 10.39
CA ARG F 35 2.29 -7.78 11.26
C ARG F 35 1.67 -6.39 11.14
N ARG F 36 0.41 -6.32 10.70
CA ARG F 36 -0.23 -5.03 10.41
C ARG F 36 -1.58 -4.92 11.10
N PRO F 37 -1.62 -5.08 12.42
CA PRO F 37 -2.92 -4.97 13.13
C PRO F 37 -3.44 -3.55 13.16
N LEU F 38 -2.60 -2.57 12.84
CA LEU F 38 -3.02 -1.18 12.89
C LEU F 38 -3.15 -0.60 11.48
N GLN F 39 -3.23 -1.47 10.46
CA GLN F 39 -3.39 -1.01 9.08
C GLN F 39 -4.60 -0.09 8.94
N GLY F 40 -4.41 1.02 8.22
CA GLY F 40 -5.48 1.98 8.05
C GLY F 40 -4.99 3.32 7.52
N PRO F 41 -4.24 4.09 8.34
CA PRO F 41 -3.77 3.71 9.68
C PRO F 41 -4.81 3.87 10.78
N ARG F 42 -4.73 2.98 11.75
CA ARG F 42 -5.40 3.17 13.02
C ARG F 42 -4.44 3.86 13.98
N GLY F 43 -4.98 4.56 14.96
CA GLY F 43 -4.13 5.32 15.86
C GLY F 43 -3.69 4.56 17.10
N VAL F 44 -2.55 4.97 17.66
CA VAL F 44 -2.11 4.60 19.00
C VAL F 44 -1.69 5.89 19.68
N ALA F 45 -2.17 6.12 20.90
CA ALA F 45 -1.77 7.32 21.63
C ALA F 45 -0.47 7.01 22.37
N VAL F 46 0.49 7.93 22.27
CA VAL F 46 1.76 7.82 22.99
C VAL F 46 1.91 9.10 23.80
N ILE F 47 1.72 8.99 25.12
CA ILE F 47 1.54 10.15 26.01
C ILE F 47 2.68 10.23 27.01
N PHE F 48 3.25 11.42 27.18
CA PHE F 48 4.38 11.64 28.09
C PHE F 48 4.03 12.69 29.12
N ASP F 49 3.89 12.28 30.38
CA ASP F 49 3.82 13.24 31.49
C ASP F 49 5.18 13.88 31.71
N LYS F 50 6.23 13.14 31.41
CA LYS F 50 7.61 13.62 31.36
C LYS F 50 8.21 13.06 30.09
N ASN F 51 8.88 13.91 29.31
CA ASN F 51 9.31 13.49 27.99
C ASN F 51 10.39 12.43 28.08
N SER F 52 10.43 11.56 27.06
CA SER F 52 11.51 10.59 26.90
C SER F 52 11.71 10.39 25.41
N THR F 53 12.75 11.01 24.86
CA THR F 53 12.96 11.00 23.41
C THR F 53 13.20 9.58 22.90
N ARG F 54 13.95 8.77 23.67
CA ARG F 54 14.25 7.41 23.22
C ARG F 54 13.00 6.54 23.24
N THR F 55 12.18 6.67 24.28
CA THR F 55 10.92 5.95 24.34
C THR F 55 10.00 6.37 23.20
N ARG F 56 9.86 7.69 23.00
CA ARG F 56 8.98 8.17 21.93
C ARG F 56 9.47 7.71 20.58
N PHE F 57 10.77 7.85 20.33
CA PHE F 57 11.38 7.43 19.07
C PHE F 57 11.05 5.96 18.76
N SER F 58 11.30 5.07 19.72
CA SER F 58 11.11 3.66 19.45
C SER F 58 9.63 3.30 19.28
N PHE F 59 8.74 3.86 20.11
CA PHE F 59 7.31 3.54 19.92
C PHE F 59 6.77 4.12 18.62
N GLU F 60 7.17 5.33 18.27
CA GLU F 60 6.66 5.98 17.07
C GLU F 60 6.97 5.15 15.83
N LEU F 61 8.23 4.76 15.69
CA LEU F 61 8.60 3.98 14.51
C LEU F 61 7.96 2.59 14.55
N GLY F 62 7.88 1.98 15.74
CA GLY F 62 7.28 0.66 15.85
C GLY F 62 5.82 0.65 15.45
N ILE F 63 5.05 1.64 15.92
CA ILE F 63 3.64 1.76 15.57
C ILE F 63 3.48 1.94 14.06
N ALA F 64 4.37 2.72 13.45
CA ALA F 64 4.27 2.94 12.00
C ALA F 64 4.49 1.63 11.26
N GLN F 65 5.41 0.80 11.75
CA GLN F 65 5.69 -0.46 11.07
C GLN F 65 4.60 -1.50 11.29
N LEU F 66 3.73 -1.31 12.29
CA LEU F 66 2.51 -2.11 12.43
C LEU F 66 1.37 -1.58 11.57
N GLY F 67 1.65 -0.58 10.73
CA GLY F 67 0.64 0.04 9.89
C GLY F 67 -0.05 1.23 10.49
N GLY F 68 0.23 1.59 11.75
CA GLY F 68 -0.54 2.58 12.45
C GLY F 68 0.07 3.98 12.37
N HIS F 69 -0.60 4.90 13.07
CA HIS F 69 -0.11 6.26 13.22
C HIS F 69 -0.08 6.59 14.69
N ALA F 70 1.11 6.86 15.22
CA ALA F 70 1.26 7.28 16.60
C ALA F 70 0.86 8.74 16.74
N VAL F 71 -0.08 9.02 17.63
CA VAL F 71 -0.38 10.40 18.02
C VAL F 71 0.39 10.65 19.31
N VAL F 72 1.41 11.48 19.24
CA VAL F 72 2.29 11.72 20.38
C VAL F 72 1.82 12.96 21.12
N VAL F 73 1.69 12.85 22.44
CA VAL F 73 1.36 13.98 23.31
C VAL F 73 2.49 14.13 24.33
N ASP F 74 3.17 15.27 24.30
CA ASP F 74 4.32 15.40 25.19
C ASP F 74 4.01 16.34 26.36
N SER F 75 5.06 16.62 27.16
CA SER F 75 4.93 17.41 28.37
C SER F 75 4.36 18.79 28.11
N GLY F 76 4.51 19.31 26.89
CA GLY F 76 4.00 20.64 26.59
C GLY F 76 2.50 20.77 26.79
N SER F 77 1.76 19.71 26.50
CA SER F 77 0.32 19.70 26.71
C SER F 77 0.01 19.71 28.20
N THR F 78 -1.20 20.15 28.53
CA THR F 78 -1.70 20.06 29.89
C THR F 78 -1.57 18.63 30.39
N GLN F 79 -1.08 18.46 31.63
CA GLN F 79 -0.93 17.13 32.17
C GLN F 79 -2.26 16.39 32.18
N LEU F 80 -2.23 15.14 31.74
CA LEU F 80 -3.44 14.34 31.64
C LEU F 80 -4.13 14.31 33.00
N GLY F 81 -5.40 14.74 33.02
CA GLY F 81 -6.18 14.74 34.23
C GLY F 81 -6.40 16.09 34.89
N ARG F 82 -5.86 17.19 34.37
CA ARG F 82 -6.02 18.49 35.03
C ARG F 82 -7.20 19.30 34.48
N ASP F 83 -7.27 19.49 33.16
CA ASP F 83 -8.30 20.29 32.49
C ASP F 83 -9.50 19.46 32.07
N GLU F 84 -9.40 18.14 32.21
CA GLU F 84 -10.43 17.18 31.90
C GLU F 84 -10.18 16.04 32.86
N THR F 85 -11.23 15.38 33.35
CA THR F 85 -10.97 14.23 34.22
C THR F 85 -10.27 13.12 33.43
N LEU F 86 -9.44 12.35 34.14
CA LEU F 86 -8.80 11.20 33.51
C LEU F 86 -9.84 10.30 32.86
N GLN F 87 -10.98 10.10 33.53
CA GLN F 87 -11.99 9.19 33.00
C GLN F 87 -12.57 9.71 31.69
N ASP F 88 -12.87 11.01 31.61
CA ASP F 88 -13.37 11.57 30.36
C ASP F 88 -12.33 11.43 29.25
N THR F 89 -11.05 11.72 29.54
CA THR F 89 -10.03 11.60 28.50
C THR F 89 -9.89 10.16 28.05
N ALA F 90 -9.90 9.21 29.00
CA ALA F 90 -9.82 7.80 28.65
C ALA F 90 -10.97 7.37 27.75
N LYS F 91 -12.17 7.88 28.01
CA LYS F 91 -13.34 7.49 27.23
C LYS F 91 -13.23 7.96 25.79
N VAL F 92 -12.76 9.18 25.58
CA VAL F 92 -12.63 9.67 24.21
C VAL F 92 -11.43 9.03 23.53
N LEU F 93 -10.32 8.85 24.25
CA LEU F 93 -9.16 8.18 23.66
C LEU F 93 -9.56 6.84 23.08
N SER F 94 -10.41 6.08 23.79
CA SER F 94 -10.81 4.76 23.34
C SER F 94 -11.56 4.82 22.00
N ARG F 95 -12.18 5.95 21.68
CA ARG F 95 -12.80 6.15 20.38
C ARG F 95 -11.79 6.40 19.28
N TYR F 96 -10.65 7.00 19.62
CA TYR F 96 -9.70 7.49 18.65
C TYR F 96 -8.55 6.54 18.38
N VAL F 97 -8.15 5.74 19.37
CA VAL F 97 -6.94 4.94 19.23
C VAL F 97 -7.24 3.52 19.69
N ASP F 98 -6.38 2.59 19.28
CA ASP F 98 -6.55 1.19 19.60
C ASP F 98 -5.73 0.75 20.81
N ALA F 99 -4.86 1.62 21.31
CA ALA F 99 -4.05 1.33 22.48
C ALA F 99 -3.51 2.66 23.00
N ILE F 100 -3.16 2.67 24.27
CA ILE F 100 -2.67 3.87 24.94
C ILE F 100 -1.33 3.51 25.56
N VAL F 101 -0.26 4.16 25.10
CA VAL F 101 1.08 4.01 25.63
C VAL F 101 1.38 5.26 26.46
N TRP F 102 1.76 5.07 27.73
CA TRP F 102 1.79 6.20 28.66
C TRP F 102 3.05 6.14 29.50
N ARG F 103 3.79 7.25 29.51
CA ARG F 103 4.91 7.44 30.43
C ARG F 103 4.41 8.36 31.54
N THR F 104 4.26 7.84 32.75
CA THR F 104 3.79 8.68 33.84
C THR F 104 4.62 8.36 35.09
N PHE F 105 4.15 8.80 36.25
CA PHE F 105 5.02 8.78 37.41
C PHE F 105 4.62 7.63 38.31
N GLY F 106 3.59 7.86 39.11
CA GLY F 106 3.17 6.87 40.07
C GLY F 106 2.33 5.77 39.43
N GLN F 107 2.43 4.58 40.02
CA GLN F 107 1.71 3.44 39.50
C GLN F 107 0.20 3.61 39.62
N GLU F 108 -0.28 4.44 40.55
CA GLU F 108 -1.72 4.56 40.73
C GLU F 108 -2.37 5.23 39.54
N ARG F 109 -1.65 6.11 38.84
CA ARG F 109 -2.21 6.73 37.64
C ARG F 109 -2.36 5.72 36.52
N LEU F 110 -1.36 4.86 36.31
CA LEU F 110 -1.48 3.80 35.33
C LEU F 110 -2.65 2.88 35.66
N ASP F 111 -2.78 2.50 36.94
CA ASP F 111 -3.89 1.65 37.38
C ASP F 111 -5.23 2.32 37.10
N ALA F 112 -5.33 3.63 37.38
CA ALA F 112 -6.57 4.33 37.15
C ALA F 112 -6.95 4.33 35.67
N MET F 113 -5.95 4.50 34.79
CA MET F 113 -6.23 4.54 33.36
C MET F 113 -6.64 3.15 32.85
N ALA F 114 -5.94 2.11 33.31
CA ALA F 114 -6.28 0.76 32.86
C ALA F 114 -7.65 0.33 33.37
N SER F 115 -8.09 0.88 34.48
CA SER F 115 -9.37 0.46 35.05
C SER F 115 -10.58 1.02 34.30
N VAL F 116 -10.41 2.04 33.45
CA VAL F 116 -11.57 2.61 32.76
C VAL F 116 -11.42 2.55 31.25
N ALA F 117 -10.19 2.59 30.74
CA ALA F 117 -9.99 2.56 29.30
C ALA F 117 -10.43 1.22 28.72
N THR F 118 -11.05 1.26 27.55
CA THR F 118 -11.50 0.04 26.89
C THR F 118 -10.56 -0.38 25.76
N VAL F 119 -9.31 0.08 25.81
CA VAL F 119 -8.25 -0.39 24.93
C VAL F 119 -7.05 -0.71 25.82
N PRO F 120 -6.10 -1.52 25.33
CA PRO F 120 -4.93 -1.84 26.14
C PRO F 120 -4.11 -0.61 26.53
N VAL F 121 -3.64 -0.61 27.77
CA VAL F 121 -2.77 0.43 28.32
C VAL F 121 -1.40 -0.18 28.57
N ILE F 122 -0.35 0.54 28.15
CA ILE F 122 1.03 0.09 28.27
C ILE F 122 1.82 1.11 29.05
N ASN F 123 2.54 0.66 30.06
CA ASN F 123 3.49 1.48 30.80
C ASN F 123 4.76 1.62 29.96
N ALA F 124 4.94 2.78 29.34
CA ALA F 124 6.12 3.00 28.50
C ALA F 124 7.38 3.07 29.33
N LEU F 125 7.26 3.49 30.60
CA LEU F 125 8.33 3.83 31.51
C LEU F 125 7.67 4.54 32.68
N SER F 126 7.93 4.13 33.92
CA SER F 126 7.34 4.82 35.07
C SER F 126 8.38 4.92 36.17
N ASP F 127 8.00 5.56 37.28
CA ASP F 127 8.92 5.69 38.40
C ASP F 127 9.31 4.33 38.97
N GLU F 128 8.35 3.41 39.04
CA GLU F 128 8.57 2.13 39.71
C GLU F 128 9.00 1.00 38.80
N PHE F 129 8.63 1.03 37.52
CA PHE F 129 8.89 -0.10 36.63
C PHE F 129 9.34 0.42 35.27
N HIS F 130 10.07 -0.41 34.53
CA HIS F 130 10.38 -0.10 33.15
C HIS F 130 10.28 -1.40 32.38
N PRO F 131 9.05 -1.94 32.26
CA PRO F 131 8.87 -3.32 31.80
C PRO F 131 9.09 -3.49 30.32
N CYS F 132 8.93 -2.44 29.50
CA CYS F 132 9.24 -2.59 28.07
C CYS F 132 10.74 -2.77 27.86
N GLN F 133 11.58 -2.05 28.59
CA GLN F 133 13.01 -2.26 28.44
C GLN F 133 13.41 -3.66 28.89
N VAL F 134 12.77 -4.20 29.94
CA VAL F 134 13.16 -5.53 30.34
C VAL F 134 12.71 -6.59 29.32
N LEU F 135 11.60 -6.37 28.61
CA LEU F 135 11.30 -7.27 27.50
C LEU F 135 12.42 -7.23 26.46
N ALA F 136 12.88 -6.01 26.12
CA ALA F 136 14.00 -5.90 25.18
C ALA F 136 15.25 -6.58 25.73
N ASP F 137 15.49 -6.47 27.05
CA ASP F 137 16.66 -7.13 27.64
C ASP F 137 16.56 -8.64 27.49
N LEU F 138 15.38 -9.20 27.81
CA LEU F 138 15.19 -10.64 27.69
C LEU F 138 15.34 -11.11 26.25
N GLN F 139 14.84 -10.33 25.29
CA GLN F 139 15.06 -10.66 23.88
C GLN F 139 16.55 -10.69 23.56
N THR F 140 17.29 -9.73 24.10
CA THR F 140 18.72 -9.63 23.81
C THR F 140 19.49 -10.82 24.41
N ILE F 141 19.16 -11.17 25.66
CA ILE F 141 19.80 -12.31 26.31
C ILE F 141 19.53 -13.60 25.52
N ALA F 142 18.28 -13.81 25.10
CA ALA F 142 17.96 -15.00 24.32
C ALA F 142 18.77 -15.04 23.02
N GLU F 143 18.95 -13.90 22.37
CA GLU F 143 19.77 -13.84 21.16
C GLU F 143 21.19 -14.34 21.42
N ARG F 144 21.80 -13.92 22.52
CA ARG F 144 23.20 -14.21 22.79
C ARG F 144 23.41 -15.55 23.49
N LYS F 145 22.43 -15.99 24.30
CA LYS F 145 22.57 -17.12 25.22
C LYS F 145 21.66 -18.30 24.92
N GLY F 146 20.57 -18.11 24.20
CA GLY F 146 19.61 -19.18 24.01
C GLY F 146 18.56 -19.20 25.12
N ALA F 147 18.31 -20.37 25.67
CA ALA F 147 17.24 -20.53 26.66
C ALA F 147 17.49 -19.66 27.89
N LEU F 148 16.45 -18.96 28.34
CA LEU F 148 16.59 -18.06 29.48
C LEU F 148 16.52 -18.78 30.81
N ARG F 149 15.74 -19.87 30.88
CA ARG F 149 15.53 -20.54 32.15
C ARG F 149 16.84 -21.00 32.78
N GLY F 150 17.09 -20.56 34.01
CA GLY F 150 18.26 -20.97 34.75
C GLY F 150 19.48 -20.10 34.58
N LEU F 151 19.40 -19.11 33.70
CA LEU F 151 20.53 -18.16 33.61
C LEU F 151 20.66 -17.37 34.92
N ARG F 152 21.84 -16.83 35.15
CA ARG F 152 22.11 -16.03 36.35
C ARG F 152 22.37 -14.59 35.91
N LEU F 153 21.56 -13.68 36.38
CA LEU F 153 21.66 -12.28 36.01
C LEU F 153 21.91 -11.47 37.27
N SER F 154 22.88 -10.56 37.24
CA SER F 154 23.09 -9.63 38.35
C SER F 154 23.01 -8.20 37.87
N TYR F 155 22.25 -7.39 38.61
CA TYR F 155 22.13 -5.95 38.40
C TYR F 155 22.91 -5.22 39.48
N PHE F 156 23.61 -4.14 39.07
CA PHE F 156 24.52 -3.43 39.96
C PHE F 156 24.16 -1.96 40.01
N GLY F 157 24.23 -1.39 41.21
CA GLY F 157 24.15 0.05 41.33
C GLY F 157 22.98 0.49 42.19
N ASP F 158 22.08 1.28 41.61
CA ASP F 158 20.92 1.78 42.35
C ASP F 158 19.84 0.71 42.29
N GLY F 159 19.75 -0.09 43.35
CA GLY F 159 18.81 -1.20 43.39
C GLY F 159 17.38 -0.82 43.67
N ALA F 160 17.10 0.47 43.82
CA ALA F 160 15.75 0.94 44.12
C ALA F 160 15.03 1.52 42.91
N ASN F 161 15.65 1.52 41.73
CA ASN F 161 15.04 2.20 40.61
C ASN F 161 14.19 1.25 39.77
N ASN F 162 13.62 1.82 38.70
CA ASN F 162 12.64 1.08 37.93
C ASN F 162 13.26 -0.11 37.23
N MET F 163 14.53 0.00 36.80
CA MET F 163 15.12 -1.14 36.10
C MET F 163 15.41 -2.28 37.06
N ALA F 164 15.85 -1.97 38.28
CA ALA F 164 16.06 -3.04 39.25
C ALA F 164 14.75 -3.77 39.54
N HIS F 165 13.66 -3.03 39.70
CA HIS F 165 12.37 -3.63 39.97
C HIS F 165 11.92 -4.51 38.81
N SER F 166 12.06 -4.02 37.58
CA SER F 166 11.57 -4.78 36.44
C SER F 166 12.47 -5.96 36.13
N LEU F 167 13.78 -5.82 36.33
CA LEU F 167 14.65 -6.99 36.15
C LEU F 167 14.29 -8.08 37.14
N LEU F 168 13.93 -7.71 38.38
CA LEU F 168 13.47 -8.73 39.33
C LEU F 168 12.22 -9.42 38.81
N LEU F 169 11.19 -8.64 38.48
CA LEU F 169 9.90 -9.23 38.14
C LEU F 169 9.94 -9.90 36.77
N GLY F 170 10.50 -9.22 35.77
CA GLY F 170 10.57 -9.80 34.45
C GLY F 170 11.57 -10.94 34.38
N GLY F 171 12.70 -10.81 35.08
CA GLY F 171 13.69 -11.87 35.08
C GLY F 171 13.16 -13.16 35.68
N VAL F 172 12.52 -13.08 36.86
CA VAL F 172 12.07 -14.34 37.45
C VAL F 172 10.90 -14.92 36.66
N THR F 173 10.12 -14.06 35.99
CA THR F 173 9.07 -14.58 35.12
C THR F 173 9.65 -15.44 34.00
N ALA F 174 10.85 -15.10 33.54
CA ALA F 174 11.53 -15.87 32.50
C ALA F 174 12.33 -17.04 33.06
N GLY F 175 12.29 -17.28 34.37
CA GLY F 175 13.06 -18.36 34.94
C GLY F 175 14.51 -18.02 35.25
N ILE F 176 14.86 -16.75 35.27
CA ILE F 176 16.23 -16.29 35.52
C ILE F 176 16.42 -16.07 37.02
N HIS F 177 17.55 -16.53 37.54
CA HIS F 177 17.95 -16.25 38.91
C HIS F 177 18.48 -14.82 38.96
N VAL F 178 17.76 -13.92 39.64
CA VAL F 178 18.10 -12.50 39.62
C VAL F 178 18.77 -12.12 40.94
N THR F 179 19.91 -11.45 40.84
CA THR F 179 20.58 -10.82 41.97
C THR F 179 20.62 -9.32 41.75
N VAL F 180 20.35 -8.58 42.81
CA VAL F 180 20.51 -7.13 42.84
C VAL F 180 21.61 -6.81 43.84
N ALA F 181 22.65 -6.14 43.37
CA ALA F 181 23.77 -5.73 44.23
C ALA F 181 23.73 -4.21 44.36
N ALA F 182 23.52 -3.72 45.58
CA ALA F 182 23.33 -2.30 45.81
C ALA F 182 23.75 -1.95 47.23
N PRO F 183 24.13 -0.71 47.49
CA PRO F 183 24.37 -0.28 48.88
C PRO F 183 23.04 -0.23 49.65
N GLU F 184 23.13 -0.34 50.99
CA GLU F 184 21.93 -0.61 51.77
C GLU F 184 20.88 0.50 51.70
N GLY F 185 21.24 1.73 51.37
CA GLY F 185 20.16 2.70 51.24
C GLY F 185 19.42 2.70 49.91
N PHE F 186 19.73 1.76 49.02
CA PHE F 186 19.23 1.80 47.64
C PHE F 186 18.88 0.39 47.18
N LEU F 187 18.05 -0.28 47.98
CA LEU F 187 17.65 -1.65 47.80
C LEU F 187 16.26 -1.73 47.16
N PRO F 188 15.91 -2.86 46.57
CA PRO F 188 14.58 -2.97 45.95
C PRO F 188 13.47 -2.75 46.96
N ASP F 189 12.39 -2.15 46.49
CA ASP F 189 11.20 -2.03 47.30
C ASP F 189 10.78 -3.41 47.84
N PRO F 190 10.57 -3.54 49.15
CA PRO F 190 10.26 -4.87 49.71
C PRO F 190 9.01 -5.52 49.14
N SER F 191 7.98 -4.76 48.77
CA SER F 191 6.82 -5.45 48.23
C SER F 191 7.08 -5.93 46.80
N VAL F 192 7.90 -5.20 46.04
CA VAL F 192 8.31 -5.70 44.73
C VAL F 192 9.20 -6.92 44.89
N ARG F 193 10.12 -6.89 45.85
CA ARG F 193 10.96 -8.06 46.09
C ARG F 193 10.10 -9.27 46.43
N ALA F 194 9.09 -9.09 47.28
CA ALA F 194 8.23 -10.20 47.66
C ALA F 194 7.44 -10.73 46.47
N ALA F 195 6.95 -9.83 45.61
CA ALA F 195 6.23 -10.27 44.41
C ALA F 195 7.14 -11.09 43.50
N ALA F 196 8.41 -10.68 43.37
CA ALA F 196 9.34 -11.43 42.55
C ALA F 196 9.67 -12.77 43.18
N GLU F 197 9.77 -12.82 44.51
CA GLU F 197 10.03 -14.12 45.19
C GLU F 197 8.89 -15.12 44.93
N ARG F 198 7.65 -14.67 45.01
CA ARG F 198 6.49 -15.55 44.79
C ARG F 198 6.43 -16.01 43.33
N ARG F 199 6.68 -15.11 42.39
CA ARG F 199 6.68 -15.51 40.97
C ARG F 199 7.81 -16.51 40.74
N ALA F 200 8.97 -16.24 41.33
CA ALA F 200 10.08 -17.17 41.13
C ALA F 200 9.77 -18.58 41.59
N GLN F 201 8.84 -18.75 42.54
CA GLN F 201 8.46 -20.10 42.96
C GLN F 201 7.80 -20.88 41.83
N ASP F 202 7.12 -20.20 40.90
CA ASP F 202 6.45 -20.87 39.79
C ASP F 202 7.39 -21.23 38.65
N THR F 203 8.57 -20.63 38.58
CA THR F 203 9.43 -20.76 37.42
C THR F 203 10.77 -21.43 37.71
N GLY F 204 11.05 -21.80 38.95
CA GLY F 204 12.35 -22.33 39.33
C GLY F 204 13.43 -21.29 39.49
N ALA F 205 13.08 -20.01 39.48
CA ALA F 205 14.04 -18.92 39.60
C ALA F 205 14.29 -18.62 41.08
N SER F 206 15.00 -17.54 41.35
CA SER F 206 15.28 -17.11 42.71
C SER F 206 15.55 -15.63 42.71
N VAL F 207 15.46 -15.03 43.90
CA VAL F 207 15.75 -13.61 44.12
C VAL F 207 16.83 -13.52 45.17
N THR F 208 17.85 -12.68 44.92
CA THR F 208 18.92 -12.43 45.87
C THR F 208 19.21 -10.94 45.91
N VAL F 209 19.24 -10.36 47.11
CA VAL F 209 19.63 -8.98 47.31
C VAL F 209 20.90 -8.97 48.16
N THR F 210 21.92 -8.25 47.69
CA THR F 210 23.20 -8.25 48.37
C THR F 210 23.84 -6.87 48.25
N ALA F 211 24.79 -6.58 49.14
CA ALA F 211 25.58 -5.37 49.05
C ALA F 211 27.01 -5.67 48.62
N ASP F 212 27.27 -6.91 48.20
CA ASP F 212 28.60 -7.41 47.88
C ASP F 212 28.68 -7.57 46.36
N ALA F 213 29.27 -6.59 45.67
CA ALA F 213 29.30 -6.62 44.22
C ALA F 213 30.14 -7.77 43.69
N HIS F 214 31.25 -8.07 44.36
CA HIS F 214 32.09 -9.16 43.89
C HIS F 214 31.35 -10.49 43.96
N ALA F 215 30.60 -10.72 45.04
CA ALA F 215 29.86 -11.96 45.16
C ALA F 215 28.74 -12.03 44.12
N ALA F 216 28.11 -10.90 43.82
CA ALA F 216 27.05 -10.91 42.80
C ALA F 216 27.60 -11.13 41.40
N ALA F 217 28.86 -10.72 41.16
CA ALA F 217 29.43 -10.91 39.82
C ALA F 217 29.83 -12.36 39.60
N ALA F 218 30.23 -13.06 40.66
CA ALA F 218 30.73 -14.42 40.53
C ALA F 218 29.68 -15.34 39.93
N GLY F 219 30.06 -16.04 38.86
CA GLY F 219 29.18 -16.99 38.21
C GLY F 219 28.05 -16.38 37.40
N ALA F 220 28.04 -15.07 37.22
CA ALA F 220 26.94 -14.44 36.52
C ALA F 220 27.08 -14.62 35.02
N ASP F 221 25.94 -14.90 34.36
CA ASP F 221 25.85 -14.98 32.91
C ASP F 221 25.59 -13.62 32.28
N VAL F 222 24.91 -12.75 33.01
CA VAL F 222 24.50 -11.43 32.51
C VAL F 222 24.76 -10.43 33.62
N LEU F 223 25.42 -9.32 33.30
CA LEU F 223 25.66 -8.24 34.25
C LEU F 223 24.99 -7.00 33.71
N VAL F 224 24.23 -6.29 34.57
CA VAL F 224 23.41 -5.17 34.13
C VAL F 224 23.68 -3.99 35.05
N THR F 225 23.65 -2.78 34.48
CA THR F 225 23.61 -1.60 35.33
C THR F 225 22.79 -0.54 34.62
N ASP F 226 22.71 0.62 35.25
CA ASP F 226 21.84 1.70 34.82
C ASP F 226 22.43 2.97 35.40
N THR F 227 22.01 4.11 34.88
CA THR F 227 22.48 5.36 35.47
C THR F 227 22.14 5.39 36.95
N TRP F 228 23.07 5.92 37.74
CA TRP F 228 22.88 5.97 39.17
C TRP F 228 21.87 7.03 39.56
N THR F 229 21.54 7.92 38.64
CA THR F 229 20.82 9.14 38.97
C THR F 229 20.27 9.87 37.74
N ASP F 239 30.35 12.51 44.40
CA ASP F 239 29.86 13.36 45.48
C ASP F 239 28.66 12.60 46.03
N ARG F 240 27.48 12.92 45.48
CA ARG F 240 26.25 12.24 45.87
C ARG F 240 26.17 10.80 45.37
N VAL F 241 26.93 10.43 44.34
CA VAL F 241 26.88 9.09 43.77
C VAL F 241 28.01 8.20 44.29
N LYS F 242 28.81 8.70 45.24
CA LYS F 242 29.83 7.87 45.88
C LYS F 242 29.32 6.52 46.38
N PRO F 243 28.11 6.36 46.92
CA PRO F 243 27.70 5.03 47.39
C PRO F 243 27.70 3.98 46.31
N PHE F 244 27.57 4.38 45.04
CA PHE F 244 27.46 3.42 43.95
C PHE F 244 28.80 3.07 43.32
N ARG F 245 29.86 3.84 43.58
CA ARG F 245 31.12 3.59 42.88
C ARG F 245 31.67 2.19 43.08
N PRO F 246 31.64 1.58 44.27
CA PRO F 246 32.08 0.17 44.36
C PRO F 246 31.26 -0.78 43.51
N PHE F 247 30.13 -0.32 42.98
CA PHE F 247 29.23 -1.15 42.18
C PHE F 247 29.39 -0.85 40.69
N GLN F 248 30.37 -0.03 40.32
CA GLN F 248 30.66 0.22 38.92
C GLN F 248 30.84 -1.07 38.14
N LEU F 249 30.26 -1.12 36.95
CA LEU F 249 30.40 -2.30 36.11
C LEU F 249 31.65 -2.04 35.27
N ASN F 250 32.79 -2.55 35.71
CA ASN F 250 34.07 -2.29 35.09
C ASN F 250 34.75 -3.62 34.72
N SER F 251 35.95 -3.52 34.17
CA SER F 251 36.65 -4.72 33.68
C SER F 251 36.94 -5.69 34.82
N ARG F 252 37.30 -5.18 36.01
CA ARG F 252 37.50 -6.03 37.17
C ARG F 252 36.26 -6.85 37.49
N LEU F 253 35.12 -6.19 37.59
CA LEU F 253 33.88 -6.89 37.92
C LEU F 253 33.54 -7.92 36.85
N LEU F 254 33.68 -7.53 35.57
CA LEU F 254 33.32 -8.45 34.50
C LEU F 254 34.24 -9.67 34.49
N ALA F 255 35.51 -9.50 34.87
CA ALA F 255 36.44 -10.63 34.91
C ALA F 255 36.08 -11.62 36.02
N LEU F 256 35.24 -11.23 36.98
CA LEU F 256 34.77 -12.16 38.00
C LEU F 256 33.63 -13.05 37.52
N ALA F 257 32.92 -12.65 36.47
CA ALA F 257 31.75 -13.39 36.02
C ALA F 257 32.18 -14.56 35.12
N ASP F 258 31.19 -15.28 34.58
CA ASP F 258 31.48 -16.34 33.63
C ASP F 258 32.26 -15.78 32.44
N SER F 259 33.14 -16.61 31.87
CA SER F 259 33.96 -16.18 30.73
C SER F 259 33.10 -15.73 29.56
N ASP F 260 31.86 -16.20 29.48
CA ASP F 260 30.95 -15.94 28.37
C ASP F 260 29.90 -14.88 28.72
N ALA F 261 30.07 -14.17 29.84
CA ALA F 261 29.01 -13.29 30.31
C ALA F 261 28.83 -12.11 29.36
N ILE F 262 27.61 -11.58 29.32
CA ILE F 262 27.30 -10.41 28.51
C ILE F 262 26.88 -9.28 29.45
N VAL F 263 26.92 -8.06 28.92
CA VAL F 263 26.64 -6.85 29.69
C VAL F 263 25.48 -6.10 29.05
N LEU F 264 24.55 -5.65 29.88
CA LEU F 264 23.40 -4.86 29.47
C LEU F 264 23.39 -3.53 30.21
N HIS F 265 22.77 -2.53 29.58
CA HIS F 265 22.66 -1.19 30.17
C HIS F 265 21.62 -0.45 29.36
N CYS F 266 20.49 -0.12 30.00
CA CYS F 266 19.52 0.83 29.49
C CYS F 266 20.20 2.12 29.11
N LEU F 267 20.24 2.43 27.83
CA LEU F 267 20.93 3.65 27.45
C LEU F 267 20.04 4.86 27.72
N PRO F 268 20.62 6.04 27.95
CA PRO F 268 22.03 6.41 27.78
C PRO F 268 22.93 6.01 28.95
N ALA F 269 24.19 5.76 28.65
CA ALA F 269 25.18 5.44 29.67
C ALA F 269 26.04 6.67 29.95
N HIS F 270 26.39 6.84 31.22
CA HIS F 270 27.35 7.86 31.62
C HIS F 270 28.70 7.16 31.77
N ARG F 271 29.46 7.15 30.67
CA ARG F 271 30.72 6.43 30.65
C ARG F 271 31.67 6.98 31.71
N GLY F 272 32.29 6.09 32.47
CA GLY F 272 33.17 6.50 33.57
C GLY F 272 32.48 6.45 34.92
N ASP F 273 31.16 6.44 34.93
CA ASP F 273 30.40 6.36 36.19
C ASP F 273 29.97 4.91 36.42
N GLU F 274 28.74 4.55 36.07
CA GLU F 274 28.19 3.19 36.31
C GLU F 274 28.86 2.13 35.43
N ILE F 275 29.47 2.56 34.34
CA ILE F 275 30.05 1.61 33.40
C ILE F 275 31.26 2.28 32.79
N THR F 276 32.25 1.49 32.39
CA THR F 276 33.47 2.02 31.80
C THR F 276 33.45 1.87 30.28
N ASP F 277 34.29 2.66 29.62
CA ASP F 277 34.44 2.57 28.16
C ASP F 277 34.81 1.15 27.74
N ALA F 278 35.78 0.55 28.45
CA ALA F 278 36.28 -0.77 28.07
C ALA F 278 35.16 -1.80 28.08
N VAL F 279 34.26 -1.72 29.06
CA VAL F 279 33.15 -2.66 29.11
C VAL F 279 32.12 -2.34 28.03
N MET F 280 31.77 -1.06 27.88
CA MET F 280 30.77 -0.66 26.89
C MET F 280 31.17 -1.07 25.48
N ASP F 281 32.46 -0.96 25.18
CA ASP F 281 32.97 -1.10 23.82
C ASP F 281 33.60 -2.47 23.58
N GLY F 282 33.57 -3.36 24.57
CA GLY F 282 34.22 -4.65 24.47
C GLY F 282 33.31 -5.74 23.97
N PRO F 283 33.83 -6.96 23.88
CA PRO F 283 33.08 -8.06 23.24
C PRO F 283 31.89 -8.53 24.06
N ALA F 284 31.89 -8.28 25.38
CA ALA F 284 30.79 -8.73 26.21
C ALA F 284 29.58 -7.82 26.10
N SER F 285 29.75 -6.60 25.61
CA SER F 285 28.67 -5.63 25.62
C SER F 285 27.58 -6.05 24.63
N ALA F 286 26.33 -6.05 25.10
CA ALA F 286 25.20 -6.25 24.22
C ALA F 286 24.28 -5.03 24.19
N VAL F 287 24.82 -3.85 24.54
CA VAL F 287 23.97 -2.69 24.78
C VAL F 287 23.39 -2.15 23.47
N TRP F 288 24.10 -2.34 22.35
CA TRP F 288 23.60 -1.81 21.09
C TRP F 288 22.42 -2.63 20.59
N ASP F 289 22.55 -3.95 20.59
CA ASP F 289 21.41 -4.81 20.24
C ASP F 289 20.27 -4.59 21.22
N GLU F 290 20.61 -4.39 22.50
CA GLU F 290 19.60 -4.16 23.53
C GLU F 290 18.78 -2.90 23.24
N ALA F 291 19.46 -1.82 22.85
CA ALA F 291 18.76 -0.58 22.50
C ALA F 291 17.87 -0.79 21.28
N GLU F 292 18.41 -1.44 20.24
CA GLU F 292 17.59 -1.79 19.07
C GLU F 292 16.35 -2.59 19.46
N ASN F 293 16.52 -3.55 20.36
CA ASN F 293 15.41 -4.46 20.63
C ASN F 293 14.25 -3.81 21.37
N ARG F 294 14.40 -2.58 21.88
CA ARG F 294 13.22 -1.85 22.34
C ARG F 294 12.20 -1.77 21.22
N LEU F 295 12.66 -1.52 19.99
CA LEU F 295 11.75 -1.43 18.85
C LEU F 295 10.94 -2.72 18.70
N HIS F 296 11.64 -3.86 18.65
CA HIS F 296 11.00 -5.14 18.35
C HIS F 296 10.14 -5.64 19.50
N ALA F 297 10.65 -5.53 20.74
CA ALA F 297 9.90 -6.00 21.89
C ALA F 297 8.62 -5.20 22.09
N GLN F 298 8.67 -3.87 21.91
CA GLN F 298 7.45 -3.07 22.06
C GLN F 298 6.44 -3.36 20.96
N LYS F 299 6.91 -3.58 19.73
CA LYS F 299 5.99 -3.98 18.66
C LYS F 299 5.31 -5.30 18.99
N ALA F 300 6.08 -6.27 19.50
CA ALA F 300 5.53 -7.56 19.89
C ALA F 300 4.49 -7.40 20.99
N LEU F 301 4.80 -6.60 22.00
CA LEU F 301 3.83 -6.36 23.08
C LEU F 301 2.53 -5.78 22.54
N LEU F 302 2.64 -4.76 21.68
CA LEU F 302 1.45 -4.16 21.08
C LEU F 302 0.66 -5.18 20.27
N VAL F 303 1.33 -5.95 19.41
CA VAL F 303 0.64 -6.95 18.62
C VAL F 303 -0.09 -7.94 19.53
N TRP F 304 0.60 -8.41 20.58
CA TRP F 304 0.02 -9.41 21.46
C TRP F 304 -1.17 -8.85 22.23
N LEU F 305 -1.03 -7.63 22.77
CA LEU F 305 -2.14 -7.04 23.51
C LEU F 305 -3.33 -6.76 22.61
N LEU F 306 -3.08 -6.26 21.39
CA LEU F 306 -4.19 -5.97 20.50
C LEU F 306 -4.97 -7.22 20.15
N GLU F 307 -4.27 -8.33 19.89
CA GLU F 307 -4.91 -9.58 19.54
C GLU F 307 -5.72 -10.16 20.70
N ARG F 308 -5.23 -9.97 21.94
CA ARG F 308 -5.93 -10.46 23.12
C ARG F 308 -7.11 -9.62 23.55
N SER F 309 -7.29 -8.42 23.02
CA SER F 309 -8.21 -7.47 23.64
C SER F 309 -9.38 -7.09 22.74
P PO4 G . -35.57 -35.43 2.85
O1 PO4 G . -35.58 -36.93 2.68
O2 PO4 G . -35.75 -34.81 1.48
O3 PO4 G . -34.28 -34.98 3.48
O4 PO4 G . -36.70 -35.01 3.76
P PO4 H . 3.91 -23.58 -22.20
O1 PO4 H . 3.96 -24.47 -23.42
O2 PO4 H . 4.09 -22.14 -22.61
O3 PO4 H . 5.04 -23.97 -21.27
O4 PO4 H . 2.59 -23.77 -21.50
O1 1NP I . 2.90 -26.42 -16.09
C1 1NP I . 3.80 -25.60 -16.68
C8A 1NP I . 4.41 -24.64 -15.78
C8 1NP I . 4.11 -24.53 -14.38
C7 1NP I . 4.68 -23.63 -13.54
C2 1NP I . 4.11 -25.69 -18.02
C3 1NP I . 5.06 -24.78 -18.54
C4 1NP I . 5.66 -23.86 -17.74
C4A 1NP I . 5.37 -23.75 -16.33
C5 1NP I . 5.95 -22.80 -15.40
C6 1NP I . 5.63 -22.72 -14.08
O1 1NP J . 11.22 -23.23 -16.37
C1 1NP J . 10.38 -22.57 -15.55
C8A 1NP J . 10.41 -21.13 -15.67
C8 1NP J . 11.24 -20.39 -16.58
C7 1NP J . 11.28 -19.04 -16.71
C2 1NP J . 9.56 -23.24 -14.66
C3 1NP J . 8.71 -22.46 -13.83
C4 1NP J . 8.71 -21.10 -13.93
C4A 1NP J . 9.54 -20.36 -14.84
C5 1NP J . 9.59 -18.93 -14.99
C6 1NP J . 10.40 -18.29 -15.87
O1 1NP K . -19.11 -23.45 -4.22
C1 1NP K . -18.46 -22.29 -4.48
C8A 1NP K . -17.19 -22.15 -3.79
C8 1NP K . -16.62 -23.11 -2.88
C7 1NP K . -15.43 -22.96 -2.23
C2 1NP K . -18.97 -21.36 -5.36
C3 1NP K . -18.21 -20.18 -5.58
C4 1NP K . -17.01 -19.98 -4.94
C4A 1NP K . -16.45 -20.95 -4.03
C5 1NP K . -15.20 -20.84 -3.31
C6 1NP K . -14.70 -21.77 -2.47
P PO4 L . -3.21 -8.20 -8.63
O1 PO4 L . -3.48 -9.32 -9.61
O2 PO4 L . -2.00 -8.55 -7.77
O3 PO4 L . -4.42 -8.02 -7.75
O4 PO4 L . -2.96 -6.90 -9.37
P PO4 M . -17.04 8.28 -47.07
O1 PO4 M . -18.16 7.86 -48.00
O2 PO4 M . -15.95 7.24 -47.12
O3 PO4 M . -17.58 8.37 -45.66
O4 PO4 M . -16.50 9.64 -47.46
O1 1NP N . -18.43 -20.47 -13.50
C1 1NP N . -18.15 -21.20 -12.40
C8A 1NP N . -17.89 -20.42 -11.20
C8 1NP N . -17.92 -18.98 -11.14
C7 1NP N . -17.68 -18.26 -10.00
C2 1NP N . -18.11 -22.58 -12.43
C3 1NP N . -17.80 -23.27 -11.22
C4 1NP N . -17.56 -22.57 -10.09
C4A 1NP N . -17.59 -21.13 -10.01
C5 1NP N . -17.35 -20.33 -8.83
C6 1NP N . -17.39 -18.97 -8.81
P PO4 O . 27.83 -36.30 -21.75
O1 PO4 O . 28.10 -36.65 -23.20
O2 PO4 O . 28.92 -36.88 -20.88
O3 PO4 O . 26.51 -36.94 -21.37
O4 PO4 O . 27.79 -34.82 -21.52
P PO4 P . -12.69 -11.23 -28.26
O1 PO4 P . -13.59 -12.13 -29.08
O2 PO4 P . -13.47 -10.72 -27.06
O3 PO4 P . -11.46 -11.99 -27.83
O4 PO4 P . -12.29 -10.04 -29.10
O1 1NP Q . -10.80 -1.90 -28.93
C1 1NP Q . -9.99 -2.12 -27.89
C8A 1NP Q . -10.58 -1.88 -26.57
C8 1NP Q . -11.92 -1.44 -26.33
C7 1NP Q . -12.45 -1.23 -25.08
C2 1NP Q . -8.69 -2.54 -28.07
C3 1NP Q . -7.88 -2.75 -26.91
C4 1NP Q . -8.40 -2.54 -25.68
C4A 1NP Q . -9.75 -2.10 -25.44
C5 1NP Q . -10.35 -1.87 -24.15
C6 1NP Q . -11.62 -1.44 -23.95
O1 1NP R . -6.33 -9.71 -29.16
C1 1NP R . -7.41 -8.99 -28.78
C8A 1NP R . -7.12 -7.87 -27.90
C8 1NP R . -5.82 -7.50 -27.43
C7 1NP R . -5.57 -6.45 -26.61
C2 1NP R . -8.69 -9.31 -29.21
C3 1NP R . -9.77 -8.51 -28.76
C4 1NP R . -9.54 -7.45 -27.94
C4A 1NP R . -8.22 -7.08 -27.47
C5 1NP R . -7.91 -5.98 -26.59
C6 1NP R . -6.66 -5.66 -26.17
P PO4 S . 14.16 48.41 -6.80
O1 PO4 S . 14.53 46.96 -7.11
O2 PO4 S . 13.63 49.04 -8.06
O3 PO4 S . 13.13 48.49 -5.70
O4 PO4 S . 15.38 49.13 -6.30
P PO4 T . 15.34 13.55 26.60
O1 PO4 T . 14.69 12.19 26.56
O2 PO4 T . 15.59 14.05 25.19
O3 PO4 T . 14.40 14.52 27.30
O4 PO4 T . 16.65 13.44 27.35
O1 1NP U . 20.51 5.69 23.17
C1 1NP U . 19.74 5.93 22.08
C8A 1NP U . 18.52 5.13 22.01
C8 1NP U . 18.10 4.16 22.97
C7 1NP U . 16.95 3.43 22.88
C2 1NP U . 20.10 6.85 21.12
C3 1NP U . 19.24 7.03 20.01
C4 1NP U . 18.08 6.31 19.90
C4A 1NP U . 17.66 5.34 20.89
C5 1NP U . 16.46 4.54 20.82
C6 1NP U . 16.10 3.63 21.76
O1 1NP V . 18.50 14.61 20.49
C1 1NP V . 18.42 13.54 21.30
C8A 1NP V . 18.15 12.27 20.61
C8 1NP V . 17.97 12.11 19.20
C7 1NP V . 17.72 10.92 18.58
C2 1NP V . 18.59 13.63 22.66
C3 1NP V . 18.49 12.45 23.45
C4 1NP V . 18.23 11.27 22.84
C4A 1NP V . 18.06 11.11 21.42
C5 1NP V . 17.79 9.87 20.72
C6 1NP V . 17.63 9.75 19.38
P PO4 W . -28.03 18.10 38.63
O1 PO4 W . -28.06 17.90 37.13
O2 PO4 W . -28.40 19.54 38.95
O3 PO4 W . -26.69 17.80 39.25
O4 PO4 W . -29.06 17.15 39.20
P PO4 X . -7.67 21.58 23.35
O1 PO4 X . -6.97 20.24 23.28
O2 PO4 X . -8.23 21.98 22.01
O3 PO4 X . -6.69 22.65 23.80
O4 PO4 X . -8.80 21.50 24.36
P PO4 Y . -3.92 21.54 25.47
O1 PO4 Y . -4.24 21.37 24.01
O2 PO4 Y . -3.28 22.89 25.65
O3 PO4 Y . -5.20 21.44 26.29
O4 PO4 Y . -2.94 20.47 25.86
O1 1NP Z . 9.30 29.44 2.87
C1 1NP Z . 8.57 28.32 3.09
C8A 1NP Z . 9.31 27.10 2.80
C8 1NP Z . 10.66 27.06 2.33
C7 1NP Z . 11.38 25.94 2.07
C2 1NP Z . 7.27 28.33 3.53
C3 1NP Z . 6.61 27.07 3.73
C4 1NP Z . 7.28 25.91 3.48
C4A 1NP Z . 8.64 25.86 3.01
C5 1NP Z . 9.43 24.69 2.71
C6 1NP Z . 10.72 24.69 2.27
O1 1NP AA . 7.11 29.83 10.94
C1 1NP AA . 5.92 29.29 10.61
C8A 1NP AA . 5.88 28.53 9.37
C8 1NP AA . 7.00 28.31 8.49
C7 1NP AA . 6.94 27.60 7.34
C2 1NP AA . 4.82 29.47 11.42
C3 1NP AA . 3.58 28.88 11.03
C4 1NP AA . 3.52 28.17 9.87
C4A 1NP AA . 4.65 27.96 9.00
C5 1NP AA . 4.62 27.19 7.77
C6 1NP AA . 5.69 27.01 6.96
O1 1NP BA . -11.48 15.15 25.01
C1 1NP BA . -10.56 14.38 24.39
C8A 1NP BA . -10.56 14.49 22.93
C8 1NP BA . -11.46 15.34 22.18
C7 1NP BA . -11.46 15.44 20.83
C2 1NP BA . -9.68 13.56 25.06
C3 1NP BA . -8.75 12.80 24.31
C4 1NP BA . -8.73 12.88 22.94
C4A 1NP BA . -9.63 13.71 22.20
C5 1NP BA . -9.66 13.86 20.77
C6 1NP BA . -10.52 14.66 20.10
O1 1NP CA . -3.63 17.26 27.68
C1 1NP CA . -3.50 15.94 27.44
C8A 1NP CA . -4.36 15.43 26.38
C8 1NP CA . -5.26 16.23 25.62
C7 1NP CA . -6.06 15.75 24.63
C2 1NP CA . -2.62 15.16 28.16
C3 1NP CA . -2.56 13.77 27.84
C4 1NP CA . -3.36 13.27 26.84
C4A 1NP CA . -4.29 14.05 26.07
C5 1NP CA . -5.14 13.57 25.01
C6 1NP CA . -5.99 14.37 24.32
#